data_6NQ2
#
_entry.id   6NQ2
#
_cell.length_a   1
_cell.length_b   1
_cell.length_c   1
_cell.angle_alpha   90.00
_cell.angle_beta   90.00
_cell.angle_gamma   90.00
#
_symmetry.space_group_name_H-M   'P 1'
#
loop_
_entity.id
_entity.type
_entity.pdbx_description
1 polymer 'Two pore calcium channel protein 2'
2 non-polymer '(2R)-3-{[(S)-hydroxy{[(1S,2R,3R,4S,5S,6R)-2,4,6-trihydroxy-3,5-bis(phosphonooxy)cyclohexyl]oxy}phosphoryl]oxy}propane-1,2-diyl dioctanoate'
#
_entity_poly.entity_id   1
_entity_poly.type   'polypeptide(L)'
_entity_poly.pdbx_seq_one_letter_code
;GSLEMAEPQAESEPAAGGARGGGGDWPAGLTTYRSIQVGPGAAARWDLCIDQAVVFIEDAIQYRSINHRVDASSMWLYRR
YYSNVCQRTLSFTIFLILFLAFIETPSSLTSTADVRYRAAPWEPPCGLTESVEVLCLLVFAADLSVKGYLFGWAHFQKNL
WLLGYLVVLVVSLVDWTVSLSLVCHEPLRIRRLLRPFFLLQNSSMMKKTLKCIRWSLPEMASVGLLLAIHLCLFTMFGML
LFAGGKQDDGQDRERLTYFQNLPESLTSLLVLLTTANNPDVMIPAYSKNRAYAIFFIVFTVIGSLFLMNLLTAIIYSQFR
GYLMKSLQTSLFRRRLGTRAAFEVLSSMVGEGGAFPQAVGVKPQNLLQVLQKVQLDSSHKQAMMEKVRSYGSVLLSAEEF
QKLFNELDRSVVKEHPPRPEYQSPFLQSAQFLFGHYYFDYLGNLIALANLVSICVFLVLDADVLPAERDDFILGILNCVF
IVYYLLEMLLKVFALGLRGYLSYPSNVFDGLLTVVLLVLEISTLAVYRLPHPGWRPEMVGLLSLWDMTRMLNMLIVFRFL
RIIPSMKPMAVVASTVLGLVQNMRAFGGILVVVYYVFAIIGINLFRGVIVALPGNSSLAPANGSAPCGSFEQLEYWANNF
DDFAAALVTLWNLMVVNNWQVFLDAYRRYSGPWSKIYFVLWWLVSSVIWVNLFLALILENFLHKWDPRSHLQPLAGTPEA
TYQMTVELLFRDILEEPEEDELTERLSQHPHLWLCR
;
_entity_poly.pdbx_strand_id   A,B
#
loop_
_chem_comp.id
_chem_comp.type
_chem_comp.name
_chem_comp.formula
EUJ non-polymer '(2R)-3-{[(S)-hydroxy{[(1S,2R,3R,4S,5S,6R)-2,4,6-trihydroxy-3,5-bis(phosphonooxy)cyclohexyl]oxy}phosphoryl]oxy}propane-1,2-diyl dioctanoate' 'C25 H49 O19 P3'
#
# COMPACT_ATOMS: atom_id res chain seq x y z
N ALA A 43 -18.37 56.21 -26.01
CA ALA A 43 -18.72 55.87 -27.38
C ALA A 43 -18.20 54.48 -27.73
N ALA A 44 -17.12 54.42 -28.50
CA ALA A 44 -16.50 53.15 -28.84
C ALA A 44 -15.75 52.56 -27.66
N ARG A 45 -15.09 53.42 -26.87
CA ARG A 45 -14.45 52.97 -25.65
C ARG A 45 -15.47 52.48 -24.62
N TRP A 46 -16.70 52.97 -24.69
CA TRP A 46 -17.77 52.47 -23.82
C TRP A 46 -18.08 51.01 -24.12
N ASP A 47 -18.19 50.67 -25.41
CA ASP A 47 -18.50 49.28 -25.78
C ASP A 47 -17.35 48.35 -25.47
N LEU A 48 -16.11 48.80 -25.69
CA LEU A 48 -14.95 47.92 -25.56
C LEU A 48 -14.69 47.56 -24.09
N CYS A 49 -14.98 48.47 -23.16
CA CYS A 49 -14.84 48.13 -21.76
C CYS A 49 -15.92 47.16 -21.31
N ILE A 50 -17.07 47.13 -21.99
CA ILE A 50 -18.09 46.14 -21.67
C ILE A 50 -17.62 44.74 -22.02
N ASP A 51 -17.12 44.55 -23.25
CA ASP A 51 -16.65 43.24 -23.67
C ASP A 51 -15.37 42.83 -22.93
N GLN A 52 -14.59 43.79 -22.49
CA GLN A 52 -13.47 43.48 -21.60
C GLN A 52 -13.97 42.94 -20.26
N ALA A 53 -15.05 43.53 -19.74
CA ALA A 53 -15.54 43.11 -18.44
C ALA A 53 -16.49 41.92 -18.50
N VAL A 54 -17.02 41.57 -19.68
CA VAL A 54 -17.75 40.33 -19.82
C VAL A 54 -16.79 39.15 -19.78
N VAL A 55 -15.69 39.25 -20.55
CA VAL A 55 -14.78 38.13 -20.69
C VAL A 55 -13.96 37.92 -19.43
N PHE A 56 -13.83 38.94 -18.58
CA PHE A 56 -13.07 38.76 -17.34
C PHE A 56 -13.90 38.05 -16.28
N ILE A 57 -15.20 38.36 -16.20
CA ILE A 57 -16.06 37.67 -15.25
C ILE A 57 -16.28 36.23 -15.68
N GLU A 58 -16.43 36.01 -16.99
CA GLU A 58 -16.57 34.65 -17.51
C GLU A 58 -15.31 33.82 -17.29
N ASP A 59 -14.15 34.46 -17.32
CA ASP A 59 -12.91 33.77 -16.96
C ASP A 59 -12.74 33.65 -15.45
N ALA A 60 -13.51 34.40 -14.68
CA ALA A 60 -13.47 34.29 -13.23
C ALA A 60 -14.43 33.26 -12.69
N ILE A 61 -15.38 32.80 -13.49
CA ILE A 61 -16.23 31.70 -13.09
C ILE A 61 -15.55 30.37 -13.36
N GLN A 62 -14.97 30.24 -14.55
CA GLN A 62 -14.38 28.99 -15.01
C GLN A 62 -12.89 28.90 -14.70
N TYR A 63 -12.38 29.74 -13.79
CA TYR A 63 -11.07 29.59 -13.17
C TYR A 63 -9.92 29.64 -14.17
N ARG A 64 -10.00 30.53 -15.15
CA ARG A 64 -8.93 30.69 -16.12
C ARG A 64 -8.15 31.96 -15.82
N SER A 65 -6.86 31.93 -16.17
CA SER A 65 -5.99 33.06 -15.89
C SER A 65 -6.25 34.20 -16.85
N ILE A 66 -5.68 35.35 -16.54
CA ILE A 66 -5.79 36.54 -17.36
C ILE A 66 -4.37 36.88 -17.83
N ASN A 67 -3.98 36.34 -18.97
CA ASN A 67 -2.69 36.64 -19.55
C ASN A 67 -2.78 36.76 -21.06
N HIS A 68 -3.95 37.13 -21.57
CA HIS A 68 -4.18 37.18 -22.99
C HIS A 68 -4.34 38.62 -23.45
N ARG A 69 -4.06 38.83 -24.73
CA ARG A 69 -4.16 40.15 -25.30
C ARG A 69 -5.61 40.53 -25.55
N VAL A 70 -5.87 41.83 -25.54
CA VAL A 70 -7.22 42.37 -25.68
C VAL A 70 -7.26 43.19 -26.95
N ASP A 71 -7.96 42.69 -27.96
CA ASP A 71 -8.22 43.39 -29.21
C ASP A 71 -9.73 43.54 -29.36
N ALA A 72 -10.14 44.03 -30.53
CA ALA A 72 -11.56 44.13 -30.83
C ALA A 72 -12.14 42.77 -31.19
N SER A 73 -11.58 42.13 -32.22
CA SER A 73 -12.09 40.87 -32.71
C SER A 73 -11.66 39.69 -31.86
N SER A 74 -10.59 39.84 -31.07
CA SER A 74 -10.04 38.72 -30.32
C SER A 74 -10.97 38.25 -29.22
N MET A 75 -11.80 39.15 -28.68
CA MET A 75 -12.76 38.73 -27.67
C MET A 75 -13.88 37.91 -28.26
N TRP A 76 -14.18 38.10 -29.54
CA TRP A 76 -15.12 37.19 -30.17
C TRP A 76 -14.48 35.83 -30.39
N LEU A 77 -13.20 35.81 -30.75
CA LEU A 77 -12.49 34.56 -30.97
C LEU A 77 -12.29 33.80 -29.66
N TYR A 78 -11.94 34.53 -28.60
CA TYR A 78 -11.72 33.91 -27.30
C TYR A 78 -13.02 33.37 -26.71
N ARG A 79 -14.12 34.10 -26.87
CA ARG A 79 -15.39 33.64 -26.34
C ARG A 79 -15.94 32.47 -27.13
N ARG A 80 -15.59 32.37 -28.42
CA ARG A 80 -16.06 31.23 -29.19
C ARG A 80 -15.15 30.02 -29.02
N TYR A 81 -13.87 30.23 -28.73
CA TYR A 81 -12.96 29.10 -28.59
C TYR A 81 -13.16 28.38 -27.27
N TYR A 82 -13.46 29.11 -26.20
CA TYR A 82 -13.72 28.49 -24.91
C TYR A 82 -15.18 28.14 -24.71
N SER A 83 -15.98 28.16 -25.76
CA SER A 83 -17.33 27.65 -25.68
C SER A 83 -17.30 26.13 -25.63
N ASN A 84 -18.34 25.53 -25.04
CA ASN A 84 -18.33 24.10 -24.84
C ASN A 84 -18.56 23.32 -26.12
N VAL A 85 -19.03 23.96 -27.18
CA VAL A 85 -19.21 23.24 -28.44
C VAL A 85 -17.88 23.15 -29.20
N CYS A 86 -16.96 24.06 -28.95
CA CYS A 86 -15.67 24.00 -29.61
C CYS A 86 -14.71 23.08 -28.89
N GLN A 87 -14.79 23.04 -27.56
CA GLN A 87 -13.90 22.17 -26.80
C GLN A 87 -14.34 20.72 -26.83
N ARG A 88 -15.60 20.44 -27.13
CA ARG A 88 -16.04 19.06 -27.16
C ARG A 88 -15.57 18.33 -28.40
N THR A 89 -15.51 19.03 -29.53
CA THR A 89 -14.95 18.40 -30.72
C THR A 89 -13.44 18.22 -30.60
N LEU A 90 -12.79 19.07 -29.82
CA LEU A 90 -11.37 18.90 -29.56
C LEU A 90 -11.12 17.64 -28.73
N SER A 91 -11.96 17.37 -27.74
CA SER A 91 -11.81 16.13 -26.97
C SER A 91 -12.25 14.92 -27.77
N PHE A 92 -13.24 15.08 -28.66
CA PHE A 92 -13.67 13.96 -29.49
C PHE A 92 -12.62 13.61 -30.52
N THR A 93 -11.82 14.58 -30.94
CA THR A 93 -10.71 14.32 -31.83
C THR A 93 -9.63 13.48 -31.15
N ILE A 94 -9.29 13.84 -29.90
CA ILE A 94 -8.25 13.16 -29.15
C ILE A 94 -8.65 11.72 -28.87
N PHE A 95 -9.94 11.47 -28.65
CA PHE A 95 -10.40 10.09 -28.63
C PHE A 95 -10.28 9.43 -30.00
N LEU A 96 -10.47 10.18 -31.08
CA LEU A 96 -10.46 9.56 -32.39
C LEU A 96 -9.05 9.22 -32.84
N ILE A 97 -8.07 10.02 -32.44
CA ILE A 97 -6.68 9.70 -32.75
C ILE A 97 -6.25 8.42 -32.06
N LEU A 98 -6.54 8.30 -30.77
CA LEU A 98 -6.13 7.11 -30.03
C LEU A 98 -6.96 5.89 -30.34
N PHE A 99 -8.14 6.06 -30.93
CA PHE A 99 -8.95 4.90 -31.27
C PHE A 99 -8.47 4.22 -32.55
N LEU A 100 -7.76 4.95 -33.41
CA LEU A 100 -7.34 4.41 -34.69
C LEU A 100 -6.33 3.28 -34.59
N ALA A 101 -5.69 3.09 -33.43
CA ALA A 101 -4.75 1.99 -33.29
C ALA A 101 -5.44 0.62 -33.21
N PHE A 102 -6.76 0.58 -33.13
CA PHE A 102 -7.48 -0.68 -33.26
C PHE A 102 -7.75 -1.07 -34.70
N ILE A 103 -7.73 -0.12 -35.63
CA ILE A 103 -8.02 -0.39 -37.03
C ILE A 103 -6.76 -0.22 -37.88
N GLU A 104 -5.58 -0.29 -37.29
CA GLU A 104 -4.35 -0.15 -38.08
C GLU A 104 -3.98 -1.46 -38.78
N THR A 105 -2.74 -1.58 -39.22
CA THR A 105 -2.35 -2.72 -40.05
C THR A 105 -2.30 -4.06 -39.30
N PRO A 106 -1.86 -4.15 -38.03
CA PRO A 106 -2.10 -5.40 -37.29
C PRO A 106 -3.58 -5.72 -37.08
N SER A 107 -4.44 -4.70 -36.94
CA SER A 107 -5.89 -4.80 -37.12
C SER A 107 -6.54 -5.76 -36.12
N SER A 108 -6.63 -5.29 -34.88
CA SER A 108 -7.26 -6.08 -33.83
C SER A 108 -8.77 -6.19 -33.98
N LEU A 109 -9.24 -6.85 -35.03
CA LEU A 109 -10.65 -7.14 -35.24
C LEU A 109 -10.74 -8.63 -35.49
N THR A 110 -10.81 -9.41 -34.42
CA THR A 110 -10.88 -10.86 -34.49
C THR A 110 -11.81 -11.34 -33.40
N SER A 111 -12.34 -12.54 -33.56
CA SER A 111 -13.11 -13.15 -32.49
C SER A 111 -12.22 -13.46 -31.30
N THR A 112 -11.10 -14.12 -31.53
CA THR A 112 -10.20 -14.54 -30.49
C THR A 112 -8.81 -13.97 -30.72
N ALA A 113 -7.90 -14.26 -29.79
CA ALA A 113 -6.52 -13.81 -29.90
C ALA A 113 -5.53 -14.94 -29.62
N ASP A 114 -5.95 -16.19 -29.75
CA ASP A 114 -5.00 -17.29 -29.74
C ASP A 114 -4.17 -17.27 -31.02
N VAL A 115 -3.05 -17.97 -30.98
CA VAL A 115 -2.32 -18.26 -32.19
C VAL A 115 -2.62 -19.66 -32.70
N ARG A 116 -3.15 -20.53 -31.86
CA ARG A 116 -3.48 -21.87 -32.32
C ARG A 116 -4.65 -21.85 -33.29
N TYR A 117 -5.62 -20.98 -33.06
CA TYR A 117 -6.75 -20.86 -33.97
C TYR A 117 -7.29 -19.45 -33.90
N ARG A 118 -7.12 -18.68 -34.97
CA ARG A 118 -7.78 -17.40 -35.10
C ARG A 118 -7.94 -17.08 -36.57
N ALA A 119 -8.77 -16.09 -36.85
CA ALA A 119 -9.13 -15.74 -38.21
C ALA A 119 -8.01 -14.98 -38.89
N ALA A 120 -8.24 -14.63 -40.13
CA ALA A 120 -7.31 -13.84 -40.91
C ALA A 120 -7.41 -12.37 -40.50
N PRO A 121 -6.30 -11.64 -40.56
CA PRO A 121 -6.35 -10.21 -40.21
C PRO A 121 -6.97 -9.41 -41.34
N TRP A 122 -8.06 -8.73 -41.04
CA TRP A 122 -8.67 -7.83 -42.02
C TRP A 122 -7.78 -6.62 -42.22
N GLU A 123 -7.07 -6.57 -43.31
CA GLU A 123 -6.23 -5.40 -43.49
C GLU A 123 -6.98 -4.35 -44.30
N PRO A 124 -6.99 -3.10 -43.87
CA PRO A 124 -7.74 -2.07 -44.58
C PRO A 124 -7.03 -1.65 -45.84
N PRO A 125 -7.68 -0.86 -46.71
CA PRO A 125 -6.97 -0.26 -47.85
C PRO A 125 -5.88 0.72 -47.47
N CYS A 126 -5.23 1.28 -48.49
CA CYS A 126 -4.00 2.04 -48.27
C CYS A 126 -4.24 3.40 -47.64
N GLY A 127 -5.39 4.01 -47.88
CA GLY A 127 -5.50 5.42 -47.61
C GLY A 127 -6.39 5.86 -46.47
N LEU A 128 -7.22 4.97 -45.93
CA LEU A 128 -8.28 5.46 -45.05
C LEU A 128 -7.76 5.83 -43.66
N THR A 129 -6.88 5.01 -43.07
CA THR A 129 -6.30 5.39 -41.80
C THR A 129 -5.34 6.57 -41.94
N GLU A 130 -4.75 6.73 -43.12
CA GLU A 130 -3.97 7.93 -43.38
C GLU A 130 -4.87 9.15 -43.50
N SER A 131 -6.08 8.97 -44.03
CA SER A 131 -6.98 10.09 -44.27
C SER A 131 -7.55 10.65 -42.97
N VAL A 132 -7.95 9.76 -42.05
CA VAL A 132 -8.52 10.22 -40.79
C VAL A 132 -7.44 10.87 -39.93
N GLU A 133 -6.21 10.38 -40.01
CA GLU A 133 -5.13 10.94 -39.21
C GLU A 133 -4.76 12.36 -39.65
N VAL A 134 -4.68 12.59 -40.96
CA VAL A 134 -4.35 13.93 -41.42
C VAL A 134 -5.54 14.87 -41.23
N LEU A 135 -6.75 14.32 -41.13
CA LEU A 135 -7.92 15.14 -40.81
C LEU A 135 -7.82 15.65 -39.37
N CYS A 136 -7.47 14.77 -38.44
CA CYS A 136 -7.31 15.20 -37.06
C CYS A 136 -6.02 15.98 -36.84
N LEU A 137 -5.00 15.76 -37.66
CA LEU A 137 -3.80 16.57 -37.54
C LEU A 137 -4.03 17.98 -38.08
N LEU A 138 -5.03 18.16 -38.94
CA LEU A 138 -5.42 19.50 -39.34
C LEU A 138 -6.06 20.25 -38.19
N VAL A 139 -6.95 19.60 -37.44
CA VAL A 139 -7.66 20.30 -36.37
C VAL A 139 -6.78 20.52 -35.15
N PHE A 140 -5.67 19.78 -35.02
CA PHE A 140 -4.72 20.10 -33.98
C PHE A 140 -3.89 21.32 -34.34
N ALA A 141 -3.60 21.50 -35.64
CA ALA A 141 -2.91 22.69 -36.08
C ALA A 141 -3.78 23.93 -35.90
N ALA A 142 -5.09 23.77 -36.09
CA ALA A 142 -6.01 24.88 -35.90
C ALA A 142 -6.11 25.26 -34.43
N ASP A 143 -6.03 24.28 -33.54
CA ASP A 143 -6.08 24.58 -32.11
C ASP A 143 -4.83 25.31 -31.64
N LEU A 144 -3.66 24.90 -32.14
CA LEU A 144 -2.42 25.59 -31.78
C LEU A 144 -2.41 27.02 -32.31
N SER A 145 -2.89 27.21 -33.54
CA SER A 145 -2.85 28.52 -34.18
C SER A 145 -3.80 29.49 -33.50
N VAL A 146 -4.94 29.00 -33.02
CA VAL A 146 -5.82 29.85 -32.22
C VAL A 146 -5.18 30.15 -30.88
N LYS A 147 -4.56 29.15 -30.25
CA LYS A 147 -3.98 29.34 -28.93
C LYS A 147 -2.71 30.18 -28.98
N GLY A 148 -2.03 30.22 -30.13
CA GLY A 148 -0.91 31.12 -30.28
C GLY A 148 -1.34 32.53 -30.62
N TYR A 149 -2.48 32.68 -31.29
CA TYR A 149 -2.96 34.01 -31.64
C TYR A 149 -3.54 34.71 -30.42
N LEU A 150 -4.22 33.95 -29.56
CA LEU A 150 -4.87 34.52 -28.39
C LEU A 150 -3.90 34.88 -27.29
N PHE A 151 -2.69 34.35 -27.33
CA PHE A 151 -1.71 34.62 -26.30
C PHE A 151 -0.53 35.33 -26.95
N GLY A 152 0.37 35.84 -26.11
CA GLY A 152 1.47 36.62 -26.62
C GLY A 152 2.54 35.75 -27.27
N TRP A 153 3.28 36.36 -28.19
CA TRP A 153 4.44 35.70 -28.77
C TRP A 153 5.52 35.49 -27.71
N ALA A 154 5.67 36.45 -26.80
CA ALA A 154 6.63 36.30 -25.71
C ALA A 154 6.20 35.21 -24.76
N HIS A 155 4.89 35.05 -24.56
CA HIS A 155 4.37 33.89 -23.84
C HIS A 155 4.53 32.62 -24.65
N PHE A 156 4.44 32.72 -25.99
CA PHE A 156 4.53 31.54 -26.83
C PHE A 156 5.94 30.97 -26.85
N GLN A 157 6.96 31.82 -26.84
CA GLN A 157 8.33 31.33 -26.86
C GLN A 157 8.75 30.79 -25.51
N LYS A 158 8.13 31.25 -24.43
CA LYS A 158 8.53 30.84 -23.09
C LYS A 158 7.82 29.59 -22.62
N ASN A 159 6.60 29.33 -23.10
CA ASN A 159 5.85 28.17 -22.65
C ASN A 159 6.38 26.91 -23.32
N LEU A 160 6.78 25.94 -22.52
CA LEU A 160 7.38 24.72 -23.05
C LEU A 160 6.34 23.79 -23.65
N TRP A 161 5.10 23.85 -23.17
CA TRP A 161 4.06 22.97 -23.70
C TRP A 161 3.67 23.38 -25.11
N LEU A 162 3.71 24.67 -25.42
CA LEU A 162 3.37 25.11 -26.77
C LEU A 162 4.48 24.81 -27.74
N LEU A 163 5.73 24.89 -27.30
CA LEU A 163 6.85 24.55 -28.19
C LEU A 163 6.91 23.07 -28.48
N GLY A 164 6.65 22.24 -27.46
CA GLY A 164 6.56 20.82 -27.69
C GLY A 164 5.39 20.43 -28.56
N TYR A 165 4.31 21.22 -28.52
CA TYR A 165 3.17 21.00 -29.38
C TYR A 165 3.53 21.18 -30.85
N LEU A 166 4.30 22.24 -31.15
CA LEU A 166 4.70 22.50 -32.52
C LEU A 166 5.68 21.45 -33.02
N VAL A 167 6.55 20.97 -32.14
CA VAL A 167 7.55 19.97 -32.52
C VAL A 167 6.89 18.64 -32.85
N VAL A 168 5.93 18.22 -32.03
CA VAL A 168 5.25 16.95 -32.25
C VAL A 168 4.40 16.99 -33.51
N LEU A 169 3.81 18.15 -33.79
CA LEU A 169 2.96 18.29 -34.97
C LEU A 169 3.75 18.19 -36.26
N VAL A 170 4.98 18.72 -36.28
CA VAL A 170 5.73 18.68 -37.52
C VAL A 170 6.38 17.32 -37.74
N VAL A 171 6.75 16.60 -36.67
CA VAL A 171 7.35 15.29 -36.82
C VAL A 171 6.30 14.25 -37.19
N SER A 172 5.08 14.39 -36.65
CA SER A 172 3.99 13.53 -37.06
C SER A 172 3.59 13.79 -38.50
N LEU A 173 3.77 15.01 -38.99
CA LEU A 173 3.44 15.30 -40.37
C LEU A 173 4.55 14.87 -41.32
N VAL A 174 5.82 14.91 -40.87
CA VAL A 174 6.92 14.41 -41.68
C VAL A 174 6.80 12.90 -41.85
N ASP A 175 6.48 12.19 -40.76
CA ASP A 175 6.32 10.75 -40.82
C ASP A 175 5.09 10.37 -41.64
N TRP A 176 4.08 11.23 -41.67
CA TRP A 176 2.89 10.95 -42.48
C TRP A 176 3.21 11.01 -43.97
N THR A 177 3.98 12.03 -44.39
CA THR A 177 4.38 12.14 -45.78
C THR A 177 5.36 11.05 -46.18
N VAL A 178 6.20 10.61 -45.23
CA VAL A 178 7.16 9.56 -45.52
C VAL A 178 6.43 8.22 -45.67
N SER A 179 5.53 7.92 -44.75
CA SER A 179 4.79 6.67 -44.80
C SER A 179 3.77 6.64 -45.92
N LEU A 180 3.45 7.78 -46.53
CA LEU A 180 2.59 7.80 -47.70
C LEU A 180 3.37 7.90 -49.01
N SER A 181 4.64 8.33 -48.96
CA SER A 181 5.47 8.27 -50.17
C SER A 181 5.72 6.83 -50.58
N LEU A 182 5.95 5.94 -49.62
CA LEU A 182 5.80 4.52 -49.87
C LEU A 182 4.32 4.16 -49.77
N VAL A 183 3.95 3.07 -50.42
CA VAL A 183 2.52 2.71 -50.50
C VAL A 183 2.22 1.84 -49.27
N CYS A 184 2.07 2.54 -48.13
CA CYS A 184 1.83 1.99 -46.77
C CYS A 184 2.72 0.79 -46.46
N HIS A 185 4.03 0.96 -46.64
CA HIS A 185 4.95 -0.16 -46.47
C HIS A 185 6.05 0.13 -45.46
N GLU A 186 5.99 1.25 -44.76
CA GLU A 186 6.85 1.42 -43.62
C GLU A 186 6.19 0.71 -42.45
N PRO A 187 6.80 -0.34 -41.90
CA PRO A 187 6.15 -1.12 -40.85
C PRO A 187 6.01 -0.36 -39.55
N LEU A 188 7.11 0.19 -39.06
CA LEU A 188 7.12 0.92 -37.81
C LEU A 188 6.95 2.40 -38.06
N ARG A 189 5.98 3.01 -37.38
CA ARG A 189 5.66 4.41 -37.56
C ARG A 189 5.93 5.13 -36.25
N ILE A 190 6.81 6.14 -36.29
CA ILE A 190 7.13 6.89 -35.09
C ILE A 190 5.99 7.81 -34.73
N ARG A 191 5.15 8.17 -35.70
CA ARG A 191 4.07 9.13 -35.47
C ARG A 191 2.97 8.60 -34.57
N ARG A 192 2.94 7.31 -34.27
CA ARG A 192 2.00 6.79 -33.29
C ARG A 192 2.51 6.93 -31.87
N LEU A 193 3.83 7.06 -31.68
CA LEU A 193 4.37 7.19 -30.34
C LEU A 193 4.07 8.55 -29.75
N LEU A 194 3.93 9.56 -30.59
CA LEU A 194 3.67 10.90 -30.14
C LEU A 194 2.20 11.18 -29.92
N ARG A 195 1.34 10.21 -30.24
CA ARG A 195 -0.10 10.38 -30.04
C ARG A 195 -0.57 10.56 -28.59
N PRO A 196 0.04 9.97 -27.55
CA PRO A 196 -0.38 10.34 -26.19
C PRO A 196 -0.06 11.76 -25.78
N PHE A 197 0.80 12.47 -26.51
CA PHE A 197 1.15 13.83 -26.11
C PHE A 197 -0.03 14.79 -26.26
N PHE A 198 -0.92 14.51 -27.20
CA PHE A 198 -2.07 15.37 -27.39
C PHE A 198 -3.08 15.24 -26.27
N LEU A 199 -3.13 14.07 -25.63
CA LEU A 199 -4.02 13.91 -24.48
C LEU A 199 -3.48 14.64 -23.26
N LEU A 200 -2.15 14.68 -23.09
CA LEU A 200 -1.56 15.38 -21.96
C LEU A 200 -1.73 16.88 -22.07
N GLN A 201 -1.50 17.42 -23.26
CA GLN A 201 -1.50 18.86 -23.45
C GLN A 201 -2.88 19.48 -23.34
N ASN A 202 -3.94 18.69 -23.53
CA ASN A 202 -5.28 19.25 -23.46
C ASN A 202 -5.72 19.51 -22.03
N SER A 203 -5.42 18.59 -21.12
CA SER A 203 -5.92 18.70 -19.75
C SER A 203 -4.91 19.41 -18.88
N SER A 204 -5.35 19.77 -17.68
CA SER A 204 -4.52 20.45 -16.72
C SER A 204 -4.24 19.63 -15.47
N MET A 205 -5.13 18.70 -15.12
CA MET A 205 -4.88 17.83 -13.99
C MET A 205 -3.76 16.84 -14.28
N MET A 206 -3.57 16.46 -15.54
CA MET A 206 -2.43 15.62 -15.89
C MET A 206 -1.12 16.39 -15.76
N LYS A 207 -1.15 17.69 -16.05
CA LYS A 207 0.08 18.48 -15.93
C LYS A 207 0.46 18.70 -14.48
N LYS A 208 -0.54 18.84 -13.60
CA LYS A 208 -0.26 19.03 -12.18
C LYS A 208 0.34 17.78 -11.56
N THR A 209 -0.20 16.61 -11.90
CA THR A 209 0.29 15.37 -11.31
C THR A 209 1.66 15.00 -11.84
N LEU A 210 2.00 15.41 -13.06
CA LEU A 210 3.33 15.11 -13.55
C LEU A 210 4.38 15.98 -12.89
N LYS A 211 4.00 17.17 -12.42
CA LYS A 211 4.94 17.94 -11.61
C LYS A 211 5.17 17.27 -10.26
N CYS A 212 4.14 16.64 -9.71
CA CYS A 212 4.29 16.01 -8.40
C CYS A 212 5.18 14.78 -8.47
N ILE A 213 5.19 14.08 -9.59
CA ILE A 213 6.12 12.97 -9.76
C ILE A 213 7.53 13.48 -10.02
N ARG A 214 7.65 14.69 -10.59
CA ARG A 214 8.97 15.24 -10.89
C ARG A 214 9.76 15.54 -9.62
N TRP A 215 9.07 15.96 -8.56
CA TRP A 215 9.80 16.26 -7.34
C TRP A 215 10.17 15.01 -6.56
N SER A 216 9.43 13.93 -6.74
CA SER A 216 9.70 12.71 -6.00
C SER A 216 10.84 11.90 -6.59
N LEU A 217 11.19 12.17 -7.85
CA LEU A 217 12.24 11.41 -8.53
C LEU A 217 13.64 11.47 -7.90
N PRO A 218 14.10 12.55 -7.24
CA PRO A 218 15.38 12.44 -6.52
C PRO A 218 15.40 11.45 -5.38
N GLU A 219 14.27 11.14 -4.76
CA GLU A 219 14.31 10.20 -3.65
C GLU A 219 14.11 8.76 -4.08
N MET A 220 13.22 8.55 -5.06
CA MET A 220 12.96 7.20 -5.55
C MET A 220 14.15 6.61 -6.27
N ALA A 221 15.01 7.45 -6.83
CA ALA A 221 16.25 6.95 -7.40
C ALA A 221 17.16 6.40 -6.31
N SER A 222 17.21 7.08 -5.17
CA SER A 222 18.07 6.64 -4.08
C SER A 222 17.57 5.36 -3.44
N VAL A 223 16.26 5.15 -3.44
CA VAL A 223 15.71 3.89 -2.93
C VAL A 223 15.97 2.77 -3.92
N GLY A 224 15.84 3.06 -5.21
CA GLY A 224 16.16 2.06 -6.23
C GLY A 224 17.63 1.72 -6.28
N LEU A 225 18.50 2.67 -5.91
CA LEU A 225 19.91 2.36 -5.75
C LEU A 225 20.12 1.37 -4.61
N LEU A 226 19.45 1.62 -3.46
CA LEU A 226 19.49 0.70 -2.34
C LEU A 226 18.84 -0.63 -2.66
N LEU A 227 17.92 -0.64 -3.61
CA LEU A 227 17.35 -1.88 -4.08
C LEU A 227 18.34 -2.65 -4.95
N ALA A 228 19.12 -1.93 -5.76
CA ALA A 228 20.08 -2.59 -6.63
C ALA A 228 21.25 -3.17 -5.85
N ILE A 229 21.66 -2.49 -4.78
CA ILE A 229 22.64 -3.03 -3.86
C ILE A 229 22.11 -4.29 -3.19
N HIS A 230 20.81 -4.30 -2.88
CA HIS A 230 20.17 -5.44 -2.23
C HIS A 230 20.21 -6.69 -3.11
N LEU A 231 19.97 -6.54 -4.41
CA LEU A 231 19.94 -7.70 -5.29
C LEU A 231 21.33 -8.23 -5.55
N CYS A 232 22.30 -7.35 -5.77
CA CYS A 232 23.64 -7.80 -6.17
C CYS A 232 24.37 -8.45 -4.99
N LEU A 233 24.08 -8.03 -3.77
CA LEU A 233 24.72 -8.66 -2.62
C LEU A 233 24.17 -10.05 -2.38
N PHE A 234 22.85 -10.23 -2.46
CA PHE A 234 22.32 -11.55 -2.18
C PHE A 234 22.40 -12.49 -3.35
N THR A 235 22.70 -12.01 -4.56
CA THR A 235 22.96 -12.96 -5.63
C THR A 235 24.37 -13.49 -5.58
N MET A 236 25.30 -12.78 -4.95
CA MET A 236 26.62 -13.33 -4.75
C MET A 236 26.67 -14.16 -3.49
N PHE A 237 25.96 -13.73 -2.45
CA PHE A 237 25.80 -14.55 -1.26
C PHE A 237 25.02 -15.82 -1.57
N GLY A 238 24.07 -15.74 -2.51
CA GLY A 238 23.31 -16.91 -2.87
C GLY A 238 24.10 -17.89 -3.70
N MET A 239 24.91 -17.38 -4.63
CA MET A 239 25.68 -18.26 -5.50
C MET A 239 26.82 -18.94 -4.76
N LEU A 240 27.28 -18.36 -3.67
CA LEU A 240 28.25 -19.03 -2.81
C LEU A 240 27.58 -20.14 -2.01
N LEU A 241 26.34 -19.92 -1.62
CA LEU A 241 25.70 -20.76 -0.63
C LEU A 241 25.12 -22.03 -1.25
N PHE A 242 24.46 -21.91 -2.40
CA PHE A 242 23.72 -23.01 -2.98
C PHE A 242 24.49 -23.74 -4.08
N ALA A 243 25.17 -23.01 -4.96
CA ALA A 243 25.88 -23.64 -6.07
C ALA A 243 27.15 -24.35 -5.61
N GLY A 244 27.63 -24.05 -4.41
CA GLY A 244 28.80 -24.73 -3.87
C GLY A 244 28.54 -26.17 -3.48
N LEU A 256 21.41 -24.95 -7.54
CA LEU A 256 19.99 -25.22 -7.69
C LEU A 256 19.57 -25.16 -9.15
N THR A 257 18.28 -25.33 -9.40
CA THR A 257 17.73 -24.98 -10.70
C THR A 257 17.77 -23.46 -10.90
N TYR A 258 17.79 -22.71 -9.80
CA TYR A 258 17.66 -21.26 -9.82
C TYR A 258 18.98 -20.54 -9.64
N PHE A 259 19.96 -21.13 -8.95
CA PHE A 259 21.21 -20.47 -8.65
C PHE A 259 22.35 -21.22 -9.33
N GLN A 260 22.65 -20.86 -10.58
CA GLN A 260 23.72 -21.52 -11.31
C GLN A 260 24.54 -20.61 -12.20
N ASN A 261 24.29 -19.31 -12.20
CA ASN A 261 24.90 -18.41 -13.16
C ASN A 261 24.76 -16.99 -12.63
N LEU A 262 25.26 -16.01 -13.35
CA LEU A 262 24.85 -14.65 -13.04
C LEU A 262 23.46 -14.30 -13.55
N PRO A 263 23.11 -14.45 -14.84
CA PRO A 263 21.79 -13.98 -15.24
C PRO A 263 20.66 -14.85 -14.76
N GLU A 264 20.93 -16.12 -14.44
CA GLU A 264 19.87 -16.96 -13.90
C GLU A 264 19.63 -16.67 -12.43
N SER A 265 20.69 -16.39 -11.68
CA SER A 265 20.50 -16.06 -10.26
C SER A 265 19.95 -14.67 -10.07
N LEU A 266 20.30 -13.75 -10.97
CA LEU A 266 19.82 -12.38 -10.82
C LEU A 266 18.35 -12.28 -11.15
N THR A 267 17.85 -13.15 -12.02
CA THR A 267 16.41 -13.17 -12.29
C THR A 267 15.64 -13.77 -11.13
N SER A 268 16.20 -14.81 -10.49
CA SER A 268 15.50 -15.51 -9.43
C SER A 268 15.26 -14.64 -8.23
N LEU A 269 16.21 -13.77 -7.90
CA LEU A 269 16.02 -12.85 -6.80
C LEU A 269 15.24 -11.63 -7.22
N LEU A 270 15.22 -11.31 -8.51
CA LEU A 270 14.38 -10.21 -8.96
C LEU A 270 12.91 -10.60 -8.92
N VAL A 271 12.60 -11.84 -9.32
CA VAL A 271 11.22 -12.29 -9.31
C VAL A 271 10.76 -12.54 -7.89
N LEU A 272 11.64 -12.95 -6.99
CA LEU A 272 11.25 -13.13 -5.59
C LEU A 272 11.00 -11.79 -4.90
N LEU A 273 11.60 -10.71 -5.42
CA LEU A 273 11.40 -9.38 -4.85
C LEU A 273 9.94 -8.95 -4.95
N THR A 274 9.25 -9.35 -6.00
CA THR A 274 7.83 -9.11 -6.12
C THR A 274 6.99 -10.32 -5.72
N THR A 275 7.63 -11.32 -5.11
CA THR A 275 7.00 -12.55 -4.57
C THR A 275 6.15 -13.26 -5.61
N ALA A 276 6.72 -13.49 -6.78
CA ALA A 276 5.97 -14.20 -7.79
C ALA A 276 6.25 -15.69 -7.78
N ASN A 277 7.36 -16.13 -7.19
CA ASN A 277 7.58 -17.54 -6.90
C ASN A 277 8.04 -17.65 -5.45
N ASN A 278 7.09 -17.60 -4.52
CA ASN A 278 7.58 -17.60 -3.15
C ASN A 278 7.91 -18.99 -2.60
N PRO A 279 7.06 -20.03 -2.73
CA PRO A 279 7.53 -21.33 -2.28
C PRO A 279 8.43 -22.02 -3.27
N ASP A 280 8.39 -21.62 -4.55
CA ASP A 280 9.07 -22.37 -5.58
C ASP A 280 10.57 -22.21 -5.51
N VAL A 281 11.05 -21.00 -5.21
CA VAL A 281 12.48 -20.73 -5.27
C VAL A 281 13.21 -21.30 -4.07
N MET A 282 12.49 -21.74 -3.05
CA MET A 282 13.15 -22.26 -1.85
C MET A 282 12.68 -23.66 -1.50
N ILE A 283 12.09 -24.41 -2.43
CA ILE A 283 11.89 -25.83 -2.22
C ILE A 283 13.22 -26.58 -2.08
N PRO A 284 14.18 -26.53 -3.02
CA PRO A 284 15.33 -27.43 -2.89
C PRO A 284 16.28 -27.05 -1.78
N ALA A 285 16.31 -25.78 -1.38
CA ALA A 285 17.11 -25.39 -0.23
C ALA A 285 16.47 -25.87 1.06
N TYR A 286 15.20 -25.56 1.27
CA TYR A 286 14.52 -25.87 2.52
C TYR A 286 14.28 -27.36 2.70
N SER A 287 14.37 -28.16 1.66
CA SER A 287 14.29 -29.59 1.86
C SER A 287 15.60 -30.19 2.30
N LYS A 288 16.73 -29.54 2.02
CA LYS A 288 18.01 -30.07 2.49
C LYS A 288 18.23 -29.77 3.95
N ASN A 289 17.89 -28.57 4.40
CA ASN A 289 18.11 -28.18 5.78
C ASN A 289 17.10 -27.11 6.16
N ARG A 290 16.70 -27.12 7.41
CA ARG A 290 15.71 -26.16 7.89
C ARG A 290 16.24 -24.75 8.03
N ALA A 291 17.55 -24.56 7.96
CA ALA A 291 18.11 -23.26 8.23
C ALA A 291 18.16 -22.37 7.02
N TYR A 292 18.01 -22.91 5.81
CA TYR A 292 18.04 -22.08 4.62
C TYR A 292 16.76 -21.29 4.42
N ALA A 293 15.74 -21.50 5.26
CA ALA A 293 14.57 -20.64 5.23
C ALA A 293 14.89 -19.24 5.68
N ILE A 294 15.92 -19.08 6.52
CA ILE A 294 16.27 -17.77 7.05
C ILE A 294 16.78 -16.86 5.95
N PHE A 295 17.46 -17.43 4.95
CA PHE A 295 18.02 -16.62 3.88
C PHE A 295 16.93 -16.01 3.03
N PHE A 296 15.86 -16.75 2.77
CA PHE A 296 14.79 -16.24 1.93
C PHE A 296 13.76 -15.45 2.70
N ILE A 297 13.65 -15.65 4.01
CA ILE A 297 12.75 -14.84 4.82
C ILE A 297 13.29 -13.43 4.95
N VAL A 298 14.60 -13.29 5.17
CA VAL A 298 15.21 -11.99 5.37
C VAL A 298 15.24 -11.19 4.07
N PHE A 299 15.35 -11.87 2.93
CA PHE A 299 15.39 -11.17 1.65
C PHE A 299 14.06 -10.49 1.35
N THR A 300 12.96 -11.13 1.67
CA THR A 300 11.66 -10.53 1.39
C THR A 300 11.11 -9.70 2.54
N VAL A 301 11.80 -9.62 3.67
CA VAL A 301 11.45 -8.63 4.68
C VAL A 301 12.13 -7.32 4.38
N ILE A 302 13.40 -7.36 4.01
CA ILE A 302 14.09 -6.16 3.56
C ILE A 302 13.55 -5.70 2.21
N GLY A 303 13.46 -6.61 1.26
CA GLY A 303 13.05 -6.29 -0.10
C GLY A 303 11.63 -5.85 -0.30
N SER A 304 10.68 -6.77 -0.19
CA SER A 304 9.30 -6.46 -0.55
C SER A 304 8.60 -5.67 0.55
N LEU A 305 8.89 -5.97 1.81
CA LEU A 305 8.18 -5.28 2.88
C LEU A 305 8.75 -3.88 3.11
N PHE A 306 10.04 -3.77 3.47
CA PHE A 306 10.58 -2.48 3.89
C PHE A 306 10.76 -1.50 2.73
N LEU A 307 11.36 -1.94 1.64
CA LEU A 307 11.76 -0.99 0.62
C LEU A 307 10.66 -0.70 -0.39
N MET A 308 9.76 -1.64 -0.65
CA MET A 308 8.66 -1.33 -1.56
C MET A 308 7.59 -0.50 -0.87
N ASN A 309 7.42 -0.64 0.44
CA ASN A 309 6.50 0.25 1.12
C ASN A 309 7.12 1.59 1.43
N LEU A 310 8.45 1.66 1.50
CA LEU A 310 9.12 2.95 1.60
C LEU A 310 8.94 3.75 0.32
N LEU A 311 8.77 3.07 -0.80
CA LEU A 311 8.64 3.77 -2.06
C LEU A 311 7.23 4.33 -2.23
N THR A 312 6.24 3.77 -1.54
CA THR A 312 4.90 4.37 -1.54
C THR A 312 4.91 5.70 -0.81
N ALA A 313 5.55 5.74 0.36
CA ALA A 313 5.48 6.90 1.23
C ALA A 313 6.24 8.08 0.66
N ILE A 314 7.18 7.84 -0.24
CA ILE A 314 7.85 8.94 -0.91
C ILE A 314 6.90 9.64 -1.87
N ILE A 315 6.11 8.86 -2.61
CA ILE A 315 5.16 9.46 -3.55
C ILE A 315 4.01 10.14 -2.82
N TYR A 316 3.60 9.61 -1.67
CA TYR A 316 2.54 10.26 -0.91
C TYR A 316 3.01 11.57 -0.31
N SER A 317 4.30 11.69 -0.03
CA SER A 317 4.82 12.90 0.59
C SER A 317 4.87 14.10 -0.33
N GLN A 318 4.58 13.93 -1.62
CA GLN A 318 4.41 15.05 -2.53
C GLN A 318 2.97 15.27 -2.91
N PHE A 319 2.09 14.30 -2.63
CA PHE A 319 0.66 14.45 -2.83
C PHE A 319 -0.07 14.73 -1.54
N ARG A 320 0.64 15.18 -0.52
CA ARG A 320 0.04 15.25 0.81
C ARG A 320 -0.93 16.39 0.97
N GLY A 321 -0.73 17.47 0.22
CA GLY A 321 -1.63 18.60 0.30
C GLY A 321 -2.22 18.93 -1.04
N TYR A 322 -2.58 17.90 -1.80
CA TYR A 322 -2.88 18.05 -3.21
C TYR A 322 -4.16 18.83 -3.46
N LEU A 323 -5.23 18.48 -2.76
CA LEU A 323 -6.50 19.11 -3.06
C LEU A 323 -6.62 20.51 -2.47
N MET A 324 -5.95 20.78 -1.35
CA MET A 324 -6.04 22.10 -0.73
C MET A 324 -5.28 23.14 -1.53
N LYS A 325 -4.22 22.74 -2.23
CA LYS A 325 -3.59 23.66 -3.18
C LYS A 325 -4.53 23.99 -4.33
N SER A 326 -5.39 23.04 -4.72
CA SER A 326 -6.30 23.28 -5.82
C SER A 326 -7.38 24.28 -5.47
N LEU A 327 -7.87 24.25 -4.23
CA LEU A 327 -8.86 25.25 -3.84
C LEU A 327 -8.23 26.61 -3.64
N GLN A 328 -7.00 26.65 -3.13
CA GLN A 328 -6.35 27.94 -2.91
C GLN A 328 -5.95 28.60 -4.21
N THR A 329 -5.57 27.81 -5.21
CA THR A 329 -5.22 28.40 -6.49
C THR A 329 -6.47 28.82 -7.25
N SER A 330 -7.54 28.03 -7.14
CA SER A 330 -8.77 28.36 -7.85
C SER A 330 -9.46 29.59 -7.25
N LEU A 331 -9.41 29.73 -5.92
CA LEU A 331 -9.93 30.95 -5.32
C LEU A 331 -9.07 32.16 -5.63
N PHE A 332 -7.76 31.97 -5.79
CA PHE A 332 -6.90 33.08 -6.16
C PHE A 332 -7.15 33.50 -7.61
N ARG A 333 -7.51 32.55 -8.47
CA ARG A 333 -7.83 32.89 -9.83
C ARG A 333 -9.18 33.59 -9.93
N ARG A 334 -10.08 33.30 -9.00
CA ARG A 334 -11.38 33.95 -9.03
C ARG A 334 -11.30 35.39 -8.54
N ARG A 335 -10.49 35.64 -7.50
CA ARG A 335 -10.39 37.00 -6.96
C ARG A 335 -9.62 37.91 -7.92
N LEU A 336 -8.65 37.38 -8.64
CA LEU A 336 -7.95 38.20 -9.63
C LEU A 336 -8.83 38.51 -10.83
N GLY A 337 -9.79 37.64 -11.13
CA GLY A 337 -10.67 37.91 -12.26
C GLY A 337 -11.65 39.03 -11.97
N THR A 338 -12.26 39.01 -10.79
CA THR A 338 -13.26 40.01 -10.45
C THR A 338 -12.62 41.36 -10.15
N ARG A 339 -11.38 41.36 -9.65
CA ARG A 339 -10.68 42.61 -9.41
C ARG A 339 -10.34 43.31 -10.72
N ALA A 340 -9.93 42.54 -11.73
CA ALA A 340 -9.65 43.13 -13.04
C ALA A 340 -10.93 43.56 -13.74
N ALA A 341 -12.05 42.93 -13.43
CA ALA A 341 -13.32 43.40 -13.95
C ALA A 341 -13.73 44.72 -13.32
N PHE A 342 -13.48 44.87 -12.02
CA PHE A 342 -13.80 46.11 -11.32
C PHE A 342 -12.91 47.25 -11.79
N GLU A 343 -11.61 46.99 -11.96
CA GLU A 343 -10.66 48.05 -12.26
C GLU A 343 -10.82 48.59 -13.66
N VAL A 344 -11.35 47.78 -14.58
CA VAL A 344 -11.65 48.31 -15.91
C VAL A 344 -13.05 48.92 -15.96
N LEU A 345 -13.92 48.57 -15.01
CA LEU A 345 -15.27 49.14 -15.02
C LEU A 345 -15.33 50.47 -14.29
N SER A 346 -14.47 50.69 -13.30
CA SER A 346 -14.38 52.00 -12.67
C SER A 346 -13.70 53.02 -13.57
N SER A 347 -13.00 52.57 -14.61
CA SER A 347 -12.29 53.45 -15.53
C SER A 347 -13.02 53.53 -16.88
N MET A 348 -14.34 53.53 -16.85
CA MET A 348 -15.09 53.63 -18.10
C MET A 348 -15.11 55.05 -18.64
N VAL A 349 -15.72 55.98 -17.89
CA VAL A 349 -15.75 57.39 -18.28
C VAL A 349 -15.18 58.20 -17.13
N GLY A 350 -14.93 57.55 -16.00
CA GLY A 350 -14.40 58.23 -14.83
C GLY A 350 -12.94 57.94 -14.55
N ALA A 358 -14.91 60.25 -6.51
CA ALA A 358 -14.50 59.12 -5.70
C ALA A 358 -14.42 57.85 -6.53
N VAL A 359 -13.96 56.76 -5.93
CA VAL A 359 -13.76 55.50 -6.63
C VAL A 359 -15.07 54.72 -6.63
N GLY A 360 -15.23 53.86 -7.63
CA GLY A 360 -16.42 53.04 -7.71
C GLY A 360 -16.94 52.82 -9.12
N VAL A 361 -18.04 52.09 -9.24
CA VAL A 361 -18.62 51.75 -10.53
C VAL A 361 -20.10 52.14 -10.52
N LYS A 362 -20.65 52.28 -11.72
CA LYS A 362 -22.07 52.56 -11.79
C LYS A 362 -22.84 51.27 -11.99
N PRO A 363 -23.89 51.03 -11.20
CA PRO A 363 -24.64 49.77 -11.31
C PRO A 363 -25.41 49.61 -12.61
N GLN A 364 -25.62 50.68 -13.37
CA GLN A 364 -26.25 50.53 -14.68
C GLN A 364 -25.32 49.81 -15.65
N ASN A 365 -24.03 50.09 -15.58
CA ASN A 365 -23.07 49.32 -16.38
C ASN A 365 -22.92 47.91 -15.85
N LEU A 366 -23.22 47.68 -14.57
CA LEU A 366 -23.22 46.31 -14.06
C LEU A 366 -24.38 45.50 -14.64
N LEU A 367 -25.55 46.12 -14.80
CA LEU A 367 -26.67 45.41 -15.41
C LEU A 367 -26.43 45.13 -16.88
N GLN A 368 -25.62 45.95 -17.54
CA GLN A 368 -25.24 45.65 -18.92
C GLN A 368 -24.13 44.62 -19.00
N VAL A 369 -23.42 44.34 -17.92
CA VAL A 369 -22.31 43.39 -17.99
C VAL A 369 -22.66 42.03 -17.37
N LEU A 370 -23.61 41.98 -16.44
CA LEU A 370 -24.11 40.68 -15.98
C LEU A 370 -25.19 40.14 -16.89
N GLN A 371 -25.57 40.88 -17.92
CA GLN A 371 -26.58 40.36 -18.83
C GLN A 371 -25.99 39.34 -19.80
N LYS A 372 -24.77 39.60 -20.28
CA LYS A 372 -24.21 38.86 -21.41
C LYS A 372 -23.19 37.81 -20.99
N VAL A 373 -23.26 37.31 -19.77
CA VAL A 373 -22.37 36.25 -19.32
C VAL A 373 -23.14 34.94 -19.31
N GLN A 374 -22.41 33.83 -19.28
CA GLN A 374 -23.00 32.51 -19.15
C GLN A 374 -22.93 32.09 -17.69
N LEU A 375 -24.09 31.82 -17.10
CA LEU A 375 -24.19 31.45 -15.69
C LEU A 375 -25.54 30.77 -15.47
N ASP A 376 -25.66 30.10 -14.32
CA ASP A 376 -26.93 29.50 -13.91
C ASP A 376 -27.98 30.59 -13.73
N SER A 377 -29.23 30.24 -14.03
CA SER A 377 -30.32 31.20 -13.92
C SER A 377 -30.60 31.56 -12.46
N SER A 378 -30.41 30.60 -11.55
CA SER A 378 -30.59 30.88 -10.12
C SER A 378 -29.51 31.83 -9.62
N HIS A 379 -28.26 31.65 -10.08
CA HIS A 379 -27.20 32.59 -9.72
C HIS A 379 -27.35 33.91 -10.45
N LYS A 380 -27.89 33.88 -11.67
CA LYS A 380 -28.08 35.12 -12.42
C LYS A 380 -29.17 35.98 -11.80
N GLN A 381 -30.30 35.36 -11.43
CA GLN A 381 -31.43 36.12 -10.92
C GLN A 381 -31.16 36.67 -9.52
N ALA A 382 -30.48 35.87 -8.67
CA ALA A 382 -30.21 36.30 -7.30
C ALA A 382 -29.19 37.42 -7.27
N MET A 383 -28.20 37.36 -8.15
CA MET A 383 -27.21 38.43 -8.24
C MET A 383 -27.82 39.71 -8.80
N MET A 384 -28.68 39.58 -9.81
CA MET A 384 -29.28 40.75 -10.43
C MET A 384 -30.27 41.43 -9.49
N GLU A 385 -30.95 40.66 -8.64
CA GLU A 385 -31.92 41.25 -7.72
C GLU A 385 -31.22 41.99 -6.59
N LYS A 386 -30.02 41.56 -6.21
CA LYS A 386 -29.25 42.28 -5.20
C LYS A 386 -28.78 43.62 -5.73
N VAL A 387 -28.34 43.67 -6.98
CA VAL A 387 -27.78 44.89 -7.53
C VAL A 387 -28.88 45.80 -8.08
N ARG A 388 -30.06 45.26 -8.37
CA ARG A 388 -31.20 46.10 -8.73
C ARG A 388 -31.68 46.90 -7.53
N SER A 389 -31.72 46.27 -6.36
CA SER A 389 -32.16 46.93 -5.14
C SER A 389 -31.13 47.92 -4.63
N TYR A 390 -29.87 47.78 -4.99
CA TYR A 390 -28.85 48.70 -4.53
C TYR A 390 -28.95 50.04 -5.27
N GLY A 391 -28.58 51.10 -4.57
CA GLY A 391 -28.78 52.45 -5.07
C GLY A 391 -27.77 52.84 -6.12
N SER A 392 -27.90 54.09 -6.56
CA SER A 392 -27.06 54.65 -7.62
C SER A 392 -25.70 55.11 -7.15
N VAL A 393 -25.36 54.87 -5.88
CA VAL A 393 -24.06 55.25 -5.36
C VAL A 393 -23.01 54.30 -5.93
N LEU A 394 -21.77 54.78 -6.03
CA LEU A 394 -20.70 53.99 -6.60
C LEU A 394 -20.31 52.84 -5.69
N LEU A 395 -20.00 51.70 -6.28
CA LEU A 395 -19.72 50.47 -5.54
C LEU A 395 -18.21 50.32 -5.36
N SER A 396 -17.77 50.18 -4.11
CA SER A 396 -16.36 50.19 -3.79
C SER A 396 -15.70 48.86 -4.19
N ALA A 397 -14.40 48.77 -3.93
CA ALA A 397 -13.65 47.55 -4.25
C ALA A 397 -14.03 46.41 -3.32
N GLU A 398 -14.24 46.70 -2.04
CA GLU A 398 -14.66 45.66 -1.10
C GLU A 398 -16.09 45.23 -1.37
N GLU A 399 -16.95 46.18 -1.75
CA GLU A 399 -18.34 45.84 -2.07
C GLU A 399 -18.43 45.04 -3.37
N PHE A 400 -17.48 45.24 -4.27
CA PHE A 400 -17.46 44.45 -5.50
C PHE A 400 -17.07 43.00 -5.23
N GLN A 401 -16.02 42.79 -4.43
CA GLN A 401 -15.54 41.44 -4.17
C GLN A 401 -16.48 40.62 -3.30
N LYS A 402 -17.34 41.26 -2.52
CA LYS A 402 -18.35 40.51 -1.79
C LYS A 402 -19.58 40.24 -2.63
N LEU A 403 -19.77 41.01 -3.71
CA LEU A 403 -20.93 40.82 -4.58
C LEU A 403 -20.87 39.48 -5.30
N PHE A 404 -19.69 39.08 -5.73
CA PHE A 404 -19.51 37.84 -6.48
C PHE A 404 -19.25 36.64 -5.58
N ASN A 405 -19.64 36.72 -4.31
CA ASN A 405 -19.57 35.58 -3.41
C ASN A 405 -20.92 34.90 -3.26
N GLU A 406 -21.81 35.08 -4.24
CA GLU A 406 -22.99 34.25 -4.38
C GLU A 406 -22.76 33.11 -5.35
N LEU A 407 -21.51 32.83 -5.70
CA LEU A 407 -21.13 31.65 -6.46
C LEU A 407 -20.70 30.51 -5.56
N ASP A 408 -21.05 30.58 -4.27
CA ASP A 408 -20.68 29.56 -3.31
C ASP A 408 -21.83 28.65 -2.92
N ARG A 409 -23.06 29.15 -2.97
CA ARG A 409 -24.22 28.33 -2.65
C ARG A 409 -24.66 27.53 -3.88
N SER A 410 -25.28 26.39 -3.64
CA SER A 410 -25.78 25.53 -4.70
C SER A 410 -27.27 25.32 -4.52
N VAL A 411 -28.02 25.39 -5.62
CA VAL A 411 -29.47 25.39 -5.61
C VAL A 411 -29.96 24.08 -6.20
N VAL A 412 -30.87 23.41 -5.48
CA VAL A 412 -31.46 22.15 -5.92
C VAL A 412 -32.98 22.29 -5.89
N LYS A 413 -33.64 21.85 -6.96
CA LYS A 413 -35.08 21.61 -6.98
C LYS A 413 -35.32 20.28 -7.66
N GLU A 414 -36.49 19.69 -7.42
CA GLU A 414 -36.82 18.41 -8.05
C GLU A 414 -37.96 18.55 -9.06
N HIS A 415 -39.22 18.80 -8.58
CA HIS A 415 -40.42 19.36 -9.23
C HIS A 415 -41.62 19.35 -8.30
N PRO A 416 -42.68 20.12 -8.60
CA PRO A 416 -43.99 19.87 -7.99
C PRO A 416 -44.83 18.94 -8.84
N PRO A 417 -45.73 18.18 -8.23
CA PRO A 417 -46.63 17.30 -9.00
C PRO A 417 -47.77 18.09 -9.62
N ARG A 418 -48.58 17.38 -10.43
CA ARG A 418 -49.69 17.99 -11.15
C ARG A 418 -51.04 17.52 -10.58
N PRO A 419 -52.05 18.38 -10.57
CA PRO A 419 -53.37 17.97 -10.06
C PRO A 419 -54.19 17.22 -11.10
N GLU A 420 -54.97 16.27 -10.61
CA GLU A 420 -55.87 15.48 -11.43
C GLU A 420 -57.24 16.15 -11.40
N TYR A 421 -58.22 15.55 -12.09
CA TYR A 421 -59.56 16.10 -12.16
C TYR A 421 -60.41 15.67 -10.96
N GLN A 422 -60.53 14.37 -10.72
CA GLN A 422 -61.26 13.89 -9.55
C GLN A 422 -60.42 14.15 -8.30
N SER A 423 -60.88 15.05 -7.45
CA SER A 423 -60.17 15.39 -6.23
C SER A 423 -60.07 14.27 -5.18
N PRO A 424 -61.05 13.36 -4.98
CA PRO A 424 -60.74 12.22 -4.11
C PRO A 424 -59.79 11.20 -4.72
N PHE A 425 -59.71 11.14 -6.05
CA PHE A 425 -58.81 10.19 -6.70
C PHE A 425 -57.35 10.59 -6.53
N LEU A 426 -57.05 11.88 -6.73
CA LEU A 426 -55.70 12.36 -6.49
C LEU A 426 -55.37 12.35 -5.00
N GLN A 427 -56.37 12.50 -4.13
CA GLN A 427 -56.14 12.46 -2.70
C GLN A 427 -55.75 11.05 -2.25
N SER A 428 -56.41 10.04 -2.80
CA SER A 428 -56.07 8.66 -2.46
C SER A 428 -54.73 8.24 -3.03
N ALA A 429 -54.31 8.85 -4.14
CA ALA A 429 -53.02 8.53 -4.73
C ALA A 429 -51.88 9.09 -3.89
N GLN A 430 -51.91 10.40 -3.62
CA GLN A 430 -50.79 11.08 -2.97
C GLN A 430 -50.65 10.67 -1.50
N PHE A 431 -51.76 10.34 -0.84
CA PHE A 431 -51.70 9.85 0.54
C PHE A 431 -51.01 8.50 0.60
N LEU A 432 -51.33 7.61 -0.33
CA LEU A 432 -50.69 6.30 -0.43
C LEU A 432 -49.45 6.33 -1.30
N PHE A 433 -49.00 7.51 -1.73
CA PHE A 433 -47.71 7.67 -2.38
C PHE A 433 -46.62 8.02 -1.38
N GLY A 434 -46.91 8.90 -0.44
CA GLY A 434 -45.97 9.28 0.59
C GLY A 434 -46.06 8.40 1.80
N HIS A 435 -45.70 7.13 1.63
CA HIS A 435 -45.66 6.18 2.74
C HIS A 435 -44.25 5.97 3.29
N TYR A 436 -43.23 6.21 2.47
CA TYR A 436 -41.82 5.84 2.65
C TYR A 436 -41.60 4.33 2.69
N TYR A 437 -42.62 3.54 2.38
CA TYR A 437 -42.53 2.09 2.28
C TYR A 437 -43.04 1.57 0.95
N PHE A 438 -43.70 2.42 0.15
CA PHE A 438 -44.02 2.09 -1.23
C PHE A 438 -42.76 1.76 -2.02
N ASP A 439 -41.69 2.52 -1.80
CA ASP A 439 -40.39 2.14 -2.34
C ASP A 439 -39.85 0.89 -1.67
N TYR A 440 -40.08 0.74 -0.37
CA TYR A 440 -39.59 -0.47 0.28
C TYR A 440 -40.42 -1.70 -0.08
N LEU A 441 -41.68 -1.49 -0.49
CA LEU A 441 -42.43 -2.57 -1.12
C LEU A 441 -41.82 -2.94 -2.46
N GLY A 442 -41.28 -1.94 -3.17
CA GLY A 442 -40.44 -2.23 -4.32
C GLY A 442 -39.14 -2.92 -3.93
N ASN A 443 -38.59 -2.57 -2.77
CA ASN A 443 -37.35 -3.18 -2.32
C ASN A 443 -37.57 -4.60 -1.80
N LEU A 444 -38.77 -4.89 -1.29
CA LEU A 444 -39.04 -6.25 -0.81
C LEU A 444 -39.17 -7.22 -1.97
N ILE A 445 -39.86 -6.81 -3.04
CA ILE A 445 -39.99 -7.64 -4.22
C ILE A 445 -38.68 -7.68 -4.99
N ALA A 446 -37.83 -6.66 -4.82
CA ALA A 446 -36.49 -6.71 -5.40
C ALA A 446 -35.63 -7.78 -4.74
N LEU A 447 -35.64 -7.83 -3.41
CA LEU A 447 -34.89 -8.87 -2.72
C LEU A 447 -35.52 -10.24 -2.94
N ALA A 448 -36.84 -10.30 -3.10
CA ALA A 448 -37.51 -11.55 -3.40
C ALA A 448 -37.14 -12.06 -4.79
N ASN A 449 -36.93 -11.14 -5.73
CA ASN A 449 -36.54 -11.53 -7.08
C ASN A 449 -35.13 -12.07 -7.12
N LEU A 450 -34.21 -11.43 -6.40
CA LEU A 450 -32.80 -11.79 -6.49
C LEU A 450 -32.50 -13.10 -5.77
N VAL A 451 -33.24 -13.41 -4.70
CA VAL A 451 -32.99 -14.66 -4.01
C VAL A 451 -33.51 -15.82 -4.84
N SER A 452 -34.53 -15.58 -5.67
CA SER A 452 -35.11 -16.64 -6.48
C SER A 452 -34.19 -17.02 -7.63
N ILE A 453 -33.52 -16.03 -8.23
CA ILE A 453 -32.58 -16.29 -9.32
C ILE A 453 -31.38 -17.06 -8.80
N CYS A 454 -30.93 -16.72 -7.59
CA CYS A 454 -29.80 -17.42 -6.98
C CYS A 454 -30.16 -18.84 -6.62
N VAL A 455 -31.34 -19.05 -6.02
CA VAL A 455 -31.65 -20.36 -5.47
C VAL A 455 -31.91 -21.36 -6.59
N PHE A 456 -32.35 -20.89 -7.74
CA PHE A 456 -32.47 -21.81 -8.86
C PHE A 456 -31.14 -21.99 -9.57
N LEU A 457 -30.21 -21.06 -9.39
CA LEU A 457 -28.91 -21.16 -10.05
C LEU A 457 -28.07 -22.31 -9.48
N VAL A 458 -28.19 -22.58 -8.18
CA VAL A 458 -27.54 -23.76 -7.64
C VAL A 458 -28.33 -25.02 -8.00
N LEU A 459 -29.63 -24.89 -8.27
CA LEU A 459 -30.41 -26.06 -8.64
C LEU A 459 -30.14 -26.50 -10.07
N ASP A 460 -30.07 -25.55 -11.01
CA ASP A 460 -29.81 -25.95 -12.39
C ASP A 460 -28.36 -26.33 -12.63
N ALA A 461 -27.44 -26.02 -11.72
CA ALA A 461 -26.02 -26.17 -12.00
C ALA A 461 -25.56 -27.62 -11.87
N ASP A 462 -25.64 -28.16 -10.66
CA ASP A 462 -24.90 -29.37 -10.30
C ASP A 462 -25.49 -30.62 -10.97
N VAL A 463 -26.80 -30.80 -10.88
CA VAL A 463 -27.43 -32.03 -11.32
C VAL A 463 -28.26 -31.77 -12.56
N LEU A 464 -28.23 -32.76 -13.47
CA LEU A 464 -28.84 -32.79 -14.80
C LEU A 464 -28.52 -31.53 -15.59
N PRO A 465 -27.28 -31.37 -16.06
CA PRO A 465 -26.89 -30.11 -16.71
C PRO A 465 -27.35 -29.99 -18.15
N ALA A 466 -27.86 -31.06 -18.76
CA ALA A 466 -28.28 -30.97 -20.16
C ALA A 466 -29.66 -30.34 -20.27
N GLU A 467 -30.68 -31.03 -19.77
CA GLU A 467 -32.07 -30.62 -19.95
C GLU A 467 -32.77 -30.57 -18.60
N ARG A 468 -33.28 -29.38 -18.25
CA ARG A 468 -33.84 -29.12 -16.94
C ARG A 468 -35.35 -28.94 -17.05
N ASP A 469 -36.04 -29.01 -15.92
CA ASP A 469 -37.48 -28.78 -15.88
C ASP A 469 -37.84 -27.37 -16.32
N ASP A 470 -37.42 -26.37 -15.54
CA ASP A 470 -37.62 -24.94 -15.81
C ASP A 470 -39.10 -24.61 -15.98
N PHE A 471 -39.85 -24.83 -14.91
CA PHE A 471 -41.29 -24.60 -14.93
C PHE A 471 -41.66 -23.29 -14.24
N ILE A 472 -41.28 -23.12 -12.98
CA ILE A 472 -41.77 -21.98 -12.21
C ILE A 472 -40.94 -20.72 -12.39
N LEU A 473 -39.86 -20.78 -13.17
CA LEU A 473 -39.03 -19.60 -13.37
C LEU A 473 -39.75 -18.56 -14.20
N GLY A 474 -40.44 -18.99 -15.26
CA GLY A 474 -41.21 -18.07 -16.08
C GLY A 474 -42.39 -17.47 -15.35
N ILE A 475 -42.93 -18.18 -14.35
CA ILE A 475 -44.05 -17.67 -13.57
C ILE A 475 -43.60 -16.52 -12.68
N LEU A 476 -42.51 -16.70 -11.94
CA LEU A 476 -42.04 -15.64 -11.04
C LEU A 476 -41.53 -14.45 -11.83
N ASN A 477 -40.86 -14.70 -12.97
CA ASN A 477 -40.40 -13.60 -13.79
C ASN A 477 -41.56 -12.89 -14.48
N CYS A 478 -42.68 -13.58 -14.68
CA CYS A 478 -43.88 -12.90 -15.16
C CYS A 478 -44.40 -11.93 -14.10
N VAL A 479 -44.63 -12.42 -12.88
CA VAL A 479 -45.30 -11.62 -11.86
C VAL A 479 -44.40 -10.51 -11.34
N PHE A 480 -43.08 -10.67 -11.45
CA PHE A 480 -42.18 -9.64 -10.94
C PHE A 480 -42.08 -8.46 -11.90
N ILE A 481 -42.00 -8.72 -13.19
CA ILE A 481 -41.87 -7.63 -14.15
C ILE A 481 -43.22 -6.94 -14.36
N VAL A 482 -44.32 -7.68 -14.17
CA VAL A 482 -45.64 -7.06 -14.18
C VAL A 482 -45.79 -6.10 -13.00
N TYR A 483 -45.25 -6.49 -11.84
CA TYR A 483 -45.25 -5.58 -10.70
C TYR A 483 -44.39 -4.35 -10.96
N TYR A 484 -43.28 -4.54 -11.68
CA TYR A 484 -42.39 -3.43 -11.98
C TYR A 484 -43.01 -2.45 -12.94
N LEU A 485 -43.76 -2.93 -13.93
CA LEU A 485 -44.40 -2.02 -14.88
C LEU A 485 -45.52 -1.24 -14.21
N LEU A 486 -46.18 -1.85 -13.23
CA LEU A 486 -47.23 -1.15 -12.51
C LEU A 486 -46.63 -0.06 -11.62
N GLU A 487 -45.52 -0.36 -10.95
CA GLU A 487 -44.86 0.64 -10.12
C GLU A 487 -44.26 1.75 -10.98
N MET A 488 -43.83 1.40 -12.19
CA MET A 488 -43.47 2.38 -13.20
C MET A 488 -44.66 3.27 -13.54
N LEU A 489 -45.84 2.67 -13.72
CA LEU A 489 -46.99 3.43 -14.19
C LEU A 489 -47.66 4.22 -13.06
N LEU A 490 -47.72 3.67 -11.86
CA LEU A 490 -48.37 4.37 -10.76
C LEU A 490 -47.58 5.57 -10.28
N LYS A 491 -46.27 5.60 -10.52
CA LYS A 491 -45.48 6.74 -10.07
C LYS A 491 -45.59 7.92 -11.01
N VAL A 492 -45.67 7.69 -12.32
CA VAL A 492 -45.83 8.80 -13.26
C VAL A 492 -47.26 9.35 -13.17
N PHE A 493 -48.24 8.47 -12.98
CA PHE A 493 -49.63 8.90 -12.82
C PHE A 493 -49.92 9.48 -11.44
N ALA A 494 -48.94 9.48 -10.54
CA ALA A 494 -48.98 10.28 -9.32
C ALA A 494 -48.14 11.54 -9.42
N LEU A 495 -46.92 11.45 -9.95
CA LEU A 495 -46.03 12.61 -10.00
C LEU A 495 -46.13 13.34 -11.34
N GLY A 496 -45.84 12.64 -12.43
CA GLY A 496 -45.75 13.26 -13.74
C GLY A 496 -44.54 12.77 -14.50
N LEU A 497 -44.52 13.13 -15.79
CA LEU A 497 -43.41 12.72 -16.65
C LEU A 497 -42.15 13.49 -16.31
N ARG A 498 -42.26 14.80 -16.13
CA ARG A 498 -41.10 15.58 -15.72
C ARG A 498 -40.71 15.29 -14.27
N GLY A 499 -41.69 14.96 -13.42
CA GLY A 499 -41.38 14.59 -12.05
C GLY A 499 -40.66 13.26 -11.95
N TYR A 500 -40.95 12.33 -12.84
CA TYR A 500 -40.26 11.05 -12.84
C TYR A 500 -38.86 11.16 -13.41
N LEU A 501 -38.63 12.14 -14.29
CA LEU A 501 -37.30 12.39 -14.82
C LEU A 501 -36.41 13.11 -13.79
N SER A 502 -37.02 13.67 -12.75
CA SER A 502 -36.28 14.45 -11.77
C SER A 502 -35.39 13.59 -10.89
N TYR A 503 -35.79 12.36 -10.62
CA TYR A 503 -34.96 11.59 -9.71
C TYR A 503 -34.03 10.68 -10.47
N PRO A 504 -32.72 10.74 -10.22
CA PRO A 504 -31.79 9.93 -11.02
C PRO A 504 -31.85 8.45 -10.70
N SER A 505 -32.31 8.08 -9.51
CA SER A 505 -32.57 6.68 -9.22
C SER A 505 -33.73 6.18 -10.07
N ASN A 506 -34.76 7.00 -10.24
CA ASN A 506 -35.97 6.58 -10.93
C ASN A 506 -35.73 6.41 -12.43
N VAL A 507 -34.72 7.07 -12.98
CA VAL A 507 -34.34 6.81 -14.36
C VAL A 507 -33.75 5.42 -14.49
N PHE A 508 -33.00 4.97 -13.48
CA PHE A 508 -32.32 3.68 -13.55
C PHE A 508 -33.30 2.52 -13.46
N ASP A 509 -34.20 2.55 -12.47
CA ASP A 509 -35.19 1.49 -12.35
C ASP A 509 -36.29 1.60 -13.38
N GLY A 510 -36.54 2.81 -13.88
CA GLY A 510 -37.51 2.97 -14.95
C GLY A 510 -37.02 2.39 -16.27
N LEU A 511 -35.75 2.62 -16.59
CA LEU A 511 -35.20 2.08 -17.83
C LEU A 511 -35.04 0.56 -17.75
N LEU A 512 -34.73 0.04 -16.56
CA LEU A 512 -34.54 -1.39 -16.40
C LEU A 512 -35.86 -2.14 -16.50
N THR A 513 -36.95 -1.53 -16.03
CA THR A 513 -38.27 -2.12 -16.17
C THR A 513 -38.68 -2.19 -17.64
N VAL A 514 -38.26 -1.20 -18.43
CA VAL A 514 -38.55 -1.21 -19.85
C VAL A 514 -37.85 -2.37 -20.54
N VAL A 515 -36.53 -2.50 -20.33
CA VAL A 515 -35.74 -3.49 -21.04
C VAL A 515 -36.11 -4.90 -20.59
N LEU A 516 -36.43 -5.06 -19.30
CA LEU A 516 -36.95 -6.33 -18.82
C LEU A 516 -38.33 -6.64 -19.41
N LEU A 517 -39.11 -5.62 -19.75
CA LEU A 517 -40.41 -5.89 -20.37
C LEU A 517 -40.27 -6.30 -21.82
N VAL A 518 -39.29 -5.75 -22.55
CA VAL A 518 -39.10 -6.16 -23.95
C VAL A 518 -38.61 -7.60 -24.03
N LEU A 519 -37.65 -7.96 -23.18
CA LEU A 519 -37.09 -9.30 -23.23
C LEU A 519 -38.06 -10.35 -22.69
N GLU A 520 -38.95 -9.97 -21.78
CA GLU A 520 -39.93 -10.93 -21.28
C GLU A 520 -41.03 -11.19 -22.30
N ILE A 521 -41.50 -10.13 -22.95
CA ILE A 521 -42.60 -10.28 -23.92
C ILE A 521 -42.11 -11.03 -25.15
N SER A 522 -40.88 -10.76 -25.59
CA SER A 522 -40.29 -11.52 -26.69
C SER A 522 -40.02 -12.96 -26.27
N THR A 523 -39.80 -13.22 -24.98
CA THR A 523 -39.69 -14.60 -24.52
C THR A 523 -41.04 -15.29 -24.54
N LEU A 524 -42.11 -14.56 -24.22
CA LEU A 524 -43.45 -15.13 -24.23
C LEU A 524 -44.09 -15.13 -25.62
N ALA A 525 -43.43 -14.55 -26.61
CA ALA A 525 -43.94 -14.58 -27.98
C ALA A 525 -43.36 -15.73 -28.78
N VAL A 526 -42.13 -16.15 -28.47
CA VAL A 526 -41.55 -17.29 -29.18
C VAL A 526 -42.11 -18.59 -28.65
N TYR A 527 -42.21 -18.71 -27.33
CA TYR A 527 -42.75 -19.91 -26.68
C TYR A 527 -44.03 -19.53 -25.95
N ARG A 528 -44.61 -20.51 -25.25
CA ARG A 528 -45.80 -20.26 -24.42
C ARG A 528 -45.52 -20.48 -22.95
N LEU A 529 -45.03 -21.67 -22.58
CA LEU A 529 -44.76 -22.10 -21.19
C LEU A 529 -45.95 -21.94 -20.25
N SER A 543 -32.19 -21.99 -28.26
CA SER A 543 -31.99 -20.59 -27.89
C SER A 543 -32.91 -20.18 -26.76
N LEU A 544 -33.69 -21.15 -26.26
CA LEU A 544 -34.51 -20.90 -25.06
C LEU A 544 -33.63 -20.68 -23.84
N TRP A 545 -32.54 -21.45 -23.74
CA TRP A 545 -31.61 -21.25 -22.62
C TRP A 545 -30.85 -19.95 -22.76
N ASP A 546 -30.59 -19.49 -23.98
CA ASP A 546 -29.86 -18.24 -24.19
C ASP A 546 -30.70 -17.04 -23.79
N MET A 547 -32.00 -17.08 -24.06
CA MET A 547 -32.86 -15.96 -23.71
C MET A 547 -33.14 -15.92 -22.21
N THR A 548 -33.25 -17.09 -21.57
CA THR A 548 -33.33 -17.10 -20.11
C THR A 548 -32.00 -16.73 -19.47
N ARG A 549 -30.89 -16.91 -20.20
CA ARG A 549 -29.60 -16.44 -19.71
C ARG A 549 -29.54 -14.91 -19.70
N MET A 550 -29.90 -14.29 -20.82
CA MET A 550 -29.88 -12.83 -20.92
C MET A 550 -30.95 -12.20 -20.03
N LEU A 551 -32.06 -12.89 -19.82
CA LEU A 551 -33.09 -12.37 -18.92
C LEU A 551 -32.63 -12.42 -17.48
N ASN A 552 -31.99 -13.53 -17.08
CA ASN A 552 -31.53 -13.65 -15.70
C ASN A 552 -30.39 -12.69 -15.41
N MET A 553 -29.57 -12.37 -16.41
CA MET A 553 -28.41 -11.52 -16.17
C MET A 553 -28.81 -10.08 -15.90
N LEU A 554 -29.78 -9.55 -16.64
CA LEU A 554 -30.20 -8.19 -16.37
C LEU A 554 -31.15 -8.10 -15.19
N ILE A 555 -31.65 -9.22 -14.68
CA ILE A 555 -32.43 -9.18 -13.46
C ILE A 555 -31.53 -8.91 -12.26
N VAL A 556 -30.31 -9.44 -12.29
CA VAL A 556 -29.34 -9.22 -11.22
C VAL A 556 -28.91 -7.75 -11.10
N PHE A 557 -29.14 -6.94 -12.14
CA PHE A 557 -28.95 -5.51 -12.04
C PHE A 557 -29.94 -4.83 -11.08
N ARG A 558 -31.04 -5.48 -10.71
CA ARG A 558 -31.95 -4.92 -9.73
C ARG A 558 -31.30 -4.77 -8.35
N PHE A 559 -30.27 -5.58 -8.06
CA PHE A 559 -29.57 -5.49 -6.79
C PHE A 559 -28.77 -4.21 -6.64
N LEU A 560 -28.51 -3.50 -7.74
CA LEU A 560 -27.89 -2.18 -7.67
C LEU A 560 -28.89 -1.08 -7.30
N ARG A 561 -30.07 -1.43 -6.80
CA ARG A 561 -30.93 -0.50 -6.09
C ARG A 561 -30.71 -0.56 -4.59
N ILE A 562 -30.23 -1.69 -4.06
CA ILE A 562 -30.03 -1.83 -2.62
C ILE A 562 -28.86 -0.96 -2.16
N ILE A 563 -27.76 -0.97 -2.90
CA ILE A 563 -26.55 -0.23 -2.60
C ILE A 563 -26.75 1.28 -2.54
N PRO A 564 -27.67 1.93 -3.32
CA PRO A 564 -27.98 3.34 -3.01
C PRO A 564 -28.65 3.65 -1.67
N SER A 565 -28.83 2.69 -0.79
CA SER A 565 -29.33 2.95 0.56
C SER A 565 -28.18 2.74 1.54
N MET A 566 -27.34 3.77 1.68
CA MET A 566 -26.16 3.73 2.57
C MET A 566 -26.31 4.78 3.67
N LYS A 567 -27.01 4.42 4.73
CA LYS A 567 -27.10 5.30 5.89
C LYS A 567 -25.94 5.22 6.91
N PRO A 568 -25.39 4.03 7.33
CA PRO A 568 -24.40 4.09 8.43
C PRO A 568 -22.96 4.35 8.03
N MET A 569 -22.60 3.98 6.79
CA MET A 569 -21.20 3.86 6.37
C MET A 569 -20.86 4.91 5.32
N ALA A 570 -21.24 6.15 5.58
CA ALA A 570 -21.24 7.21 4.58
C ALA A 570 -19.85 7.61 4.12
N VAL A 571 -18.80 7.24 4.85
CA VAL A 571 -17.44 7.62 4.46
C VAL A 571 -17.02 6.83 3.22
N VAL A 572 -17.54 5.61 3.06
CA VAL A 572 -17.20 4.79 1.91
C VAL A 572 -17.84 5.33 0.65
N ALA A 573 -19.14 5.67 0.72
CA ALA A 573 -19.83 6.22 -0.44
C ALA A 573 -19.36 7.63 -0.78
N SER A 574 -18.91 8.39 0.22
CA SER A 574 -18.31 9.68 -0.06
C SER A 574 -16.99 9.55 -0.80
N THR A 575 -16.25 8.49 -0.51
CA THR A 575 -14.92 8.33 -1.08
C THR A 575 -15.00 7.94 -2.54
N VAL A 576 -15.91 7.04 -2.89
CA VAL A 576 -16.05 6.59 -4.27
C VAL A 576 -16.57 7.72 -5.14
N LEU A 577 -17.39 8.59 -4.56
CA LEU A 577 -17.75 9.84 -5.24
C LEU A 577 -16.54 10.74 -5.39
N GLY A 578 -15.64 10.74 -4.41
CA GLY A 578 -14.46 11.56 -4.50
C GLY A 578 -13.44 11.04 -5.50
N LEU A 579 -13.39 9.72 -5.69
CA LEU A 579 -12.42 9.15 -6.63
C LEU A 579 -12.81 9.43 -8.07
N VAL A 580 -14.08 9.19 -8.42
CA VAL A 580 -14.49 9.25 -9.81
C VAL A 580 -14.50 10.68 -10.32
N GLN A 581 -14.65 11.66 -9.45
CA GLN A 581 -14.51 13.04 -9.89
C GLN A 581 -13.06 13.46 -10.03
N ASN A 582 -12.13 12.66 -9.53
CA ASN A 582 -10.70 12.96 -9.58
C ASN A 582 -9.94 11.85 -10.30
N MET A 583 -10.54 11.29 -11.33
CA MET A 583 -9.89 10.27 -12.15
C MET A 583 -9.49 10.82 -13.50
N ARG A 584 -9.64 12.12 -13.71
CA ARG A 584 -9.19 12.71 -14.97
C ARG A 584 -7.68 12.72 -15.03
N ALA A 585 -7.03 13.01 -13.91
CA ALA A 585 -5.58 13.02 -13.86
C ALA A 585 -5.03 11.61 -13.88
N PHE A 586 -5.63 10.72 -13.10
CA PHE A 586 -5.02 9.43 -12.86
C PHE A 586 -5.21 8.49 -14.03
N GLY A 587 -6.40 8.47 -14.62
CA GLY A 587 -6.60 7.68 -15.82
C GLY A 587 -5.84 8.24 -17.00
N GLY A 588 -5.53 9.53 -16.99
CA GLY A 588 -4.76 10.10 -18.07
C GLY A 588 -3.34 9.59 -18.11
N ILE A 589 -2.73 9.39 -16.95
CA ILE A 589 -1.38 8.85 -16.91
C ILE A 589 -1.39 7.35 -17.17
N LEU A 590 -2.49 6.67 -16.79
CA LEU A 590 -2.62 5.26 -17.10
C LEU A 590 -2.73 5.02 -18.60
N VAL A 591 -3.47 5.87 -19.30
CA VAL A 591 -3.68 5.69 -20.73
C VAL A 591 -2.39 5.98 -21.48
N VAL A 592 -1.65 7.00 -21.05
CA VAL A 592 -0.39 7.37 -21.69
C VAL A 592 0.65 6.26 -21.53
N VAL A 593 0.69 5.63 -20.36
CA VAL A 593 1.66 4.57 -20.10
C VAL A 593 1.33 3.32 -20.91
N TYR A 594 0.05 2.92 -20.96
CA TYR A 594 -0.31 1.73 -21.73
C TYR A 594 -0.14 1.93 -23.22
N TYR A 595 -0.38 3.14 -23.71
CA TYR A 595 -0.36 3.38 -25.14
C TYR A 595 1.06 3.30 -25.69
N VAL A 596 2.03 3.78 -24.93
CA VAL A 596 3.42 3.74 -25.39
C VAL A 596 3.94 2.31 -25.35
N PHE A 597 3.71 1.61 -24.23
CA PHE A 597 4.31 0.29 -24.07
C PHE A 597 3.66 -0.76 -24.94
N ALA A 598 2.40 -0.57 -25.33
CA ALA A 598 1.79 -1.51 -26.26
C ALA A 598 2.38 -1.34 -27.65
N ILE A 599 2.64 -0.10 -28.04
CA ILE A 599 3.07 0.18 -29.41
C ILE A 599 4.53 -0.23 -29.61
N ILE A 600 5.36 -0.05 -28.59
CA ILE A 600 6.71 -0.60 -28.61
C ILE A 600 6.67 -2.11 -28.68
N GLY A 601 5.73 -2.74 -27.97
CA GLY A 601 5.67 -4.18 -27.92
C GLY A 601 5.26 -4.83 -29.22
N ILE A 602 4.40 -4.16 -30.00
CA ILE A 602 4.04 -4.68 -31.31
C ILE A 602 5.23 -4.62 -32.24
N ASN A 603 6.06 -3.58 -32.12
CA ASN A 603 7.22 -3.42 -32.98
C ASN A 603 8.34 -4.38 -32.64
N LEU A 604 8.30 -5.04 -31.49
CA LEU A 604 9.36 -5.93 -31.06
C LEU A 604 8.98 -7.39 -31.06
N PHE A 605 7.78 -7.73 -30.63
CA PHE A 605 7.40 -9.13 -30.49
C PHE A 605 6.17 -9.49 -31.31
N ARG A 606 6.11 -9.07 -32.57
CA ARG A 606 4.86 -9.19 -33.32
C ARG A 606 4.57 -10.62 -33.72
N GLY A 607 5.53 -11.31 -34.28
CA GLY A 607 5.25 -12.66 -34.72
C GLY A 607 6.18 -13.69 -34.11
N VAL A 608 6.63 -13.43 -32.88
CA VAL A 608 7.64 -14.28 -32.28
C VAL A 608 7.04 -15.43 -31.51
N ILE A 609 5.73 -15.58 -31.48
CA ILE A 609 5.09 -16.70 -30.81
C ILE A 609 4.31 -17.48 -31.85
N VAL A 610 4.75 -18.70 -32.13
CA VAL A 610 4.08 -19.59 -33.05
C VAL A 610 3.75 -20.88 -32.32
N ALA A 611 2.80 -21.63 -32.88
CA ALA A 611 2.40 -22.90 -32.31
C ALA A 611 1.95 -23.82 -33.43
N LEU A 612 2.29 -25.10 -33.30
CA LEU A 612 1.87 -26.11 -34.26
C LEU A 612 1.83 -27.49 -33.64
N SER A 624 3.48 -32.69 -23.95
CA SER A 624 4.78 -33.18 -23.50
C SER A 624 5.67 -32.02 -23.05
N ALA A 625 5.05 -30.87 -22.78
CA ALA A 625 5.75 -29.69 -22.34
C ALA A 625 6.17 -29.84 -20.87
N PRO A 626 7.14 -29.05 -20.41
CA PRO A 626 7.38 -28.97 -18.97
C PRO A 626 6.17 -28.41 -18.24
N CYS A 627 5.89 -28.93 -17.05
CA CYS A 627 4.59 -28.73 -16.42
C CYS A 627 4.35 -27.30 -15.92
N GLY A 628 5.37 -26.46 -15.87
CA GLY A 628 5.13 -25.10 -15.45
C GLY A 628 5.54 -24.08 -16.50
N SER A 629 5.26 -24.38 -17.76
CA SER A 629 5.78 -23.58 -18.85
C SER A 629 4.71 -22.66 -19.42
N PHE A 630 5.08 -21.95 -20.47
CA PHE A 630 4.16 -21.12 -21.24
C PHE A 630 3.26 -21.97 -22.12
N GLU A 631 3.60 -23.23 -22.33
CA GLU A 631 2.86 -24.09 -23.25
C GLU A 631 2.02 -25.13 -22.56
N GLN A 632 2.41 -25.60 -21.37
CA GLN A 632 1.57 -26.52 -20.61
C GLN A 632 0.31 -25.81 -20.14
N LEU A 633 0.48 -24.77 -19.34
CA LEU A 633 -0.56 -23.76 -19.22
C LEU A 633 -0.77 -23.19 -20.60
N GLU A 634 -2.02 -23.05 -21.02
CA GLU A 634 -2.26 -22.68 -22.41
C GLU A 634 -2.32 -21.16 -22.52
N TYR A 635 -1.16 -20.56 -22.39
CA TYR A 635 -1.03 -19.10 -22.36
C TYR A 635 -0.91 -18.50 -23.74
N TRP A 636 -1.47 -19.14 -24.76
CA TRP A 636 -1.22 -18.74 -26.14
C TRP A 636 -1.86 -17.43 -26.51
N ALA A 637 -2.80 -16.94 -25.71
CA ALA A 637 -3.49 -15.70 -26.02
C ALA A 637 -2.78 -14.47 -25.53
N ASN A 638 -1.66 -14.61 -24.82
CA ASN A 638 -0.95 -13.46 -24.29
C ASN A 638 0.26 -13.21 -25.18
N ASN A 639 0.01 -12.53 -26.28
CA ASN A 639 1.02 -12.20 -27.27
C ASN A 639 0.96 -10.73 -27.58
N PHE A 640 1.70 -10.27 -28.60
CA PHE A 640 1.68 -8.88 -28.98
C PHE A 640 1.33 -8.73 -30.44
N ASP A 641 0.40 -9.54 -30.93
CA ASP A 641 0.15 -9.58 -32.37
C ASP A 641 -0.60 -8.36 -32.87
N ASP A 642 -1.43 -7.75 -32.03
CA ASP A 642 -2.18 -6.57 -32.40
C ASP A 642 -2.51 -5.79 -31.14
N PHE A 643 -3.23 -4.68 -31.28
CA PHE A 643 -3.31 -3.71 -30.20
C PHE A 643 -4.23 -4.18 -29.09
N ALA A 644 -5.24 -5.00 -29.39
CA ALA A 644 -6.11 -5.47 -28.33
C ALA A 644 -5.46 -6.61 -27.55
N ALA A 645 -4.66 -7.42 -28.21
CA ALA A 645 -3.97 -8.47 -27.48
C ALA A 645 -2.82 -7.92 -26.67
N ALA A 646 -2.26 -6.79 -27.07
CA ALA A 646 -1.19 -6.18 -26.29
C ALA A 646 -1.71 -5.61 -25.00
N LEU A 647 -2.91 -5.03 -25.02
CA LEU A 647 -3.44 -4.38 -23.82
C LEU A 647 -3.79 -5.40 -22.75
N VAL A 648 -4.24 -6.59 -23.14
CA VAL A 648 -4.54 -7.58 -22.13
C VAL A 648 -3.27 -8.31 -21.68
N THR A 649 -2.27 -8.42 -22.55
CA THR A 649 -0.99 -8.96 -22.13
C THR A 649 -0.30 -8.05 -21.13
N LEU A 650 -0.30 -6.76 -21.41
CA LEU A 650 0.31 -5.80 -20.49
C LEU A 650 -0.48 -5.68 -19.20
N TRP A 651 -1.77 -6.02 -19.22
CA TRP A 651 -2.54 -6.04 -17.97
C TRP A 651 -2.08 -7.19 -17.10
N ASN A 652 -1.87 -8.36 -17.68
CA ASN A 652 -1.53 -9.54 -16.89
C ASN A 652 -0.14 -9.49 -16.31
N LEU A 653 0.71 -8.60 -16.79
CA LEU A 653 1.98 -8.35 -16.14
C LEU A 653 1.90 -7.25 -15.11
N MET A 654 0.85 -6.43 -15.15
CA MET A 654 0.74 -5.34 -14.18
C MET A 654 0.41 -5.90 -12.81
N VAL A 655 -0.62 -6.73 -12.72
CA VAL A 655 -0.68 -7.64 -11.60
C VAL A 655 0.46 -8.63 -11.76
N VAL A 656 1.28 -8.78 -10.72
CA VAL A 656 2.58 -9.38 -10.94
C VAL A 656 2.57 -10.89 -10.95
N ASN A 657 1.42 -11.53 -10.86
CA ASN A 657 1.37 -12.97 -10.68
C ASN A 657 1.77 -13.70 -11.95
N ASN A 658 2.53 -14.78 -11.78
CA ASN A 658 3.00 -15.66 -12.85
C ASN A 658 3.79 -14.94 -13.92
N TRP A 659 4.44 -13.84 -13.60
CA TRP A 659 5.19 -13.16 -14.64
C TRP A 659 6.58 -13.73 -14.79
N GLN A 660 6.95 -14.69 -13.95
CA GLN A 660 8.09 -15.53 -14.21
C GLN A 660 7.91 -16.35 -15.48
N VAL A 661 6.68 -16.74 -15.78
CA VAL A 661 6.41 -17.59 -16.93
C VAL A 661 6.57 -16.81 -18.22
N PHE A 662 6.10 -15.56 -18.22
CA PHE A 662 6.24 -14.69 -19.39
C PHE A 662 7.70 -14.37 -19.68
N LEU A 663 8.50 -14.19 -18.63
CA LEU A 663 9.93 -13.93 -18.80
C LEU A 663 10.63 -15.12 -19.41
N ASP A 664 10.24 -16.33 -19.02
CA ASP A 664 10.86 -17.53 -19.54
C ASP A 664 10.42 -17.80 -20.98
N ALA A 665 9.22 -17.37 -21.34
CA ALA A 665 8.75 -17.61 -22.71
C ALA A 665 9.44 -16.69 -23.69
N TYR A 666 9.49 -15.40 -23.40
CA TYR A 666 10.07 -14.48 -24.35
C TYR A 666 11.58 -14.53 -24.35
N ARG A 667 12.20 -15.15 -23.35
CA ARG A 667 13.63 -15.40 -23.42
C ARG A 667 13.93 -16.50 -24.43
N ARG A 668 13.09 -17.51 -24.49
CA ARG A 668 13.31 -18.63 -25.41
C ARG A 668 12.98 -18.25 -26.83
N TYR A 669 12.00 -17.37 -27.02
CA TYR A 669 11.46 -17.09 -28.34
C TYR A 669 12.03 -15.85 -28.99
N SER A 670 12.51 -14.89 -28.23
CA SER A 670 12.95 -13.62 -28.78
C SER A 670 14.24 -13.15 -28.12
N GLY A 671 15.18 -14.07 -27.94
CA GLY A 671 16.51 -13.71 -27.48
C GLY A 671 16.56 -13.44 -25.99
N PRO A 672 17.76 -13.16 -25.47
CA PRO A 672 17.91 -12.99 -24.03
C PRO A 672 17.68 -11.57 -23.56
N TRP A 673 17.79 -10.59 -24.46
CA TRP A 673 17.76 -9.19 -24.08
C TRP A 673 16.35 -8.65 -23.96
N SER A 674 15.33 -9.49 -24.11
CA SER A 674 13.96 -9.02 -24.00
C SER A 674 13.55 -8.73 -22.57
N LYS A 675 14.32 -9.19 -21.58
CA LYS A 675 13.98 -8.95 -20.19
C LYS A 675 14.12 -7.49 -19.79
N ILE A 676 14.81 -6.67 -20.60
CA ILE A 676 14.85 -5.24 -20.31
C ILE A 676 13.48 -4.63 -20.47
N TYR A 677 12.68 -5.16 -21.41
CA TYR A 677 11.36 -4.61 -21.65
C TYR A 677 10.41 -4.91 -20.51
N PHE A 678 10.37 -6.15 -20.05
CA PHE A 678 9.42 -6.54 -19.02
C PHE A 678 9.81 -5.98 -17.66
N VAL A 679 11.10 -5.72 -17.45
CA VAL A 679 11.52 -5.12 -16.19
C VAL A 679 11.18 -3.64 -16.16
N LEU A 680 11.28 -2.95 -17.30
CA LEU A 680 10.85 -1.56 -17.38
C LEU A 680 9.34 -1.42 -17.23
N TRP A 681 8.58 -2.41 -17.70
CA TRP A 681 7.15 -2.36 -17.50
C TRP A 681 6.78 -2.61 -16.04
N TRP A 682 7.61 -3.37 -15.33
CA TRP A 682 7.38 -3.58 -13.90
C TRP A 682 7.60 -2.29 -13.12
N LEU A 683 8.54 -1.47 -13.55
CA LEU A 683 8.85 -0.25 -12.82
C LEU A 683 7.79 0.82 -13.04
N VAL A 684 7.45 1.07 -14.30
CA VAL A 684 6.55 2.16 -14.63
C VAL A 684 5.13 1.86 -14.16
N SER A 685 4.67 0.64 -14.37
CA SER A 685 3.28 0.31 -14.12
C SER A 685 3.04 -0.24 -12.72
N SER A 686 3.76 -1.31 -12.36
CA SER A 686 3.44 -1.96 -11.10
C SER A 686 3.92 -1.14 -9.92
N VAL A 687 5.10 -0.53 -10.04
CA VAL A 687 5.67 0.16 -8.90
C VAL A 687 5.13 1.58 -8.81
N ILE A 688 5.27 2.37 -9.87
CA ILE A 688 4.97 3.79 -9.73
C ILE A 688 3.47 4.03 -9.78
N TRP A 689 2.77 3.37 -10.69
CA TRP A 689 1.37 3.70 -10.93
C TRP A 689 0.46 3.15 -9.84
N VAL A 690 0.73 1.95 -9.33
CA VAL A 690 -0.07 1.42 -8.22
C VAL A 690 0.15 2.24 -6.94
N ASN A 691 1.39 2.66 -6.67
CA ASN A 691 1.63 3.54 -5.55
C ASN A 691 1.12 4.94 -5.81
N LEU A 692 0.97 5.32 -7.08
CA LEU A 692 0.28 6.56 -7.40
C LEU A 692 -1.21 6.43 -7.14
N PHE A 693 -1.74 5.22 -7.23
CA PHE A 693 -3.16 4.99 -6.95
C PHE A 693 -3.44 5.02 -5.46
N LEU A 694 -2.55 4.42 -4.67
CA LEU A 694 -2.75 4.41 -3.23
C LEU A 694 -2.58 5.80 -2.63
N ALA A 695 -1.69 6.61 -3.20
CA ALA A 695 -1.51 7.97 -2.72
C ALA A 695 -2.74 8.82 -2.98
N LEU A 696 -3.42 8.60 -4.10
CA LEU A 696 -4.60 9.40 -4.39
C LEU A 696 -5.79 8.96 -3.57
N ILE A 697 -5.90 7.68 -3.25
CA ILE A 697 -6.98 7.23 -2.38
C ILE A 697 -6.75 7.71 -0.96
N LEU A 698 -5.48 7.81 -0.56
CA LEU A 698 -5.15 8.35 0.76
C LEU A 698 -5.52 9.81 0.87
N GLU A 699 -5.35 10.57 -0.20
CA GLU A 699 -5.66 12.00 -0.12
C GLU A 699 -7.15 12.26 -0.21
N ASN A 700 -7.88 11.51 -1.03
CA ASN A 700 -9.31 11.74 -1.15
C ASN A 700 -10.10 11.17 0.00
N PHE A 701 -9.54 10.21 0.73
CA PHE A 701 -10.19 9.76 1.96
C PHE A 701 -10.00 10.77 3.06
N LEU A 702 -8.84 11.42 3.09
CA LEU A 702 -8.51 12.39 4.13
C LEU A 702 -8.71 13.79 3.57
N HIS A 703 -9.96 14.20 3.53
CA HIS A 703 -10.30 15.52 3.03
C HIS A 703 -11.48 16.05 3.81
N LYS A 704 -11.31 17.26 4.37
CA LYS A 704 -12.19 18.01 5.26
C LYS A 704 -12.37 17.37 6.64
N TRP A 705 -11.69 16.27 6.93
CA TRP A 705 -11.68 15.69 8.26
C TRP A 705 -10.41 14.87 8.44
N ALA B 43 11.57 15.09 61.73
CA ALA B 43 12.09 13.87 62.30
C ALA B 43 11.81 12.69 61.37
N ALA B 44 10.80 11.88 61.72
CA ALA B 44 10.41 10.76 60.87
C ALA B 44 9.66 11.24 59.62
N ARG B 45 8.85 12.28 59.78
CA ARG B 45 8.18 12.89 58.63
C ARG B 45 9.18 13.57 57.71
N TRP B 46 10.33 13.99 58.23
CA TRP B 46 11.38 14.54 57.39
C TRP B 46 11.94 13.49 56.44
N ASP B 47 12.20 12.28 56.95
CA ASP B 47 12.73 11.22 56.10
C ASP B 47 11.71 10.75 55.07
N LEU B 48 10.45 10.66 55.47
CA LEU B 48 9.43 10.08 54.61
C LEU B 48 9.11 10.98 53.42
N CYS B 49 9.19 12.30 53.61
CA CYS B 49 9.01 13.20 52.48
C CYS B 49 10.18 13.15 51.52
N ILE B 50 11.37 12.77 52.00
CA ILE B 50 12.50 12.59 51.10
C ILE B 50 12.26 11.42 50.16
N ASP B 51 11.91 10.27 50.70
CA ASP B 51 11.67 9.08 49.88
C ASP B 51 10.42 9.23 49.02
N GLN B 52 9.46 10.04 49.46
CA GLN B 52 8.35 10.38 48.58
C GLN B 52 8.82 11.21 47.39
N ALA B 53 9.75 12.13 47.62
CA ALA B 53 10.21 12.99 46.55
C ALA B 53 11.33 12.39 45.71
N VAL B 54 11.97 11.33 46.19
CA VAL B 54 12.90 10.60 45.33
C VAL B 54 12.13 9.79 44.30
N VAL B 55 11.09 9.08 44.76
CA VAL B 55 10.38 8.17 43.89
C VAL B 55 9.50 8.92 42.90
N PHE B 56 9.16 10.17 43.17
CA PHE B 56 8.34 10.94 42.24
C PHE B 56 9.19 11.49 41.10
N ILE B 57 10.41 11.93 41.39
CA ILE B 57 11.29 12.42 40.34
C ILE B 57 11.76 11.26 39.47
N GLU B 58 12.04 10.11 40.09
CA GLU B 58 12.42 8.91 39.34
C GLU B 58 11.29 8.42 38.45
N ASP B 59 10.05 8.59 38.89
CA ASP B 59 8.91 8.28 38.03
C ASP B 59 8.65 9.40 37.01
N ALA B 60 9.23 10.57 37.21
CA ALA B 60 9.10 11.64 36.24
C ALA B 60 10.16 11.61 35.16
N ILE B 61 11.23 10.85 35.36
CA ILE B 61 12.20 10.65 34.30
C ILE B 61 11.75 9.55 33.37
N GLN B 62 11.29 8.44 33.93
CA GLN B 62 10.93 7.25 33.16
C GLN B 62 9.46 7.22 32.79
N TYR B 63 8.75 8.36 32.88
CA TYR B 63 7.43 8.57 32.29
C TYR B 63 6.37 7.63 32.85
N ARG B 64 6.39 7.39 34.15
CA ARG B 64 5.38 6.55 34.78
C ARG B 64 4.41 7.40 35.55
N SER B 65 3.16 6.93 35.63
CA SER B 65 2.11 7.67 36.30
C SER B 65 2.27 7.62 37.80
N ILE B 66 1.51 8.45 38.49
CA ILE B 66 1.50 8.52 39.94
C ILE B 66 0.09 8.13 40.38
N ASN B 67 -0.12 6.85 40.60
CA ASN B 67 -1.41 6.37 41.10
C ASN B 67 -1.22 5.26 42.11
N HIS B 68 -0.09 5.24 42.80
CA HIS B 68 0.25 4.17 43.71
C HIS B 68 0.22 4.68 45.14
N ARG B 69 0.00 3.75 46.06
CA ARG B 69 -0.06 4.09 47.46
C ARG B 69 1.34 4.32 48.02
N VAL B 70 1.40 5.13 49.07
CA VAL B 70 2.66 5.54 49.69
C VAL B 70 2.67 5.02 51.11
N ASP B 71 3.52 4.04 51.37
CA ASP B 71 3.76 3.49 52.69
C ASP B 71 5.23 3.69 53.02
N ALA B 72 5.65 3.10 54.14
CA ALA B 72 7.06 3.14 54.51
C ALA B 72 7.87 2.13 53.69
N SER B 73 7.48 0.87 53.77
CA SER B 73 8.22 -0.19 53.09
C SER B 73 7.91 -0.28 51.61
N SER B 74 6.77 0.29 51.18
CA SER B 74 6.34 0.14 49.79
C SER B 74 7.24 0.88 48.83
N MET B 75 7.88 1.97 49.28
CA MET B 75 8.81 2.66 48.41
C MET B 75 10.09 1.88 48.19
N TRP B 76 10.45 1.02 49.14
CA TRP B 76 11.57 0.12 48.86
C TRP B 76 11.16 -0.94 47.86
N LEU B 77 9.92 -1.43 47.97
CA LEU B 77 9.44 -2.45 47.05
C LEU B 77 9.25 -1.89 45.66
N TYR B 78 8.71 -0.67 45.56
CA TYR B 78 8.50 -0.03 44.26
C TYR B 78 9.81 0.32 43.59
N ARG B 79 10.79 0.78 44.35
CA ARG B 79 12.07 1.12 43.75
C ARG B 79 12.85 -0.11 43.34
N ARG B 80 12.62 -1.24 44.01
CA ARG B 80 13.32 -2.46 43.61
C ARG B 80 12.60 -3.15 42.47
N TYR B 81 11.28 -2.99 42.37
CA TYR B 81 10.55 -3.69 41.31
C TYR B 81 10.75 -3.03 39.96
N TYR B 82 10.85 -1.71 39.93
CA TYR B 82 11.10 -1.02 38.68
C TYR B 82 12.58 -0.84 38.38
N SER B 83 13.44 -1.54 39.10
CA SER B 83 14.85 -1.57 38.74
C SER B 83 15.05 -2.43 37.50
N ASN B 84 16.11 -2.15 36.75
CA ASN B 84 16.30 -2.84 35.48
C ASN B 84 16.74 -4.29 35.66
N VAL B 85 17.19 -4.68 36.84
CA VAL B 85 17.57 -6.07 37.04
C VAL B 85 16.34 -6.93 37.32
N CYS B 86 15.27 -6.32 37.83
CA CYS B 86 14.05 -7.10 38.09
C CYS B 86 13.19 -7.21 36.85
N GLN B 87 13.19 -6.16 36.01
CA GLN B 87 12.38 -6.20 34.80
C GLN B 87 13.03 -7.01 33.70
N ARG B 88 14.35 -7.22 33.75
CA ARG B 88 14.99 -7.99 32.69
C ARG B 88 14.71 -9.48 32.84
N THR B 89 14.64 -9.98 34.07
CA THR B 89 14.27 -11.38 34.25
C THR B 89 12.82 -11.61 33.92
N LEU B 90 11.99 -10.59 34.06
CA LEU B 90 10.60 -10.70 33.67
C LEU B 90 10.47 -10.81 32.15
N SER B 91 11.27 -10.06 31.40
CA SER B 91 11.25 -10.20 29.95
C SER B 91 11.93 -11.48 29.50
N PHE B 92 12.95 -11.94 30.23
CA PHE B 92 13.60 -13.19 29.88
C PHE B 92 12.69 -14.37 30.13
N THR B 93 11.79 -14.26 31.11
CA THR B 93 10.80 -15.30 31.34
C THR B 93 9.82 -15.40 30.18
N ILE B 94 9.34 -14.25 29.70
CA ILE B 94 8.35 -14.21 28.62
C ILE B 94 8.94 -14.78 27.34
N PHE B 95 10.23 -14.55 27.11
CA PHE B 95 10.90 -15.27 26.03
C PHE B 95 10.98 -16.77 26.32
N LEU B 96 11.14 -17.16 27.58
CA LEU B 96 11.32 -18.57 27.88
C LEU B 96 10.01 -19.34 27.77
N ILE B 97 8.89 -18.70 28.10
CA ILE B 97 7.59 -19.34 27.92
C ILE B 97 7.31 -19.61 26.45
N LEU B 98 7.52 -18.61 25.60
CA LEU B 98 7.24 -18.78 24.18
C LEU B 98 8.27 -19.63 23.46
N PHE B 99 9.45 -19.81 24.04
CA PHE B 99 10.45 -20.65 23.38
C PHE B 99 10.17 -22.13 23.58
N LEU B 100 9.43 -22.50 24.62
CA LEU B 100 9.20 -23.90 24.93
C LEU B 100 8.36 -24.63 23.90
N ALA B 101 7.67 -23.92 23.00
CA ALA B 101 6.90 -24.60 21.97
C ALA B 101 7.78 -25.23 20.89
N PHE B 102 9.09 -24.99 20.90
CA PHE B 102 9.99 -25.72 20.03
C PHE B 102 10.42 -27.06 20.61
N ILE B 103 10.33 -27.24 21.92
CA ILE B 103 10.76 -28.47 22.57
C ILE B 103 9.56 -29.24 23.13
N GLU B 104 8.36 -28.98 22.62
CA GLU B 104 7.20 -29.72 23.11
C GLU B 104 7.08 -31.09 22.47
N THR B 105 5.90 -31.71 22.54
CA THR B 105 5.75 -33.09 22.11
C THR B 105 5.84 -33.29 20.59
N PRO B 106 5.33 -32.40 19.72
CA PRO B 106 5.72 -32.52 18.29
C PRO B 106 7.19 -32.30 18.03
N SER B 107 7.88 -31.47 18.82
CA SER B 107 9.34 -31.45 18.96
C SER B 107 10.05 -31.12 17.64
N SER B 108 9.97 -29.85 17.28
CA SER B 108 10.63 -29.38 16.07
C SER B 108 12.15 -29.33 16.17
N LEU B 109 12.79 -30.49 16.32
CA LEU B 109 14.24 -30.62 16.33
C LEU B 109 14.58 -31.67 15.29
N THR B 110 14.69 -31.26 14.04
CA THR B 110 14.97 -32.17 12.95
C THR B 110 15.88 -31.44 11.97
N SER B 111 16.60 -32.20 11.15
CA SER B 111 17.37 -31.58 10.07
C SER B 111 16.45 -30.96 9.05
N THR B 112 15.46 -31.70 8.58
CA THR B 112 14.55 -31.25 7.55
C THR B 112 13.11 -31.32 8.04
N ALA B 113 12.19 -30.87 7.18
CA ALA B 113 10.77 -30.91 7.50
C ALA B 113 9.94 -31.50 6.37
N ASP B 114 10.56 -32.27 5.47
CA ASP B 114 9.79 -33.05 4.53
C ASP B 114 9.07 -34.18 5.24
N VAL B 115 8.06 -34.73 4.57
CA VAL B 115 7.48 -35.99 5.02
C VAL B 115 8.02 -37.16 4.24
N ARG B 116 8.61 -36.92 3.07
CA ARG B 116 9.18 -38.04 2.31
C ARG B 116 10.40 -38.60 3.00
N TYR B 117 11.20 -37.76 3.63
CA TYR B 117 12.37 -38.25 4.35
C TYR B 117 12.69 -37.28 5.48
N ARG B 118 12.47 -37.71 6.72
CA ARG B 118 12.95 -36.96 7.86
C ARG B 118 13.17 -37.92 9.01
N ALA B 119 13.86 -37.43 10.03
CA ALA B 119 14.27 -38.26 11.15
C ALA B 119 13.09 -38.52 12.09
N ALA B 120 13.38 -39.27 13.14
CA ALA B 120 12.39 -39.56 14.15
C ALA B 120 12.23 -38.35 15.08
N PRO B 121 11.03 -38.14 15.62
CA PRO B 121 10.83 -37.02 16.55
C PRO B 121 11.42 -37.36 17.91
N TRP B 122 12.38 -36.55 18.36
CA TRP B 122 12.90 -36.71 19.70
C TRP B 122 11.85 -36.29 20.72
N GLU B 123 11.23 -37.24 21.36
CA GLU B 123 10.24 -36.83 22.35
C GLU B 123 10.89 -36.73 23.71
N PRO B 124 10.68 -35.65 24.45
CA PRO B 124 11.31 -35.50 25.75
C PRO B 124 10.64 -36.37 26.80
N PRO B 125 11.23 -36.49 28.00
CA PRO B 125 10.52 -37.16 29.10
C PRO B 125 9.27 -36.44 29.57
N CYS B 126 8.62 -37.02 30.59
CA CYS B 126 7.29 -36.59 30.96
C CYS B 126 7.27 -35.25 31.68
N GLY B 127 8.34 -34.92 32.40
CA GLY B 127 8.20 -33.84 33.37
C GLY B 127 8.92 -32.55 33.10
N LEU B 128 9.84 -32.52 32.13
CA LEU B 128 10.75 -31.38 32.07
C LEU B 128 10.07 -30.13 31.49
N THR B 129 9.29 -30.28 30.42
CA THR B 129 8.55 -29.13 29.91
C THR B 129 7.44 -28.70 30.86
N GLU B 130 6.92 -29.63 31.66
CA GLU B 130 6.00 -29.24 32.70
C GLU B 130 6.71 -28.48 33.81
N SER B 131 7.97 -28.84 34.08
CA SER B 131 8.70 -28.23 35.18
C SER B 131 9.08 -26.78 34.88
N VAL B 132 9.54 -26.51 33.66
CA VAL B 132 9.94 -25.15 33.31
C VAL B 132 8.71 -24.25 33.22
N GLU B 133 7.58 -24.79 32.79
CA GLU B 133 6.37 -23.98 32.67
C GLU B 133 5.83 -23.56 34.03
N VAL B 134 5.81 -24.47 35.00
CA VAL B 134 5.32 -24.11 36.33
C VAL B 134 6.34 -23.22 37.04
N LEU B 135 7.61 -23.28 36.65
CA LEU B 135 8.60 -22.37 37.18
C LEU B 135 8.32 -20.94 36.72
N CYS B 136 8.03 -20.77 35.43
CA CYS B 136 7.72 -19.44 34.94
C CYS B 136 6.31 -19.01 35.32
N LEU B 137 5.40 -19.94 35.56
CA LEU B 137 4.09 -19.55 36.05
C LEU B 137 4.14 -19.12 37.51
N LEU B 138 5.16 -19.55 38.25
CA LEU B 138 5.37 -19.02 39.58
C LEU B 138 5.80 -17.56 39.54
N VAL B 139 6.71 -17.21 38.63
CA VAL B 139 7.23 -15.85 38.61
C VAL B 139 6.23 -14.89 37.97
N PHE B 140 5.25 -15.38 37.23
CA PHE B 140 4.19 -14.51 36.78
C PHE B 140 3.22 -14.21 37.91
N ALA B 141 3.00 -15.17 38.80
CA ALA B 141 2.17 -14.93 39.97
C ALA B 141 2.84 -13.93 40.91
N ALA B 142 4.16 -13.98 41.00
CA ALA B 142 4.89 -13.03 41.83
C ALA B 142 4.81 -11.63 41.26
N ASP B 143 4.81 -11.50 39.93
CA ASP B 143 4.70 -10.18 39.32
C ASP B 143 3.33 -9.57 39.52
N LEU B 144 2.28 -10.38 39.41
CA LEU B 144 0.93 -9.87 39.64
C LEU B 144 0.73 -9.47 41.10
N SER B 145 1.28 -10.26 42.03
CA SER B 145 1.08 -10.00 43.45
C SER B 145 1.83 -8.75 43.90
N VAL B 146 2.99 -8.49 43.29
CA VAL B 146 3.67 -7.22 43.55
C VAL B 146 2.88 -6.08 42.94
N LYS B 147 2.38 -6.25 41.72
CA LYS B 147 1.67 -5.18 41.03
C LYS B 147 0.31 -4.92 41.64
N GLY B 148 -0.28 -5.91 42.30
CA GLY B 148 -1.51 -5.67 43.03
C GLY B 148 -1.28 -5.05 44.38
N TYR B 149 -0.13 -5.33 44.99
CA TYR B 149 0.18 -4.75 46.30
C TYR B 149 0.55 -3.28 46.17
N LEU B 150 1.27 -2.93 45.10
CA LEU B 150 1.73 -1.58 44.90
C LEU B 150 0.64 -0.63 44.44
N PHE B 151 -0.47 -1.17 43.95
CA PHE B 151 -1.56 -0.33 43.48
C PHE B 151 -2.78 -0.61 44.35
N GLY B 152 -3.80 0.22 44.18
CA GLY B 152 -4.97 0.10 45.02
C GLY B 152 -5.85 -1.08 44.63
N TRP B 153 -6.60 -1.56 45.63
CA TRP B 153 -7.60 -2.58 45.36
C TRP B 153 -8.71 -2.03 44.47
N ALA B 154 -9.07 -0.76 44.68
CA ALA B 154 -10.07 -0.13 43.83
C ALA B 154 -9.55 0.04 42.41
N HIS B 155 -8.26 0.31 42.27
CA HIS B 155 -7.62 0.28 40.96
C HIS B 155 -7.53 -1.14 40.42
N PHE B 156 -7.36 -2.13 41.32
CA PHE B 156 -7.20 -3.51 40.87
C PHE B 156 -8.51 -4.07 40.33
N GLN B 157 -9.64 -3.71 40.93
CA GLN B 157 -10.90 -4.22 40.44
C GLN B 157 -11.35 -3.53 39.16
N LYS B 158 -10.88 -2.31 38.92
CA LYS B 158 -11.32 -1.54 37.76
C LYS B 158 -10.46 -1.79 36.54
N ASN B 159 -9.19 -2.15 36.71
CA ASN B 159 -8.31 -2.36 35.58
C ASN B 159 -8.59 -3.71 34.94
N LEU B 160 -8.90 -3.70 33.65
CA LEU B 160 -9.26 -4.92 32.96
C LEU B 160 -8.05 -5.80 32.66
N TRP B 161 -6.87 -5.19 32.52
CA TRP B 161 -5.69 -5.98 32.22
C TRP B 161 -5.25 -6.80 33.42
N LEU B 162 -5.47 -6.28 34.63
CA LEU B 162 -5.09 -7.04 35.81
C LEU B 162 -6.07 -8.18 36.07
N LEU B 163 -7.35 -7.97 35.77
CA LEU B 163 -8.33 -9.03 35.96
C LEU B 163 -8.14 -10.14 34.95
N GLY B 164 -7.83 -9.78 33.70
CA GLY B 164 -7.51 -10.79 32.71
C GLY B 164 -6.23 -11.53 33.01
N TYR B 165 -5.30 -10.88 33.70
CA TYR B 165 -4.07 -11.51 34.13
C TYR B 165 -4.35 -12.63 35.13
N LEU B 166 -5.23 -12.36 36.09
CA LEU B 166 -5.58 -13.36 37.10
C LEU B 166 -6.34 -14.52 36.49
N VAL B 167 -7.20 -14.24 35.50
CA VAL B 167 -8.01 -15.27 34.88
C VAL B 167 -7.12 -16.22 34.07
N VAL B 168 -6.18 -15.67 33.31
CA VAL B 168 -5.31 -16.49 32.47
C VAL B 168 -4.37 -17.34 33.33
N LEU B 169 -3.94 -16.79 34.47
CA LEU B 169 -3.03 -17.52 35.36
C LEU B 169 -3.70 -18.72 36.00
N VAL B 170 -4.99 -18.62 36.33
CA VAL B 170 -5.63 -19.74 37.00
C VAL B 170 -6.05 -20.81 35.98
N VAL B 171 -6.38 -20.43 34.75
CA VAL B 171 -6.77 -21.41 33.74
C VAL B 171 -5.55 -22.16 33.22
N SER B 172 -4.41 -21.46 33.10
CA SER B 172 -3.17 -22.14 32.74
C SER B 172 -2.71 -23.08 33.85
N LEU B 173 -3.03 -22.76 35.11
CA LEU B 173 -2.66 -23.64 36.19
C LEU B 173 -3.62 -24.82 36.33
N VAL B 174 -4.89 -24.62 36.00
CA VAL B 174 -5.84 -25.73 36.00
C VAL B 174 -5.48 -26.73 34.92
N ASP B 175 -5.15 -26.23 33.73
CA ASP B 175 -4.76 -27.10 32.63
C ASP B 175 -3.43 -27.79 32.91
N TRP B 176 -2.56 -27.16 33.69
CA TRP B 176 -1.29 -27.79 34.04
C TRP B 176 -1.51 -28.99 34.96
N THR B 177 -2.38 -28.84 35.97
CA THR B 177 -2.68 -29.95 36.86
C THR B 177 -3.47 -31.04 36.16
N VAL B 178 -4.30 -30.68 35.18
CA VAL B 178 -5.06 -31.67 34.44
C VAL B 178 -4.13 -32.47 33.52
N SER B 179 -3.27 -31.77 32.79
CA SER B 179 -2.33 -32.43 31.89
C SER B 179 -1.24 -33.20 32.62
N LEU B 180 -1.06 -32.96 33.92
CA LEU B 180 -0.13 -33.75 34.70
C LEU B 180 -0.81 -34.84 35.51
N SER B 181 -2.13 -34.76 35.72
CA SER B 181 -2.85 -35.87 36.34
C SER B 181 -2.85 -37.08 35.43
N LEU B 182 -3.01 -36.87 34.12
CA LEU B 182 -2.64 -37.87 33.15
C LEU B 182 -1.13 -37.78 32.92
N VAL B 183 -0.53 -38.89 32.47
CA VAL B 183 0.92 -38.95 32.35
C VAL B 183 1.26 -38.44 30.94
N CYS B 184 1.21 -37.10 30.81
CA CYS B 184 1.43 -36.31 29.58
C CYS B 184 0.71 -36.90 28.37
N HIS B 185 -0.59 -37.15 28.52
CA HIS B 185 -1.33 -37.79 27.45
C HIS B 185 -2.55 -36.99 26.99
N GLU B 186 -2.70 -35.77 27.47
CA GLU B 186 -3.67 -34.88 26.85
C GLU B 186 -3.00 -34.28 25.63
N PRO B 187 -3.48 -34.56 24.42
CA PRO B 187 -2.79 -34.08 23.22
C PRO B 187 -2.88 -32.58 23.05
N LEU B 188 -4.09 -32.03 23.11
CA LEU B 188 -4.30 -30.61 22.93
C LEU B 188 -4.33 -29.91 24.28
N ARG B 189 -3.53 -28.87 24.43
CA ARG B 189 -3.41 -28.13 25.68
C ARG B 189 -3.88 -26.71 25.44
N ILE B 190 -4.89 -26.30 26.19
CA ILE B 190 -5.41 -24.94 26.04
C ILE B 190 -4.45 -23.94 26.66
N ARG B 191 -3.61 -24.37 27.59
CA ARG B 191 -2.71 -23.47 28.29
C ARG B 191 -1.61 -22.89 27.41
N ARG B 192 -1.41 -23.41 26.21
CA ARG B 192 -0.48 -22.79 25.27
C ARG B 192 -1.11 -21.65 24.50
N LEU B 193 -2.44 -21.64 24.38
CA LEU B 193 -3.09 -20.58 23.63
C LEU B 193 -3.06 -19.25 24.38
N LEU B 194 -3.00 -19.31 25.70
CA LEU B 194 -2.98 -18.12 26.52
C LEU B 194 -1.59 -17.56 26.71
N ARG B 195 -0.58 -18.26 26.21
CA ARG B 195 0.79 -17.78 26.33
C ARG B 195 1.13 -16.45 25.63
N PRO B 196 0.54 -16.06 24.49
CA PRO B 196 0.80 -14.70 24.00
C PRO B 196 0.23 -13.59 24.86
N PHE B 197 -0.67 -13.88 25.80
CA PHE B 197 -1.24 -12.81 26.61
C PHE B 197 -0.22 -12.21 27.55
N PHE B 198 0.78 -12.98 27.96
CA PHE B 198 1.80 -12.45 28.86
C PHE B 198 2.72 -11.47 28.14
N LEU B 199 2.90 -11.64 26.84
CA LEU B 199 3.71 -10.69 26.08
C LEU B 199 2.97 -9.38 25.89
N LEU B 200 1.65 -9.42 25.72
CA LEU B 200 0.88 -8.19 25.55
C LEU B 200 0.82 -7.38 26.83
N GLN B 201 0.61 -8.05 27.96
CA GLN B 201 0.40 -7.35 29.22
C GLN B 201 1.67 -6.69 29.74
N ASN B 202 2.84 -7.14 29.31
CA ASN B 202 4.06 -6.56 29.82
C ASN B 202 4.35 -5.20 29.19
N SER B 203 4.14 -5.06 27.89
CA SER B 203 4.50 -3.84 27.20
C SER B 203 3.33 -2.88 27.15
N SER B 204 3.63 -1.65 26.76
CA SER B 204 2.62 -0.60 26.66
C SER B 204 2.39 -0.14 25.24
N MET B 205 3.37 -0.28 24.36
CA MET B 205 3.17 0.08 22.96
C MET B 205 2.24 -0.89 22.26
N MET B 206 2.21 -2.16 22.70
CA MET B 206 1.24 -3.10 22.16
C MET B 206 -0.18 -2.74 22.60
N LYS B 207 -0.33 -2.20 23.80
CA LYS B 207 -1.66 -1.84 24.26
C LYS B 207 -2.18 -0.61 23.54
N LYS B 208 -1.28 0.33 23.20
CA LYS B 208 -1.71 1.52 22.48
C LYS B 208 -2.14 1.18 21.07
N THR B 209 -1.41 0.32 20.38
CA THR B 209 -1.75 -0.01 19.01
C THR B 209 -3.00 -0.86 18.92
N LEU B 210 -3.31 -1.64 19.95
CA LEU B 210 -4.54 -2.42 19.92
C LEU B 210 -5.76 -1.53 20.12
N LYS B 211 -5.60 -0.40 20.81
CA LYS B 211 -6.69 0.55 20.88
C LYS B 211 -6.93 1.19 19.52
N CYS B 212 -5.87 1.42 18.75
CA CYS B 212 -6.01 2.07 17.45
C CYS B 212 -6.69 1.16 16.45
N ILE B 213 -6.51 -0.15 16.57
CA ILE B 213 -7.25 -1.07 15.71
C ILE B 213 -8.70 -1.20 16.18
N ARG B 214 -8.96 -0.96 17.47
CA ARG B 214 -10.31 -1.06 17.98
C ARG B 214 -11.23 0.00 17.39
N TRP B 215 -10.70 1.19 17.15
CA TRP B 215 -11.56 2.23 16.59
C TRP B 215 -11.79 2.05 15.11
N SER B 216 -10.88 1.39 14.41
CA SER B 216 -11.03 1.22 12.97
C SER B 216 -11.98 0.10 12.61
N LEU B 217 -12.27 -0.79 13.54
CA LEU B 217 -13.14 -1.93 13.27
C LEU B 217 -14.57 -1.61 12.84
N PRO B 218 -15.24 -0.52 13.26
CA PRO B 218 -16.54 -0.21 12.66
C PRO B 218 -16.49 0.11 11.17
N GLU B 219 -15.38 0.60 10.63
CA GLU B 219 -15.37 0.93 9.22
C GLU B 219 -14.91 -0.24 8.36
N MET B 220 -13.94 -1.01 8.83
CA MET B 220 -13.43 -2.14 8.08
C MET B 220 -14.47 -3.24 7.94
N ALA B 221 -15.40 -3.32 8.89
CA ALA B 221 -16.50 -4.26 8.74
C ALA B 221 -17.40 -3.86 7.59
N SER B 222 -17.64 -2.56 7.43
CA SER B 222 -18.51 -2.08 6.36
C SER B 222 -17.86 -2.25 5.00
N VAL B 223 -16.54 -2.18 4.93
CA VAL B 223 -15.85 -2.42 3.67
C VAL B 223 -15.85 -3.91 3.34
N GLY B 224 -15.68 -4.75 4.36
CA GLY B 224 -15.77 -6.18 4.15
C GLY B 224 -17.16 -6.66 3.81
N LEU B 225 -18.19 -5.94 4.27
CA LEU B 225 -19.55 -6.20 3.81
C LEU B 225 -19.68 -5.90 2.33
N LEU B 226 -19.16 -4.75 1.90
CA LEU B 226 -19.14 -4.39 0.48
C LEU B 226 -18.26 -5.34 -0.33
N LEU B 227 -17.29 -5.96 0.31
CA LEU B 227 -16.50 -6.99 -0.36
C LEU B 227 -17.30 -8.27 -0.52
N ALA B 228 -18.13 -8.60 0.47
CA ALA B 228 -18.89 -9.84 0.40
C ALA B 228 -20.02 -9.72 -0.61
N ILE B 229 -20.60 -8.53 -0.75
CA ILE B 229 -21.57 -8.27 -1.80
C ILE B 229 -20.91 -8.40 -3.17
N HIS B 230 -19.65 -7.97 -3.27
CA HIS B 230 -18.89 -8.03 -4.52
C HIS B 230 -18.67 -9.46 -4.98
N LEU B 231 -18.36 -10.36 -4.06
CA LEU B 231 -18.09 -11.74 -4.45
C LEU B 231 -19.36 -12.49 -4.82
N CYS B 232 -20.44 -12.28 -4.06
CA CYS B 232 -21.65 -13.06 -4.30
C CYS B 232 -22.37 -12.62 -5.56
N LEU B 233 -22.24 -11.35 -5.95
CA LEU B 233 -22.86 -10.92 -7.19
C LEU B 233 -22.12 -11.45 -8.40
N PHE B 234 -20.80 -11.42 -8.40
CA PHE B 234 -20.08 -11.89 -9.57
C PHE B 234 -19.94 -13.40 -9.62
N THR B 235 -20.21 -14.11 -8.53
CA THR B 235 -20.24 -15.56 -8.66
C THR B 235 -21.55 -16.05 -9.22
N MET B 236 -22.62 -15.26 -9.10
CA MET B 236 -23.87 -15.63 -9.76
C MET B 236 -23.88 -15.13 -11.19
N PHE B 237 -23.32 -13.94 -11.41
CA PHE B 237 -23.13 -13.45 -12.77
C PHE B 237 -22.14 -14.32 -13.54
N GLY B 238 -21.16 -14.87 -12.83
CA GLY B 238 -20.20 -15.74 -13.49
C GLY B 238 -20.77 -17.10 -13.83
N MET B 239 -21.58 -17.66 -12.93
CA MET B 239 -22.13 -18.99 -13.16
C MET B 239 -23.21 -18.97 -14.23
N LEU B 240 -23.84 -17.82 -14.46
CA LEU B 240 -24.76 -17.69 -15.59
C LEU B 240 -23.99 -17.60 -16.90
N LEU B 241 -22.83 -16.97 -16.87
CA LEU B 241 -22.14 -16.58 -18.08
C LEU B 241 -21.33 -17.73 -18.68
N PHE B 242 -20.61 -18.48 -17.84
CA PHE B 242 -19.68 -19.48 -18.31
C PHE B 242 -20.23 -20.89 -18.28
N ALA B 243 -20.96 -21.27 -17.22
CA ALA B 243 -21.47 -22.62 -17.12
C ALA B 243 -22.66 -22.87 -18.05
N GLY B 244 -23.26 -21.81 -18.57
CA GLY B 244 -24.35 -21.95 -19.52
C GLY B 244 -23.91 -22.44 -20.88
N LEU B 256 -16.76 -23.89 -16.92
CA LEU B 256 -15.31 -23.96 -16.95
C LEU B 256 -14.80 -25.01 -15.99
N THR B 257 -13.49 -25.12 -15.87
CA THR B 257 -12.89 -25.86 -14.77
C THR B 257 -13.14 -25.14 -13.45
N TYR B 258 -13.36 -23.83 -13.52
CA TYR B 258 -13.45 -22.97 -12.35
C TYR B 258 -14.87 -22.60 -11.97
N PHE B 259 -15.80 -22.54 -12.93
CA PHE B 259 -17.17 -22.11 -12.68
C PHE B 259 -18.12 -23.26 -12.96
N GLN B 260 -18.37 -24.09 -11.95
CA GLN B 260 -19.27 -25.22 -12.11
C GLN B 260 -20.15 -25.52 -10.91
N ASN B 261 -20.10 -24.71 -9.86
CA ASN B 261 -20.77 -25.05 -8.61
C ASN B 261 -20.88 -23.77 -7.80
N LEU B 262 -21.48 -23.85 -6.61
CA LEU B 262 -21.29 -22.72 -5.68
C LEU B 262 -19.94 -22.72 -4.99
N PRO B 263 -19.47 -23.79 -4.32
CA PRO B 263 -18.21 -23.62 -3.60
C PRO B 263 -17.00 -23.59 -4.50
N GLU B 264 -17.10 -24.12 -5.72
CA GLU B 264 -15.97 -24.02 -6.63
C GLU B 264 -15.88 -22.64 -7.26
N SER B 265 -17.03 -22.03 -7.57
CA SER B 265 -17.00 -20.69 -8.16
C SER B 265 -16.69 -19.64 -7.12
N LEU B 266 -17.09 -19.86 -5.87
CA LEU B 266 -16.85 -18.88 -4.84
C LEU B 266 -15.38 -18.85 -4.45
N THR B 267 -14.69 -19.98 -4.58
CA THR B 267 -13.26 -19.99 -4.33
C THR B 267 -12.50 -19.30 -5.44
N SER B 268 -12.93 -19.49 -6.69
CA SER B 268 -12.21 -18.96 -7.84
C SER B 268 -12.21 -17.44 -7.85
N LEU B 269 -13.31 -16.83 -7.43
CA LEU B 269 -13.33 -15.38 -7.35
C LEU B 269 -12.71 -14.87 -6.06
N LEU B 270 -12.65 -15.71 -5.03
CA LEU B 270 -11.95 -15.29 -3.82
C LEU B 270 -10.45 -15.28 -4.04
N VAL B 271 -9.94 -16.27 -4.77
CA VAL B 271 -8.51 -16.33 -5.03
C VAL B 271 -8.11 -15.26 -6.04
N LEU B 272 -8.99 -14.92 -6.99
CA LEU B 272 -8.68 -13.86 -7.93
C LEU B 272 -8.68 -12.49 -7.26
N LEU B 273 -9.40 -12.35 -6.15
CA LEU B 273 -9.44 -11.09 -5.41
C LEU B 273 -8.07 -10.69 -4.90
N THR B 274 -7.25 -11.66 -4.53
CA THR B 274 -5.87 -11.40 -4.16
C THR B 274 -4.90 -11.67 -5.29
N THR B 275 -5.41 -11.87 -6.51
CA THR B 275 -4.67 -12.07 -7.76
C THR B 275 -3.64 -13.18 -7.64
N ALA B 276 -4.07 -14.32 -7.16
CA ALA B 276 -3.16 -15.44 -7.06
C ALA B 276 -3.20 -16.35 -8.27
N ASN B 277 -4.28 -16.31 -9.06
CA ASN B 277 -4.30 -16.94 -10.38
C ASN B 277 -4.83 -15.92 -11.37
N ASN B 278 -3.99 -15.01 -11.81
CA ASN B 278 -4.58 -14.01 -12.68
C ASN B 278 -4.73 -14.42 -14.14
N PRO B 279 -3.73 -15.01 -14.82
CA PRO B 279 -4.02 -15.48 -16.17
C PRO B 279 -4.73 -16.81 -16.18
N ASP B 280 -4.65 -17.59 -15.09
CA ASP B 280 -5.13 -18.96 -15.12
C ASP B 280 -6.64 -19.03 -15.15
N VAL B 281 -7.32 -18.15 -14.40
CA VAL B 281 -8.77 -18.26 -14.27
C VAL B 281 -9.50 -17.74 -15.49
N MET B 282 -8.80 -17.08 -16.40
CA MET B 282 -9.45 -16.54 -17.59
C MET B 282 -8.80 -17.01 -18.88
N ILE B 283 -8.04 -18.10 -18.86
CA ILE B 283 -7.65 -18.73 -20.11
C ILE B 283 -8.86 -19.26 -20.89
N PRO B 284 -9.74 -20.13 -20.36
CA PRO B 284 -10.74 -20.73 -21.23
C PRO B 284 -11.82 -19.76 -21.67
N ALA B 285 -12.07 -18.71 -20.90
CA ALA B 285 -13.00 -17.69 -21.35
C ALA B 285 -12.41 -16.84 -22.46
N TYR B 286 -11.21 -16.31 -22.24
CA TYR B 286 -10.59 -15.38 -23.19
C TYR B 286 -10.14 -16.07 -24.47
N SER B 287 -10.03 -17.39 -24.47
CA SER B 287 -9.75 -18.06 -25.72
C SER B 287 -10.99 -18.26 -26.58
N LYS B 288 -12.18 -18.27 -25.98
CA LYS B 288 -13.39 -18.41 -26.78
C LYS B 288 -13.77 -17.09 -27.44
N ASN B 289 -13.65 -15.99 -26.72
CA ASN B 289 -14.03 -14.70 -27.27
C ASN B 289 -13.23 -13.62 -26.56
N ARG B 290 -12.92 -12.56 -27.28
CA ARG B 290 -12.12 -11.47 -26.74
C ARG B 290 -12.88 -10.60 -25.75
N ALA B 291 -14.18 -10.75 -25.66
CA ALA B 291 -14.96 -9.85 -24.82
C ALA B 291 -15.05 -10.30 -23.38
N TYR B 292 -14.73 -11.56 -23.09
CA TYR B 292 -14.79 -12.01 -21.71
C TYR B 292 -13.63 -11.52 -20.86
N ALA B 293 -12.66 -10.83 -21.46
CA ALA B 293 -11.63 -10.18 -20.67
C ALA B 293 -12.21 -9.04 -19.85
N ILE B 294 -13.30 -8.43 -20.30
CA ILE B 294 -13.88 -7.29 -19.60
C ILE B 294 -14.45 -7.71 -18.26
N PHE B 295 -14.94 -8.94 -18.16
CA PHE B 295 -15.54 -9.41 -16.92
C PHE B 295 -14.49 -9.56 -15.84
N PHE B 296 -13.30 -10.03 -16.19
CA PHE B 296 -12.27 -10.25 -15.20
C PHE B 296 -11.42 -9.00 -14.95
N ILE B 297 -11.39 -8.07 -15.90
CA ILE B 297 -10.69 -6.81 -15.67
C ILE B 297 -11.45 -5.96 -14.67
N VAL B 298 -12.77 -5.90 -14.79
CA VAL B 298 -13.59 -5.07 -13.91
C VAL B 298 -13.63 -5.63 -12.51
N PHE B 299 -13.55 -6.96 -12.37
CA PHE B 299 -13.60 -7.58 -11.04
C PHE B 299 -12.38 -7.21 -10.21
N THR B 300 -11.22 -7.16 -10.84
CA THR B 300 -10.00 -6.85 -10.10
C THR B 300 -9.67 -5.37 -10.09
N VAL B 301 -10.46 -4.53 -10.76
CA VAL B 301 -10.33 -3.08 -10.55
C VAL B 301 -11.18 -2.65 -9.37
N ILE B 302 -12.40 -3.16 -9.28
CA ILE B 302 -13.23 -2.92 -8.10
C ILE B 302 -12.65 -3.64 -6.90
N GLY B 303 -12.36 -4.93 -7.04
CA GLY B 303 -11.91 -5.74 -5.94
C GLY B 303 -10.55 -5.44 -5.35
N SER B 304 -9.49 -5.74 -6.08
CA SER B 304 -8.15 -5.64 -5.53
C SER B 304 -7.66 -4.20 -5.50
N LEU B 305 -8.00 -3.41 -6.51
CA LEU B 305 -7.49 -2.05 -6.56
C LEU B 305 -8.27 -1.13 -5.63
N PHE B 306 -9.58 -0.98 -5.85
CA PHE B 306 -10.35 0.03 -5.12
C PHE B 306 -10.58 -0.34 -3.67
N LEU B 307 -11.03 -1.56 -3.40
CA LEU B 307 -11.48 -1.87 -2.06
C LEU B 307 -10.37 -2.34 -1.13
N MET B 308 -9.32 -2.96 -1.66
CA MET B 308 -8.22 -3.33 -0.78
C MET B 308 -7.33 -2.14 -0.45
N ASN B 309 -7.25 -1.15 -1.34
CA ASN B 309 -6.51 0.05 -0.98
C ASN B 309 -7.36 0.99 -0.14
N LEU B 310 -8.69 0.89 -0.23
CA LEU B 310 -9.54 1.63 0.68
C LEU B 310 -9.40 1.11 2.10
N LEU B 311 -9.04 -0.17 2.25
CA LEU B 311 -8.91 -0.73 3.58
C LEU B 311 -7.60 -0.33 4.24
N THR B 312 -6.60 0.04 3.45
CA THR B 312 -5.37 0.59 4.03
C THR B 312 -5.64 1.96 4.64
N ALA B 313 -6.37 2.81 3.92
CA ALA B 313 -6.54 4.19 4.33
C ALA B 313 -7.42 4.33 5.56
N ILE B 314 -8.23 3.32 5.83
CA ILE B 314 -9.02 3.33 7.05
C ILE B 314 -8.11 3.13 8.26
N ILE B 315 -7.16 2.20 8.15
CA ILE B 315 -6.25 1.94 9.26
C ILE B 315 -5.27 3.10 9.45
N TYR B 316 -4.87 3.77 8.36
CA TYR B 316 -3.98 4.91 8.50
C TYR B 316 -4.69 6.08 9.16
N SER B 317 -6.01 6.20 8.99
CA SER B 317 -6.74 7.32 9.53
C SER B 317 -6.91 7.27 11.04
N GLN B 318 -6.50 6.19 11.70
CA GLN B 318 -6.43 6.16 13.15
C GLN B 318 -5.00 6.19 13.67
N PHE B 319 -4.02 5.98 12.80
CA PHE B 319 -2.61 6.12 13.14
C PHE B 319 -2.04 7.44 12.64
N ARG B 320 -2.88 8.41 12.33
CA ARG B 320 -2.40 9.59 11.62
C ARG B 320 -1.62 10.52 12.52
N GLY B 321 -1.93 10.54 13.80
CA GLY B 321 -1.23 11.41 14.73
C GLY B 321 -0.60 10.63 15.85
N TYR B 322 -0.02 9.47 15.51
CA TYR B 322 0.35 8.47 16.51
C TYR B 322 1.52 8.92 17.36
N LEU B 323 2.58 9.45 16.75
CA LEU B 323 3.76 9.77 17.53
C LEU B 323 3.61 11.08 18.30
N MET B 324 2.82 12.02 17.77
CA MET B 324 2.67 13.30 18.46
C MET B 324 1.83 13.16 19.71
N LYS B 325 0.89 12.21 19.74
CA LYS B 325 0.21 11.91 21.00
C LYS B 325 1.17 11.32 22.02
N SER B 326 2.19 10.59 21.56
CA SER B 326 3.13 9.98 22.49
C SER B 326 4.02 11.02 23.15
N LEU B 327 4.41 12.06 22.42
CA LEU B 327 5.21 13.10 23.05
C LEU B 327 4.36 13.98 23.97
N GLN B 328 3.11 14.22 23.60
CA GLN B 328 2.26 15.05 24.44
C GLN B 328 1.86 14.34 25.72
N THR B 329 1.68 13.02 25.66
CA THR B 329 1.35 12.30 26.88
C THR B 329 2.58 12.13 27.76
N SER B 330 3.74 11.92 27.15
CA SER B 330 4.96 11.73 27.93
C SER B 330 5.40 13.03 28.60
N LEU B 331 5.23 14.17 27.91
CA LEU B 331 5.52 15.45 28.56
C LEU B 331 4.51 15.77 29.65
N PHE B 332 3.27 15.33 29.48
CA PHE B 332 2.27 15.56 30.53
C PHE B 332 2.56 14.70 31.75
N ARG B 333 3.13 13.52 31.53
CA ARG B 333 3.50 12.67 32.65
C ARG B 333 4.72 13.21 33.38
N ARG B 334 5.59 13.92 32.65
CA ARG B 334 6.78 14.48 33.29
C ARG B 334 6.44 15.69 34.13
N ARG B 335 5.53 16.55 33.64
CA ARG B 335 5.17 17.75 34.39
C ARG B 335 4.36 17.42 35.63
N LEU B 336 3.53 16.38 35.58
CA LEU B 336 2.80 15.97 36.77
C LEU B 336 3.71 15.33 37.80
N GLY B 337 4.81 14.72 37.37
CA GLY B 337 5.72 14.12 38.32
C GLY B 337 6.49 15.15 39.12
N THR B 338 7.00 16.17 38.43
CA THR B 338 7.82 17.18 39.11
C THR B 338 6.96 18.11 39.95
N ARG B 339 5.71 18.33 39.55
CA ARG B 339 4.80 19.14 40.35
C ARG B 339 4.46 18.46 41.67
N ALA B 340 4.24 17.15 41.64
CA ALA B 340 3.99 16.41 42.87
C ALA B 340 5.23 16.30 43.73
N ALA B 341 6.41 16.35 43.13
CA ALA B 341 7.63 16.40 43.90
C ALA B 341 7.79 17.73 44.61
N PHE B 342 7.42 18.82 43.92
CA PHE B 342 7.49 20.15 44.52
C PHE B 342 6.48 20.31 45.65
N GLU B 343 5.26 19.83 45.43
CA GLU B 343 4.18 20.08 46.38
C GLU B 343 4.36 19.30 47.67
N VAL B 344 5.07 18.16 47.62
CA VAL B 344 5.39 17.48 48.86
C VAL B 344 6.68 18.01 49.47
N LEU B 345 7.53 18.68 48.70
CA LEU B 345 8.76 19.21 49.26
C LEU B 345 8.58 20.58 49.89
N SER B 346 7.61 21.36 49.40
CA SER B 346 7.28 22.62 50.05
C SER B 346 6.52 22.40 51.36
N SER B 347 5.98 21.22 51.56
CA SER B 347 5.22 20.89 52.77
C SER B 347 6.01 19.97 53.69
N MET B 348 7.33 20.20 53.80
CA MET B 348 8.15 19.38 54.68
C MET B 348 7.98 19.79 56.14
N VAL B 349 8.39 21.01 56.47
CA VAL B 349 8.24 21.54 57.82
C VAL B 349 7.47 22.84 57.74
N GLY B 350 7.23 23.32 56.51
CA GLY B 350 6.52 24.57 56.31
C GLY B 350 5.10 24.40 55.81
N ALA B 358 6.09 32.45 52.95
CA ALA B 358 5.80 32.37 51.53
C ALA B 358 5.97 30.95 51.03
N VAL B 359 5.64 30.72 49.75
CA VAL B 359 5.69 29.39 49.17
C VAL B 359 7.09 29.13 48.64
N GLY B 360 7.45 27.86 48.56
CA GLY B 360 8.75 27.49 48.06
C GLY B 360 9.41 26.33 48.77
N VAL B 361 10.62 25.96 48.33
CA VAL B 361 11.34 24.82 48.90
C VAL B 361 12.73 25.28 49.31
N LYS B 362 13.35 24.49 50.19
CA LYS B 362 14.71 24.81 50.56
C LYS B 362 15.68 24.02 49.71
N PRO B 363 16.69 24.67 49.11
CA PRO B 363 17.63 23.94 48.24
C PRO B 363 18.51 22.94 48.96
N GLN B 364 18.61 22.99 50.28
CA GLN B 364 19.35 21.96 51.00
C GLN B 364 18.63 20.62 50.93
N ASN B 365 17.29 20.65 51.01
CA ASN B 365 16.54 19.42 50.82
C ASN B 365 16.55 18.98 49.36
N LEU B 366 16.79 19.90 48.43
CA LEU B 366 16.96 19.51 47.04
C LEU B 366 18.26 18.76 46.83
N LEU B 367 19.33 19.16 47.51
CA LEU B 367 20.60 18.44 47.39
C LEU B 367 20.51 17.05 48.04
N GLN B 368 19.64 16.90 49.03
CA GLN B 368 19.41 15.58 49.59
C GLN B 368 18.48 14.73 48.73
N VAL B 369 17.74 15.33 47.81
CA VAL B 369 16.80 14.54 47.01
C VAL B 369 17.30 14.29 45.58
N LEU B 370 18.18 15.13 45.05
CA LEU B 370 18.82 14.81 43.79
C LEU B 370 20.04 13.94 43.97
N GLN B 371 20.39 13.61 45.21
CA GLN B 371 21.53 12.73 45.43
C GLN B 371 21.17 11.28 45.16
N LYS B 372 19.96 10.86 45.56
CA LYS B 372 19.61 9.45 45.62
C LYS B 372 18.74 9.00 44.45
N VAL B 373 18.79 9.69 43.32
CA VAL B 373 18.04 9.29 42.13
C VAL B 373 18.99 8.65 41.15
N GLN B 374 18.43 7.91 40.19
CA GLN B 374 19.21 7.34 39.11
C GLN B 374 19.10 8.23 37.89
N LEU B 375 20.24 8.73 37.41
CA LEU B 375 20.28 9.64 36.27
C LEU B 375 21.69 9.62 35.70
N ASP B 376 21.83 10.15 34.49
CA ASP B 376 23.15 10.32 33.88
C ASP B 376 24.00 11.26 34.70
N SER B 377 25.31 11.00 34.70
CA SER B 377 26.23 11.83 35.48
C SER B 377 26.33 13.23 34.90
N SER B 378 26.22 13.38 33.58
CA SER B 378 26.25 14.69 32.96
C SER B 378 25.01 15.50 33.33
N HIS B 379 23.85 14.83 33.36
CA HIS B 379 22.63 15.50 33.81
C HIS B 379 22.63 15.73 35.32
N LYS B 380 23.26 14.82 36.07
CA LYS B 380 23.31 14.98 37.52
C LYS B 380 24.21 16.15 37.91
N GLN B 381 25.39 16.24 37.28
CA GLN B 381 26.35 17.27 37.67
C GLN B 381 25.90 18.66 37.24
N ALA B 382 25.29 18.77 36.05
CA ALA B 382 24.85 20.06 35.54
C ALA B 382 23.67 20.59 36.33
N MET B 383 22.77 19.71 36.74
CA MET B 383 21.63 20.13 37.57
C MET B 383 22.09 20.51 38.97
N MET B 384 23.03 19.75 39.54
CA MET B 384 23.50 20.04 40.89
C MET B 384 24.30 21.34 40.94
N GLU B 385 25.02 21.67 39.87
CA GLU B 385 25.81 22.90 39.86
C GLU B 385 24.93 24.13 39.71
N LYS B 386 23.78 23.99 39.05
CA LYS B 386 22.85 25.10 38.96
C LYS B 386 22.21 25.40 40.31
N VAL B 387 21.86 24.36 41.07
CA VAL B 387 21.17 24.57 42.33
C VAL B 387 22.15 24.82 43.46
N ARG B 388 23.43 24.45 43.29
CA ARG B 388 24.44 24.84 44.28
C ARG B 388 24.70 26.33 44.23
N SER B 389 24.76 26.89 43.01
CA SER B 389 25.00 28.32 42.84
C SER B 389 23.80 29.17 43.24
N TYR B 390 22.61 28.59 43.25
CA TYR B 390 21.42 29.35 43.64
C TYR B 390 21.38 29.55 45.15
N GLY B 391 20.80 30.68 45.54
CA GLY B 391 20.83 31.10 46.92
C GLY B 391 19.85 30.36 47.80
N SER B 392 19.82 30.75 49.06
CA SER B 392 19.01 30.12 50.09
C SER B 392 17.55 30.56 50.07
N VAL B 393 17.15 31.38 49.09
CA VAL B 393 15.77 31.81 48.97
C VAL B 393 14.93 30.64 48.48
N LEU B 394 13.65 30.65 48.84
CA LEU B 394 12.74 29.57 48.46
C LEU B 394 12.46 29.57 46.97
N LEU B 395 12.37 28.38 46.39
CA LEU B 395 12.23 28.20 44.95
C LEU B 395 10.76 28.02 44.62
N SER B 396 10.25 28.87 43.72
CA SER B 396 8.84 28.92 43.42
C SER B 396 8.42 27.72 42.56
N ALA B 397 7.13 27.69 42.23
CA ALA B 397 6.60 26.60 41.41
C ALA B 397 7.07 26.73 39.96
N GLU B 398 7.14 27.95 39.43
CA GLU B 398 7.63 28.14 38.08
C GLU B 398 9.14 27.89 38.00
N GLU B 399 9.87 28.28 39.05
CA GLU B 399 11.30 28.03 39.08
C GLU B 399 11.61 26.55 39.23
N PHE B 400 10.72 25.80 39.86
CA PHE B 400 10.91 24.36 39.98
C PHE B 400 10.73 23.67 38.63
N GLN B 401 9.67 24.03 37.89
CA GLN B 401 9.38 23.36 36.63
C GLN B 401 10.36 23.72 35.53
N LYS B 402 11.05 24.84 35.63
CA LYS B 402 12.10 25.13 34.67
C LYS B 402 13.42 24.49 35.06
N LEU B 403 13.58 24.11 36.34
CA LEU B 403 14.81 23.48 36.80
C LEU B 403 15.01 22.12 36.16
N PHE B 404 13.93 21.36 36.00
CA PHE B 404 14.01 20.01 35.47
C PHE B 404 13.86 19.98 33.95
N ASN B 405 14.14 21.09 33.28
CA ASN B 405 14.17 21.13 31.82
C ASN B 405 15.60 21.05 31.29
N GLU B 406 16.52 20.51 32.09
CA GLU B 406 17.82 20.09 31.60
C GLU B 406 17.84 18.62 31.26
N LEU B 407 16.68 17.99 31.16
CA LEU B 407 16.53 16.63 30.65
C LEU B 407 16.21 16.62 29.17
N ASP B 408 16.45 17.73 28.47
CA ASP B 408 16.17 17.84 27.05
C ASP B 408 17.42 17.78 26.19
N ARG B 409 18.55 18.23 26.71
CA ARG B 409 19.80 18.18 25.95
C ARG B 409 20.44 16.81 26.09
N SER B 410 21.20 16.41 25.08
CA SER B 410 21.91 15.14 25.07
C SER B 410 23.41 15.40 24.91
N VAL B 411 24.21 14.67 25.69
CA VAL B 411 25.64 14.90 25.80
C VAL B 411 26.36 13.73 25.15
N VAL B 412 27.30 14.04 24.24
CA VAL B 412 28.11 13.05 23.55
C VAL B 412 29.59 13.37 23.77
N LYS B 413 30.38 12.36 24.10
CA LYS B 413 31.84 12.43 24.04
C LYS B 413 32.33 11.15 23.40
N GLU B 414 33.56 11.16 22.87
CA GLU B 414 34.12 9.95 22.27
C GLU B 414 35.29 9.42 23.06
N HIS B 415 36.46 10.12 23.08
CA HIS B 415 37.61 10.12 24.01
C HIS B 415 38.74 11.03 23.52
N PRO B 416 39.68 11.41 24.41
CA PRO B 416 40.96 11.95 23.94
C PRO B 416 42.00 10.86 23.77
N PRO B 417 42.95 11.03 22.87
CA PRO B 417 44.02 10.04 22.70
C PRO B 417 45.08 10.17 23.79
N ARG B 418 46.05 9.24 23.77
CA ARG B 418 47.12 9.20 24.77
C ARG B 418 48.46 9.57 24.15
N PRO B 419 49.33 10.25 24.90
CA PRO B 419 50.65 10.60 24.38
C PRO B 419 51.65 9.46 24.47
N GLU B 420 52.53 9.41 23.48
CA GLU B 420 53.59 8.42 23.41
C GLU B 420 54.84 9.05 24.03
N TYR B 421 55.94 8.30 24.05
CA TYR B 421 57.20 8.77 24.62
C TYR B 421 58.00 9.61 23.63
N GLN B 422 58.31 9.05 22.45
CA GLN B 422 59.00 9.81 21.42
C GLN B 422 58.05 10.82 20.82
N SER B 423 58.31 12.10 21.05
CA SER B 423 57.45 13.16 20.53
C SER B 423 57.45 13.32 19.01
N PRO B 424 58.53 13.09 18.24
CA PRO B 424 58.33 13.07 16.78
C PRO B 424 57.59 11.85 16.28
N PHE B 425 57.63 10.74 17.02
CA PHE B 425 56.93 9.52 16.58
C PHE B 425 55.43 9.68 16.69
N LEU B 426 54.95 10.23 17.81
CA LEU B 426 53.52 10.51 17.95
C LEU B 426 53.08 11.62 17.01
N GLN B 427 53.98 12.55 16.70
CA GLN B 427 53.66 13.64 15.77
C GLN B 427 53.45 13.11 14.36
N SER B 428 54.29 12.17 13.93
CA SER B 428 54.15 11.59 12.60
C SER B 428 52.92 10.68 12.52
N ALA B 429 52.51 10.10 13.64
CA ALA B 429 51.32 9.25 13.63
C ALA B 429 50.05 10.07 13.50
N GLN B 430 49.87 11.06 14.38
CA GLN B 430 48.62 11.81 14.43
C GLN B 430 48.43 12.71 13.22
N PHE B 431 49.53 13.21 12.64
CA PHE B 431 49.44 14.00 11.42
C PHE B 431 48.95 13.17 10.25
N LEU B 432 49.46 11.95 10.13
CA LEU B 432 49.04 11.01 9.11
C LEU B 432 47.89 10.13 9.55
N PHE B 433 47.30 10.42 10.72
CA PHE B 433 46.04 9.81 11.15
C PHE B 433 44.85 10.65 10.73
N GLY B 434 44.94 11.96 10.89
CA GLY B 434 43.86 12.85 10.51
C GLY B 434 44.01 13.31 9.07
N HIS B 435 43.85 12.38 8.14
CA HIS B 435 43.86 12.70 6.72
C HIS B 435 42.47 12.80 6.12
N TYR B 436 41.48 12.13 6.73
CA TYR B 436 40.13 11.84 6.22
C TYR B 436 40.15 10.95 4.97
N TYR B 437 41.30 10.40 4.61
CA TYR B 437 41.44 9.46 3.51
C TYR B 437 42.11 8.17 3.93
N PHE B 438 42.70 8.13 5.14
CA PHE B 438 43.16 6.88 5.74
C PHE B 438 42.03 5.87 5.85
N ASP B 439 40.85 6.34 6.24
CA ASP B 439 39.67 5.49 6.17
C ASP B 439 39.27 5.21 4.74
N TYR B 440 39.42 6.18 3.84
CA TYR B 440 39.07 5.91 2.45
C TYR B 440 40.11 5.04 1.76
N LEU B 441 41.35 5.03 2.26
CA LEU B 441 42.29 4.00 1.83
C LEU B 441 41.85 2.63 2.31
N GLY B 442 41.22 2.56 3.48
CA GLY B 442 40.52 1.34 3.88
C GLY B 442 39.32 1.06 3.00
N ASN B 443 38.64 2.11 2.54
CA ASN B 443 37.47 1.93 1.69
C ASN B 443 37.86 1.54 0.27
N LEU B 444 39.05 1.95 -0.18
CA LEU B 444 39.49 1.57 -1.53
C LEU B 444 39.86 0.11 -1.59
N ILE B 445 40.55 -0.40 -0.57
CA ILE B 445 40.90 -1.81 -0.52
C ILE B 445 39.66 -2.65 -0.19
N ALA B 446 38.67 -2.05 0.46
CA ALA B 446 37.39 -2.74 0.68
C ALA B 446 36.65 -2.97 -0.64
N LEU B 447 36.57 -1.93 -1.48
CA LEU B 447 35.93 -2.11 -2.78
C LEU B 447 36.78 -3.00 -3.69
N ALA B 448 38.10 -2.95 -3.53
CA ALA B 448 38.97 -3.84 -4.31
C ALA B 448 38.79 -5.29 -3.89
N ASN B 449 38.52 -5.53 -2.61
CA ASN B 449 38.30 -6.89 -2.13
C ASN B 449 36.99 -7.46 -2.66
N LEU B 450 35.93 -6.64 -2.65
CA LEU B 450 34.60 -7.15 -2.99
C LEU B 450 34.46 -7.39 -4.49
N VAL B 451 35.14 -6.59 -5.32
CA VAL B 451 35.03 -6.83 -6.75
C VAL B 451 35.79 -8.09 -7.13
N SER B 452 36.82 -8.44 -6.37
CA SER B 452 37.61 -9.64 -6.68
C SER B 452 36.85 -10.91 -6.35
N ILE B 453 36.09 -10.91 -5.26
CA ILE B 453 35.28 -12.07 -4.89
C ILE B 453 34.17 -12.29 -5.90
N CYS B 454 33.58 -11.19 -6.38
CA CYS B 454 32.54 -11.28 -7.39
C CYS B 454 33.08 -11.77 -8.72
N VAL B 455 34.23 -11.26 -9.15
CA VAL B 455 34.69 -11.53 -10.51
C VAL B 455 35.18 -12.96 -10.61
N PHE B 456 35.64 -13.55 -9.51
CA PHE B 456 35.97 -14.96 -9.55
C PHE B 456 34.74 -15.83 -9.38
N LEU B 457 33.67 -15.28 -8.82
CA LEU B 457 32.46 -16.06 -8.60
C LEU B 457 31.77 -16.41 -9.91
N VAL B 458 31.82 -15.51 -10.89
CA VAL B 458 31.31 -15.88 -12.21
C VAL B 458 32.30 -16.79 -12.93
N LEU B 459 33.59 -16.72 -12.57
CA LEU B 459 34.57 -17.59 -13.23
C LEU B 459 34.48 -19.03 -12.73
N ASP B 460 34.33 -19.23 -11.42
CA ASP B 460 34.24 -20.60 -10.93
C ASP B 460 32.88 -21.24 -11.19
N ALA B 461 31.87 -20.46 -11.56
CA ALA B 461 30.51 -20.99 -11.62
C ALA B 461 30.27 -21.81 -12.89
N ASP B 462 30.34 -21.15 -14.04
CA ASP B 462 29.76 -21.69 -15.28
C ASP B 462 30.58 -22.86 -15.81
N VAL B 463 31.89 -22.70 -15.92
CA VAL B 463 32.73 -23.68 -16.60
C VAL B 463 33.60 -24.39 -15.57
N LEU B 464 33.80 -25.70 -15.81
CA LEU B 464 34.51 -26.68 -14.99
C LEU B 464 34.05 -26.62 -13.54
N PRO B 465 32.84 -27.08 -13.21
CA PRO B 465 32.32 -26.92 -11.86
C PRO B 465 32.87 -27.92 -10.86
N ALA B 466 33.57 -28.96 -11.30
CA ALA B 466 34.08 -29.95 -10.37
C ALA B 466 35.36 -29.47 -9.69
N GLU B 467 36.43 -29.31 -10.46
CA GLU B 467 37.75 -29.01 -9.92
C GLU B 467 38.32 -27.80 -10.63
N ARG B 468 38.62 -26.75 -9.87
CA ARG B 468 39.04 -25.46 -10.40
C ARG B 468 40.51 -25.23 -10.08
N ASP B 469 41.11 -24.25 -10.77
CA ASP B 469 42.49 -23.87 -10.51
C ASP B 469 42.66 -23.36 -9.08
N ASP B 470 42.05 -22.20 -8.79
CA ASP B 470 42.05 -21.55 -7.47
C ASP B 470 43.47 -21.26 -6.99
N PHE B 471 44.15 -20.42 -7.76
CA PHE B 471 45.53 -20.09 -7.46
C PHE B 471 45.66 -18.72 -6.80
N ILE B 472 45.16 -17.67 -7.45
CA ILE B 472 45.42 -16.31 -6.98
C ILE B 472 44.42 -15.86 -5.93
N LEU B 473 43.42 -16.67 -5.59
CA LEU B 473 42.44 -16.26 -4.58
C LEU B 473 43.06 -16.20 -3.20
N GLY B 474 43.88 -17.19 -2.86
CA GLY B 474 44.56 -17.18 -1.58
C GLY B 474 45.59 -16.07 -1.45
N ILE B 475 46.14 -15.62 -2.58
CA ILE B 475 47.11 -14.53 -2.55
C ILE B 475 46.44 -13.21 -2.20
N LEU B 476 45.33 -12.89 -2.88
CA LEU B 476 44.63 -11.64 -2.61
C LEU B 476 44.01 -11.64 -1.24
N ASN B 477 43.48 -12.78 -0.81
CA ASN B 477 42.92 -12.86 0.54
C ASN B 477 44.00 -12.82 1.61
N CYS B 478 45.23 -13.21 1.27
CA CYS B 478 46.34 -13.01 2.18
C CYS B 478 46.64 -11.52 2.35
N VAL B 479 46.84 -10.80 1.25
CA VAL B 479 47.30 -9.43 1.33
C VAL B 479 46.20 -8.49 1.83
N PHE B 480 44.94 -8.87 1.67
CA PHE B 480 43.86 -7.99 2.11
C PHE B 480 43.66 -8.08 3.61
N ILE B 481 43.71 -9.28 4.18
CA ILE B 481 43.49 -9.42 5.62
C ILE B 481 44.73 -8.98 6.40
N VAL B 482 45.92 -9.10 5.78
CA VAL B 482 47.13 -8.54 6.37
C VAL B 482 47.04 -7.02 6.43
N TYR B 483 46.48 -6.40 5.39
CA TYR B 483 46.25 -4.96 5.42
C TYR B 483 45.23 -4.59 6.50
N TYR B 484 44.23 -5.43 6.70
CA TYR B 484 43.20 -5.15 7.68
C TYR B 484 43.75 -5.24 9.10
N LEU B 485 44.63 -6.20 9.37
CA LEU B 485 45.19 -6.33 10.70
C LEU B 485 46.13 -5.16 11.00
N LEU B 486 46.80 -4.64 9.98
CA LEU B 486 47.68 -3.49 10.18
C LEU B 486 46.86 -2.25 10.48
N GLU B 487 45.75 -2.05 9.74
CA GLU B 487 44.88 -0.90 9.99
C GLU B 487 44.19 -1.03 11.34
N MET B 488 43.90 -2.26 11.76
CA MET B 488 43.49 -2.54 13.12
C MET B 488 44.55 -2.11 14.13
N LEU B 489 45.81 -2.43 13.85
CA LEU B 489 46.88 -2.18 14.82
C LEU B 489 47.32 -0.72 14.82
N LEU B 490 47.38 -0.08 13.66
CA LEU B 490 47.84 1.31 13.61
C LEU B 490 46.83 2.27 14.22
N LYS B 491 45.56 1.90 14.28
CA LYS B 491 44.57 2.80 14.86
C LYS B 491 44.57 2.76 16.37
N VAL B 492 44.78 1.60 16.98
CA VAL B 492 44.85 1.55 18.45
C VAL B 492 46.17 2.15 18.93
N PHE B 493 47.26 1.93 18.19
CA PHE B 493 48.55 2.52 18.55
C PHE B 493 48.64 4.00 18.20
N ALA B 494 47.61 4.57 17.58
CA ALA B 494 47.43 6.01 17.49
C ALA B 494 46.42 6.55 18.49
N LEU B 495 45.27 5.89 18.64
CA LEU B 495 44.23 6.39 19.53
C LEU B 495 44.31 5.77 20.91
N GLY B 496 44.21 4.46 21.01
CA GLY B 496 44.13 3.77 22.28
C GLY B 496 43.07 2.69 22.25
N LEU B 497 43.09 1.87 23.31
CA LEU B 497 42.13 0.78 23.41
C LEU B 497 40.74 1.31 23.73
N ARG B 498 40.64 2.24 24.67
CA ARG B 498 39.35 2.85 24.95
C ARG B 498 38.90 3.77 23.82
N GLY B 499 39.85 4.40 23.12
CA GLY B 499 39.49 5.23 21.98
C GLY B 499 38.98 4.43 20.80
N TYR B 500 39.47 3.20 20.63
CA TYR B 500 38.98 2.35 19.55
C TYR B 500 37.63 1.75 19.88
N LEU B 501 37.33 1.58 21.17
CA LEU B 501 36.00 1.12 21.59
C LEU B 501 34.96 2.22 21.48
N SER B 502 35.40 3.47 21.34
CA SER B 502 34.48 4.60 21.32
C SER B 502 33.66 4.65 20.03
N TYR B 503 34.21 4.21 18.93
CA TYR B 503 33.45 4.36 17.69
C TYR B 503 32.73 3.07 17.37
N PRO B 504 31.41 3.12 17.16
CA PRO B 504 30.67 1.86 16.93
C PRO B 504 30.93 1.26 15.57
N SER B 505 31.35 2.06 14.59
CA SER B 505 31.80 1.51 13.32
C SER B 505 33.08 0.72 13.51
N ASN B 506 33.98 1.22 14.36
CA ASN B 506 35.29 0.59 14.53
C ASN B 506 35.19 -0.73 15.27
N VAL B 507 34.14 -0.93 16.06
CA VAL B 507 33.91 -2.25 16.65
C VAL B 507 33.55 -3.26 15.58
N PHE B 508 32.80 -2.82 14.56
CA PHE B 508 32.32 -3.74 13.52
C PHE B 508 33.46 -4.20 12.62
N ASP B 509 34.27 -3.27 12.12
CA ASP B 509 35.39 -3.64 11.26
C ASP B 509 36.54 -4.23 12.07
N GLY B 510 36.65 -3.88 13.35
CA GLY B 510 37.66 -4.50 14.19
C GLY B 510 37.36 -5.95 14.49
N LEU B 511 36.10 -6.27 14.77
CA LEU B 511 35.72 -7.65 15.04
C LEU B 511 35.79 -8.50 13.77
N LEU B 512 35.48 -7.90 12.62
CA LEU B 512 35.50 -8.66 11.37
C LEU B 512 36.91 -8.97 10.94
N THR B 513 37.86 -8.07 11.22
CA THR B 513 39.26 -8.33 10.93
C THR B 513 39.79 -9.47 11.80
N VAL B 514 39.29 -9.59 13.02
CA VAL B 514 39.68 -10.69 13.91
C VAL B 514 39.21 -12.02 13.33
N VAL B 515 37.92 -12.12 13.01
CA VAL B 515 37.34 -13.40 12.58
C VAL B 515 37.89 -13.80 11.22
N LEU B 516 38.13 -12.82 10.35
CA LEU B 516 38.81 -13.11 9.09
C LEU B 516 40.24 -13.55 9.29
N LEU B 517 40.89 -13.12 10.38
CA LEU B 517 42.26 -13.56 10.63
C LEU B 517 42.31 -14.98 11.17
N VAL B 518 41.30 -15.38 11.96
CA VAL B 518 41.28 -16.76 12.47
C VAL B 518 41.02 -17.74 11.33
N LEU B 519 40.07 -17.42 10.46
CA LEU B 519 39.72 -18.34 9.38
C LEU B 519 40.79 -18.38 8.30
N GLU B 520 41.54 -17.30 8.13
CA GLU B 520 42.61 -17.32 7.13
C GLU B 520 43.81 -18.12 7.63
N ILE B 521 44.17 -17.94 8.90
CA ILE B 521 45.34 -18.63 9.44
C ILE B 521 45.08 -20.13 9.55
N SER B 522 43.86 -20.50 9.94
CA SER B 522 43.47 -21.91 9.93
C SER B 522 43.40 -22.46 8.52
N THR B 523 43.11 -21.63 7.53
CA THR B 523 43.17 -22.08 6.14
C THR B 523 44.61 -22.30 5.72
N LEU B 524 45.53 -21.47 6.18
CA LEU B 524 46.94 -21.60 5.84
C LEU B 524 47.68 -22.61 6.71
N ALA B 525 47.02 -23.15 7.73
CA ALA B 525 47.63 -24.18 8.57
C ALA B 525 47.29 -25.59 8.10
N VAL B 526 46.13 -25.77 7.48
CA VAL B 526 45.77 -27.09 6.96
C VAL B 526 46.48 -27.34 5.63
N TYR B 527 46.49 -26.35 4.75
CA TYR B 527 47.16 -26.46 3.46
C TYR B 527 48.32 -25.47 3.42
N ARG B 528 48.99 -25.40 2.26
CA ARG B 528 50.05 -24.42 2.05
C ARG B 528 49.69 -23.41 0.97
N LEU B 529 49.36 -23.88 -0.24
CA LEU B 529 49.06 -23.08 -1.44
C LEU B 529 50.14 -22.06 -1.79
N SER B 543 37.17 -30.53 1.95
CA SER B 543 36.75 -29.46 2.83
C SER B 543 37.51 -28.16 2.53
N LEU B 544 38.39 -28.21 1.52
CA LEU B 544 39.07 -27.00 1.07
C LEU B 544 38.08 -26.04 0.44
N TRP B 545 37.11 -26.56 -0.31
CA TRP B 545 36.08 -25.71 -0.90
C TRP B 545 35.13 -25.16 0.16
N ASP B 546 34.90 -25.91 1.25
CA ASP B 546 34.01 -25.44 2.31
C ASP B 546 34.64 -24.29 3.09
N MET B 547 35.95 -24.35 3.32
CA MET B 547 36.59 -23.27 4.06
C MET B 547 36.74 -22.02 3.21
N THR B 548 36.98 -22.17 1.91
CA THR B 548 36.95 -21.00 1.02
C THR B 548 35.53 -20.49 0.82
N ARG B 549 34.53 -21.33 1.05
CA ARG B 549 33.15 -20.87 1.03
C ARG B 549 32.87 -19.96 2.23
N MET B 550 33.21 -20.44 3.43
CA MET B 550 32.98 -19.66 4.64
C MET B 550 33.86 -18.43 4.69
N LEU B 551 35.06 -18.51 4.10
CA LEU B 551 35.91 -17.32 4.06
C LEU B 551 35.37 -16.28 3.10
N ASN B 552 34.87 -16.71 1.94
CA ASN B 552 34.32 -15.75 0.98
C ASN B 552 33.03 -15.13 1.48
N MET B 553 32.25 -15.86 2.27
CA MET B 553 30.97 -15.34 2.71
C MET B 553 31.12 -14.22 3.73
N LEU B 554 32.06 -14.35 4.66
CA LEU B 554 32.25 -13.28 5.61
C LEU B 554 33.07 -12.14 5.06
N ILE B 555 33.70 -12.31 3.90
CA ILE B 555 34.38 -11.19 3.25
C ILE B 555 33.35 -10.23 2.68
N VAL B 556 32.22 -10.74 2.19
CA VAL B 556 31.16 -9.91 1.63
C VAL B 556 30.52 -9.02 2.70
N PHE B 557 30.69 -9.34 3.98
CA PHE B 557 30.29 -8.44 5.05
C PHE B 557 31.07 -7.13 5.09
N ARG B 558 32.23 -7.05 4.43
CA ARG B 558 32.97 -5.81 4.36
C ARG B 558 32.20 -4.73 3.60
N PHE B 559 31.29 -5.12 2.70
CA PHE B 559 30.49 -4.16 1.96
C PHE B 559 29.49 -3.42 2.83
N LEU B 560 29.21 -3.91 4.02
CA LEU B 560 28.41 -3.18 4.98
C LEU B 560 29.20 -2.09 5.72
N ARG B 561 30.37 -1.72 5.22
CA ARG B 561 31.03 -0.48 5.60
C ARG B 561 30.70 0.66 4.64
N ILE B 562 30.36 0.33 3.39
CA ILE B 562 30.08 1.37 2.39
C ILE B 562 28.76 2.07 2.71
N ILE B 563 27.73 1.31 3.08
CA ILE B 563 26.40 1.80 3.38
C ILE B 563 26.36 2.77 4.58
N PRO B 564 27.23 2.67 5.62
CA PRO B 564 27.31 3.78 6.58
C PRO B 564 27.81 5.14 6.08
N SER B 565 28.07 5.30 4.78
CA SER B 565 28.42 6.60 4.22
C SER B 565 27.25 7.09 3.38
N MET B 566 26.24 7.67 4.05
CA MET B 566 25.03 8.18 3.39
C MET B 566 24.93 9.69 3.59
N LYS B 567 25.60 10.44 2.71
CA LYS B 567 25.47 11.88 2.71
C LYS B 567 24.27 12.47 1.96
N PRO B 568 23.86 12.02 0.71
CA PRO B 568 22.80 12.79 0.02
C PRO B 568 21.37 12.40 0.37
N MET B 569 21.16 11.15 0.78
CA MET B 569 19.84 10.52 0.84
C MET B 569 19.41 10.25 2.28
N ALA B 570 19.58 11.26 3.13
CA ALA B 570 19.50 11.07 4.58
C ALA B 570 18.10 10.74 5.07
N VAL B 571 17.07 10.95 4.25
CA VAL B 571 15.71 10.64 4.70
C VAL B 571 15.50 9.14 4.77
N VAL B 572 16.21 8.37 3.95
CA VAL B 572 16.09 6.92 3.95
C VAL B 572 16.74 6.34 5.20
N ALA B 573 17.96 6.78 5.53
CA ALA B 573 18.65 6.29 6.71
C ALA B 573 17.98 6.77 7.99
N SER B 574 17.35 7.95 7.97
CA SER B 574 16.59 8.40 9.12
C SER B 574 15.37 7.54 9.36
N THR B 575 14.78 7.03 8.28
CA THR B 575 13.54 6.28 8.40
C THR B 575 13.78 4.90 8.98
N VAL B 576 14.84 4.24 8.54
CA VAL B 576 15.15 2.89 9.02
C VAL B 576 15.56 2.94 10.48
N LEU B 577 16.20 4.04 10.89
CA LEU B 577 16.41 4.29 12.31
C LEU B 577 15.08 4.51 13.03
N GLY B 578 14.13 5.16 12.37
CA GLY B 578 12.84 5.39 12.99
C GLY B 578 12.00 4.13 13.09
N LEU B 579 12.16 3.20 12.16
CA LEU B 579 11.37 1.97 12.20
C LEU B 579 11.81 1.05 13.32
N VAL B 580 13.13 0.81 13.44
CA VAL B 580 13.63 -0.19 14.35
C VAL B 580 13.45 0.24 15.80
N GLN B 581 13.39 1.54 16.06
CA GLN B 581 13.09 1.98 17.41
C GLN B 581 11.60 1.90 17.72
N ASN B 582 10.77 1.68 16.72
CA ASN B 582 9.32 1.60 16.88
C ASN B 582 8.79 0.27 16.36
N MET B 583 9.55 -0.80 16.59
CA MET B 583 9.12 -2.14 16.22
C MET B 583 8.75 -2.96 17.44
N ARG B 584 8.70 -2.34 18.61
CA ARG B 584 8.27 -3.05 19.80
C ARG B 584 6.78 -3.33 19.74
N ALA B 585 6.02 -2.36 19.25
CA ALA B 585 4.59 -2.55 19.11
C ALA B 585 4.26 -3.46 17.95
N PHE B 586 4.92 -3.27 16.82
CA PHE B 586 4.50 -3.94 15.61
C PHE B 586 4.91 -5.40 15.58
N GLY B 587 6.13 -5.70 16.00
CA GLY B 587 6.55 -7.07 16.12
C GLY B 587 5.80 -7.82 17.22
N GLY B 588 5.30 -7.08 18.21
CA GLY B 588 4.54 -7.73 19.26
C GLY B 588 3.22 -8.28 18.77
N ILE B 589 2.55 -7.55 17.86
CA ILE B 589 1.31 -8.04 17.31
C ILE B 589 1.57 -9.13 16.28
N LEU B 590 2.71 -9.07 15.60
CA LEU B 590 3.08 -10.12 14.67
C LEU B 590 3.34 -11.43 15.39
N VAL B 591 4.00 -11.38 16.54
CA VAL B 591 4.33 -12.59 17.27
C VAL B 591 3.08 -13.21 17.86
N VAL B 592 2.16 -12.39 18.35
CA VAL B 592 0.91 -12.88 18.93
C VAL B 592 0.04 -13.55 17.88
N VAL B 593 0.00 -12.99 16.67
CA VAL B 593 -0.80 -13.55 15.60
C VAL B 593 -0.23 -14.88 15.12
N TYR B 594 1.09 -14.97 14.93
CA TYR B 594 1.69 -16.21 14.46
C TYR B 594 1.61 -17.31 15.50
N TYR B 595 1.70 -16.95 16.79
CA TYR B 595 1.74 -17.96 17.83
C TYR B 595 0.40 -18.66 17.98
N VAL B 596 -0.69 -17.91 17.85
CA VAL B 596 -2.00 -18.52 17.98
C VAL B 596 -2.32 -19.39 16.78
N PHE B 597 -2.06 -18.90 15.57
CA PHE B 597 -2.48 -19.62 14.39
C PHE B 597 -1.60 -20.84 14.12
N ALA B 598 -0.37 -20.84 14.60
CA ALA B 598 0.44 -22.04 14.45
C ALA B 598 -0.04 -23.13 15.38
N ILE B 599 -0.47 -22.77 16.59
CA ILE B 599 -0.83 -23.75 17.60
C ILE B 599 -2.18 -24.37 17.28
N ILE B 600 -3.11 -23.57 16.75
CA ILE B 600 -4.36 -24.12 16.23
C ILE B 600 -4.09 -25.07 15.07
N GLY B 601 -3.12 -24.72 14.22
CA GLY B 601 -2.85 -25.52 13.04
C GLY B 601 -2.24 -26.87 13.34
N ILE B 602 -1.44 -26.97 14.40
CA ILE B 602 -0.91 -28.26 14.81
C ILE B 602 -2.02 -29.15 15.33
N ASN B 603 -2.99 -28.56 16.01
CA ASN B 603 -4.10 -29.33 16.57
C ASN B 603 -5.09 -29.80 15.52
N LEU B 604 -5.03 -29.25 14.31
CA LEU B 604 -5.99 -29.60 13.26
C LEU B 604 -5.39 -30.41 12.13
N PHE B 605 -4.18 -30.08 11.68
CA PHE B 605 -3.61 -30.73 10.51
C PHE B 605 -2.28 -31.41 10.81
N ARG B 606 -2.19 -32.16 11.91
CA ARG B 606 -0.89 -32.63 12.37
C ARG B 606 -0.35 -33.74 11.49
N GLY B 607 -1.15 -34.75 11.20
CA GLY B 607 -0.64 -35.85 10.42
C GLY B 607 -1.44 -36.10 9.17
N VAL B 608 -2.02 -35.04 8.59
CA VAL B 608 -2.93 -35.21 7.48
C VAL B 608 -2.23 -35.19 6.14
N ILE B 609 -0.91 -35.05 6.12
CA ILE B 609 -0.16 -35.07 4.87
C ILE B 609 0.80 -36.25 4.94
N VAL B 610 0.57 -37.26 4.10
CA VAL B 610 1.44 -38.41 4.00
C VAL B 610 1.91 -38.54 2.56
N ALA B 611 2.99 -39.28 2.36
CA ALA B 611 3.54 -39.51 1.05
C ALA B 611 4.19 -40.87 1.02
N LEU B 612 4.05 -41.57 -0.10
CA LEU B 612 4.69 -42.86 -0.29
C LEU B 612 4.89 -43.18 -1.76
N SER B 624 3.32 -38.77 -11.85
CA SER B 624 2.08 -38.89 -12.61
C SER B 624 0.99 -37.99 -12.03
N ALA B 625 1.42 -37.02 -11.23
CA ALA B 625 0.50 -36.07 -10.62
C ALA B 625 0.01 -35.06 -11.64
N PRO B 626 -1.10 -34.37 -11.36
CA PRO B 626 -1.46 -33.22 -12.19
C PRO B 626 -0.41 -32.13 -12.08
N CYS B 627 -0.15 -31.44 -13.20
CA CYS B 627 1.06 -30.62 -13.31
C CYS B 627 1.04 -29.36 -12.46
N GLY B 628 -0.10 -28.98 -11.90
CA GLY B 628 -0.10 -27.81 -11.05
C GLY B 628 -0.57 -28.11 -9.65
N SER B 629 -0.16 -29.24 -9.10
CA SER B 629 -0.71 -29.72 -7.85
C SER B 629 0.25 -29.46 -6.69
N PHE B 630 -0.15 -29.95 -5.52
CA PHE B 630 0.70 -29.93 -4.34
C PHE B 630 1.77 -30.98 -4.41
N GLU B 631 1.65 -31.94 -5.32
CA GLU B 631 2.58 -33.06 -5.39
C GLU B 631 3.51 -33.00 -6.57
N GLN B 632 3.11 -32.40 -7.69
CA GLN B 632 4.01 -32.22 -8.81
C GLN B 632 5.12 -31.23 -8.44
N LEU B 633 4.73 -30.01 -8.11
CA LEU B 633 5.60 -29.16 -7.30
C LEU B 633 5.82 -29.90 -5.99
N GLU B 634 7.06 -29.95 -5.54
CA GLU B 634 7.35 -30.81 -4.39
C GLU B 634 7.20 -30.00 -3.11
N TYR B 635 5.94 -29.71 -2.78
CA TYR B 635 5.59 -28.85 -1.67
C TYR B 635 5.49 -29.60 -0.36
N TRP B 636 6.20 -30.72 -0.22
CA TRP B 636 6.01 -31.62 0.91
C TRP B 636 6.47 -31.04 2.23
N ALA B 637 7.25 -29.97 2.21
CA ALA B 637 7.78 -29.39 3.42
C ALA B 637 6.86 -28.38 4.06
N ASN B 638 5.73 -28.07 3.44
CA ASN B 638 4.80 -27.09 3.98
C ASN B 638 3.64 -27.83 4.62
N ASN B 639 3.87 -28.27 5.85
CA ASN B 639 2.89 -29.01 6.62
C ASN B 639 2.75 -28.38 7.99
N PHE B 640 2.04 -29.04 8.90
CA PHE B 640 1.87 -28.52 10.25
C PHE B 640 2.31 -29.54 11.26
N ASP B 641 3.39 -30.27 10.98
CA ASP B 641 3.75 -31.40 11.84
C ASP B 641 4.34 -30.96 13.17
N ASP B 642 5.01 -29.82 13.21
CA ASP B 642 5.60 -29.30 14.44
C ASP B 642 5.70 -27.79 14.32
N PHE B 643 6.25 -27.14 15.34
CA PHE B 643 6.11 -25.70 15.46
C PHE B 643 7.00 -24.95 14.49
N ALA B 644 8.14 -25.52 14.10
CA ALA B 644 8.99 -24.82 13.15
C ALA B 644 8.47 -24.97 11.73
N ALA B 645 7.85 -26.09 11.42
CA ALA B 645 7.27 -26.23 10.09
C ALA B 645 5.99 -25.43 9.96
N ALA B 646 5.30 -25.18 11.07
CA ALA B 646 4.09 -24.37 10.99
C ALA B 646 4.43 -22.91 10.70
N LEU B 647 5.52 -22.42 11.26
CA LEU B 647 5.86 -21.01 11.10
C LEU B 647 6.28 -20.70 9.68
N VAL B 648 6.92 -21.64 9.01
CA VAL B 648 7.29 -21.37 7.63
C VAL B 648 6.12 -21.63 6.69
N THR B 649 5.21 -22.54 7.04
CA THR B 649 4.00 -22.72 6.25
C THR B 649 3.11 -21.50 6.33
N LEU B 650 2.93 -20.95 7.53
CA LEU B 650 2.13 -19.75 7.68
C LEU B 650 2.79 -18.54 7.06
N TRP B 651 4.10 -18.55 6.91
CA TRP B 651 4.77 -17.47 6.21
C TRP B 651 4.43 -17.50 4.72
N ASN B 652 4.44 -18.69 4.12
CA ASN B 652 4.24 -18.80 2.69
C ASN B 652 2.81 -18.53 2.27
N LEU B 653 1.88 -18.51 3.21
CA LEU B 653 0.53 -18.05 2.92
C LEU B 653 0.37 -16.57 3.18
N MET B 654 1.28 -15.96 3.94
CA MET B 654 1.15 -14.53 4.22
C MET B 654 1.46 -13.71 2.98
N VAL B 655 2.59 -13.97 2.35
CA VAL B 655 2.71 -13.62 0.94
C VAL B 655 1.74 -14.50 0.17
N VAL B 656 0.89 -13.89 -0.64
CA VAL B 656 -0.30 -14.61 -1.08
C VAL B 656 -0.06 -15.50 -2.27
N ASN B 657 1.17 -15.63 -2.75
CA ASN B 657 1.42 -16.32 -3.99
C ASN B 657 1.23 -17.82 -3.84
N ASN B 658 0.64 -18.43 -4.86
CA ASN B 658 0.38 -19.87 -4.96
C ASN B 658 -0.43 -20.43 -3.80
N TRP B 659 -1.25 -19.62 -3.17
CA TRP B 659 -2.01 -20.15 -2.05
C TRP B 659 -3.29 -20.82 -2.53
N GLN B 660 -3.57 -20.77 -3.82
CA GLN B 660 -4.56 -21.65 -4.42
C GLN B 660 -4.16 -23.11 -4.29
N VAL B 661 -2.86 -23.39 -4.33
CA VAL B 661 -2.38 -24.77 -4.29
C VAL B 661 -2.56 -25.36 -2.90
N PHE B 662 -2.29 -24.56 -1.87
CA PHE B 662 -2.47 -25.00 -0.49
C PHE B 662 -3.93 -25.26 -0.18
N LEU B 663 -4.82 -24.44 -0.73
CA LEU B 663 -6.25 -24.63 -0.52
C LEU B 663 -6.73 -25.92 -1.16
N ASP B 664 -6.18 -26.26 -2.32
CA ASP B 664 -6.57 -27.48 -3.00
C ASP B 664 -5.99 -28.71 -2.33
N ALA B 665 -4.84 -28.57 -1.68
CA ALA B 665 -4.24 -29.71 -1.00
C ALA B 665 -4.99 -30.07 0.27
N TYR B 666 -5.25 -29.09 1.11
CA TYR B 666 -5.90 -29.38 2.37
C TYR B 666 -7.38 -29.65 2.22
N ARG B 667 -7.97 -29.31 1.07
CA ARG B 667 -9.34 -29.74 0.81
C ARG B 667 -9.40 -31.23 0.52
N ARG B 668 -8.40 -31.75 -0.19
CA ARG B 668 -8.39 -33.16 -0.54
C ARG B 668 -8.00 -34.02 0.64
N TYR B 669 -7.17 -33.50 1.54
CA TYR B 669 -6.56 -34.31 2.58
C TYR B 669 -7.28 -34.19 3.92
N SER B 670 -7.94 -33.07 4.20
CA SER B 670 -8.53 -32.84 5.51
C SER B 670 -9.92 -32.24 5.38
N GLY B 671 -10.73 -32.78 4.47
CA GLY B 671 -12.12 -32.40 4.37
C GLY B 671 -12.33 -31.08 3.68
N PRO B 672 -13.59 -30.68 3.52
CA PRO B 672 -13.87 -29.44 2.77
C PRO B 672 -13.90 -28.21 3.64
N TRP B 673 -14.08 -28.37 4.94
CA TRP B 673 -14.29 -27.23 5.82
C TRP B 673 -13.00 -26.60 6.30
N SER B 674 -11.86 -27.07 5.80
CA SER B 674 -10.59 -26.50 6.21
C SER B 674 -10.33 -25.13 5.61
N LYS B 675 -11.10 -24.73 4.59
CA LYS B 675 -10.91 -23.42 3.97
C LYS B 675 -11.29 -22.28 4.88
N ILE B 676 -12.03 -22.53 5.95
CA ILE B 676 -12.31 -21.48 6.92
C ILE B 676 -11.04 -21.04 7.61
N TYR B 677 -10.11 -21.97 7.81
CA TYR B 677 -8.86 -21.65 8.50
C TYR B 677 -7.96 -20.77 7.64
N PHE B 678 -7.78 -21.13 6.38
CA PHE B 678 -6.86 -20.38 5.53
C PHE B 678 -7.43 -19.04 5.12
N VAL B 679 -8.76 -18.91 5.10
CA VAL B 679 -9.36 -17.62 4.79
C VAL B 679 -9.24 -16.68 5.98
N LEU B 680 -9.36 -17.21 7.21
CA LEU B 680 -9.14 -16.37 8.38
C LEU B 680 -7.69 -15.95 8.52
N TRP B 681 -6.75 -16.80 8.08
CA TRP B 681 -5.36 -16.39 8.10
C TRP B 681 -5.08 -15.32 7.06
N TRP B 682 -5.82 -15.32 5.95
CA TRP B 682 -5.68 -14.28 4.95
C TRP B 682 -6.14 -12.93 5.49
N LEU B 683 -7.18 -12.93 6.32
CA LEU B 683 -7.72 -11.68 6.83
C LEU B 683 -6.82 -11.07 7.90
N VAL B 684 -6.42 -11.88 8.89
CA VAL B 684 -5.67 -11.36 10.02
C VAL B 684 -4.27 -10.96 9.61
N SER B 685 -3.61 -11.77 8.80
CA SER B 685 -2.21 -11.54 8.49
C SER B 685 -2.00 -10.73 7.23
N SER B 686 -2.57 -11.17 6.12
CA SER B 686 -2.25 -10.50 4.86
C SER B 686 -2.95 -9.15 4.76
N VAL B 687 -4.19 -9.08 5.22
CA VAL B 687 -4.93 -7.85 5.05
C VAL B 687 -4.62 -6.86 6.16
N ILE B 688 -4.81 -7.26 7.42
CA ILE B 688 -4.73 -6.27 8.48
C ILE B 688 -3.28 -5.94 8.82
N TRP B 689 -2.43 -6.95 8.89
CA TRP B 689 -1.09 -6.72 9.40
C TRP B 689 -0.19 -6.05 8.38
N VAL B 690 -0.31 -6.38 7.10
CA VAL B 690 0.48 -5.69 6.07
C VAL B 690 0.04 -4.23 5.95
N ASN B 691 -1.25 -3.96 6.02
CA ASN B 691 -1.72 -2.59 6.02
C ASN B 691 -1.41 -1.89 7.34
N LEU B 692 -1.22 -2.66 8.41
CA LEU B 692 -0.71 -2.08 9.64
C LEU B 692 0.76 -1.72 9.50
N PHE B 693 1.48 -2.43 8.62
CA PHE B 693 2.89 -2.13 8.38
C PHE B 693 3.05 -0.88 7.54
N LEU B 694 2.20 -0.73 6.52
CA LEU B 694 2.29 0.44 5.66
C LEU B 694 1.86 1.70 6.38
N ALA B 695 0.91 1.58 7.31
CA ALA B 695 0.49 2.75 8.08
C ALA B 695 1.59 3.22 9.01
N LEU B 696 2.39 2.30 9.55
CA LEU B 696 3.45 2.71 10.45
C LEU B 696 4.63 3.29 9.72
N ILE B 697 4.90 2.82 8.50
CA ILE B 697 5.97 3.40 7.72
C ILE B 697 5.56 4.78 7.22
N LEU B 698 4.27 4.97 6.96
CA LEU B 698 3.77 6.27 6.57
C LEU B 698 3.90 7.28 7.69
N GLU B 699 3.69 6.85 8.94
CA GLU B 699 3.77 7.79 10.04
C GLU B 699 5.22 8.11 10.40
N ASN B 700 6.10 7.12 10.36
CA ASN B 700 7.49 7.38 10.73
C ASN B 700 8.26 8.09 9.64
N PHE B 701 7.81 8.01 8.39
CA PHE B 701 8.43 8.82 7.34
C PHE B 701 8.00 10.27 7.47
N LEU B 702 6.76 10.50 7.88
CA LEU B 702 6.21 11.84 8.00
C LEU B 702 6.23 12.24 9.47
N HIS B 703 7.42 12.64 9.93
CA HIS B 703 7.57 13.07 11.30
C HIS B 703 8.61 14.19 11.34
N LYS B 704 8.20 15.31 11.94
CA LYS B 704 8.89 16.59 12.07
C LYS B 704 9.08 17.34 10.75
N TRP B 705 8.54 16.82 9.64
CA TRP B 705 8.52 17.53 8.38
C TRP B 705 7.37 17.01 7.53
C1 EUJ C . 1.62 23.33 -15.96
C2 EUJ C . 0.78 24.37 -16.68
C3 EUJ C . -0.47 24.72 -15.86
C4 EUJ C . -0.03 25.26 -14.51
C5 EUJ C . 0.84 24.26 -13.76
C6 EUJ C . 2.05 23.87 -14.60
O1 EUJ C . 2.77 23.07 -16.72
O2 EUJ C . 1.56 25.52 -16.75
O3 EUJ C . -1.19 25.71 -16.54
O4 EUJ C . -1.18 25.52 -13.76
O5 EUJ C . 1.33 24.91 -12.61
O6 EUJ C . 2.64 22.90 -13.77
P1 EUJ C . 4.23 23.57 -16.14
O11 EUJ C . 4.17 25.03 -15.81
O12 EUJ C . 4.58 22.78 -14.91
O13 EUJ C . 5.40 23.32 -17.29
P3 EUJ C . -2.72 25.37 -17.03
O31 EUJ C . -3.04 26.15 -18.28
O32 EUJ C . -2.87 23.89 -17.31
O33 EUJ C . -3.70 25.76 -15.94
P5 EUJ C . 0.91 24.35 -11.13
O51 EUJ C . -0.42 23.65 -11.19
O52 EUJ C . 0.82 25.53 -10.17
O53 EUJ C . 1.97 23.39 -10.64
C1A EUJ C . 7.62 20.41 -18.94
C1B EUJ C . 6.68 18.54 -16.17
C1C EUJ C . 6.70 23.06 -16.87
C2A EUJ C . 7.24 19.27 -19.88
C2B EUJ C . 7.87 17.63 -16.44
C2C EUJ C . 6.98 21.55 -16.97
C3A EUJ C . 7.33 19.72 -21.33
C3B EUJ C . 7.38 16.21 -16.76
C3C EUJ C . 6.14 20.81 -15.93
C4A EUJ C . 7.27 18.52 -22.25
C4B EUJ C . 8.56 15.25 -16.76
C5A EUJ C . 6.28 17.50 -21.68
C5B EUJ C . 8.58 14.46 -15.45
C6A EUJ C . 6.92 16.11 -21.68
C6B EUJ C . 9.23 13.10 -15.70
C7A EUJ C . 6.20 15.22 -20.66
C7B EUJ C . 8.30 12.01 -15.20
C8A EUJ C . 6.02 13.83 -21.25
C8B EUJ C . 8.73 10.66 -15.77
O1A EUJ C . 8.76 20.71 -18.81
O1B EUJ C . 5.61 18.25 -16.58
O2C EUJ C . 6.62 21.12 -18.26
O3C EUJ C . 6.86 19.72 -15.44
C1 EUJ D . -3.91 0.75 28.02
C2 EUJ D . -3.18 0.92 29.35
C3 EUJ D . -2.07 1.96 29.23
C4 EUJ D . -2.68 3.30 28.81
C5 EUJ D . -3.46 3.18 27.51
C6 EUJ D . -4.51 2.09 27.61
O1 EUJ D . -4.95 -0.17 28.19
O2 EUJ D . -4.12 1.44 30.25
O3 EUJ D . -1.45 2.12 30.47
O4 EUJ D . -1.64 4.22 28.65
O5 EUJ D . -4.11 4.39 27.29
O6 EUJ D . -5.01 2.09 26.29
P1 EUJ D . -6.52 0.35 28.13
O11 EUJ D . -6.70 1.50 29.10
O12 EUJ D . -6.83 0.82 26.73
O13 EUJ D . -7.54 -0.88 28.53
P3 EUJ D . 0.15 1.77 30.62
O31 EUJ D . 0.43 1.28 32.01
O32 EUJ D . 0.53 0.70 29.62
O33 EUJ D . 0.95 3.01 30.35
P5 EUJ D . -3.74 5.31 25.99
O51 EUJ D . -2.31 5.04 25.57
O52 EUJ D . -3.89 6.77 26.35
O53 EUJ D . -4.67 4.98 24.85
C1A EUJ D . -9.16 -4.23 27.04
C1B EUJ D . -8.16 -2.98 23.96
C1C EUJ D . -8.81 -0.90 27.97
C2A EUJ D . -8.54 -5.59 26.72
C2B EUJ D . -9.18 -3.91 23.30
C2C EUJ D . -8.84 -1.91 26.82
C3A EUJ D . -8.60 -6.48 27.96
C3B EUJ D . -8.45 -4.92 22.41
C3C EUJ D . -7.99 -1.38 25.66
C4A EUJ D . -8.27 -7.92 27.55
C4B EUJ D . -9.48 -5.67 21.55
C5A EUJ D . -7.19 -7.92 26.47
C5B EUJ D . -9.47 -5.10 20.15
C6A EUJ D . -7.62 -8.83 25.32
C6B EUJ D . -9.88 -6.19 19.15
C7A EUJ D . -6.86 -8.44 24.05
C7B EUJ D . -8.84 -6.29 18.05
C8A EUJ D . -6.42 -9.70 23.31
C8B EUJ D . -9.02 -7.60 17.30
O1A EUJ D . -10.34 -4.13 27.11
O1B EUJ D . -7.03 -3.32 24.05
O2C EUJ D . -8.33 -3.13 27.27
O3C EUJ D . -8.58 -1.74 24.45
#